data_2RAZ
# 
_entry.id   2RAZ 
# 
_audit_conform.dict_name       mmcif_pdbx.dic 
_audit_conform.dict_version    5.377 
_audit_conform.dict_location   http://mmcif.pdb.org/dictionaries/ascii/mmcif_pdbx.dic 
# 
loop_
_database_2.database_id 
_database_2.database_code 
_database_2.pdbx_database_accession 
_database_2.pdbx_DOI 
PDB   2RAZ         pdb_00002raz 10.2210/pdb2raz/pdb 
RCSB  RCSB044641   ?            ?                   
WWPDB D_1000044641 ?            ?                   
# 
loop_
_pdbx_database_related.db_name 
_pdbx_database_related.db_id 
_pdbx_database_related.details 
_pdbx_database_related.content_type 
PDB 181L . unspecified 
PDB 1LGU . unspecified 
PDB 2RAY . unspecified 
PDB 2RB0 . unspecified 
PDB 2RB1 . unspecified 
PDB 2RB2 . unspecified 
PDB 2RBN . unspecified 
PDB 2RBO . unspecified 
PDB 2RBP . unspecified 
PDB 2RBQ . unspecified 
PDB 2RBR . unspecified 
PDB 2RAS . unspecified 
# 
_pdbx_database_status.entry_id                        2RAZ 
_pdbx_database_status.status_code                     REL 
_pdbx_database_status.status_code_sf                  REL 
_pdbx_database_status.deposit_site                    RCSB 
_pdbx_database_status.process_site                    RCSB 
_pdbx_database_status.recvd_initial_deposition_date   2007-09-17 
_pdbx_database_status.SG_entry                        N 
_pdbx_database_status.status_code_mr                  ? 
_pdbx_database_status.pdb_format_compatible           Y 
_pdbx_database_status.status_code_cs                  ? 
_pdbx_database_status.methods_development_category    ? 
_pdbx_database_status.status_code_nmr_data            ? 
# 
loop_
_audit_author.name 
_audit_author.pdbx_ordinal 
'Graves, A.P.'   1 
'Boyce, S.E.'    2 
'Shoichet, B.K.' 3 
# 
_citation.id                        primary 
_citation.title                     'Rescoring docking hit lists for model cavity sites: predictions and experimental testing.' 
_citation.journal_abbrev            J.Mol.Biol. 
_citation.journal_volume            377 
_citation.page_first                914 
_citation.page_last                 934 
_citation.year                      2008 
_citation.journal_id_ASTM           JMOBAK 
_citation.country                   UK 
_citation.journal_id_ISSN           0022-2836 
_citation.journal_id_CSD            0070 
_citation.book_publisher            ? 
_citation.pdbx_database_id_PubMed   18280498 
_citation.pdbx_database_id_DOI      10.1016/j.jmb.2008.01.049 
# 
loop_
_citation_author.citation_id 
_citation_author.name 
_citation_author.ordinal 
_citation_author.identifier_ORCID 
primary 'Graves, A.P.'     1 ? 
primary 'Shivakumar, D.M.' 2 ? 
primary 'Boyce, S.E.'      3 ? 
primary 'Jacobson, M.P.'   4 ? 
primary 'Case, D.A.'       5 ? 
primary 'Shoichet, B.K.'   6 ? 
# 
_cell.length_a           60.322 
_cell.length_b           60.322 
_cell.length_c           96.830 
_cell.angle_alpha        90.000 
_cell.angle_beta         90.000 
_cell.angle_gamma        120.000 
_cell.entry_id           2RAZ 
_cell.Z_PDB              6 
_cell.pdbx_unique_axis   ? 
_cell.length_a_esd       ? 
_cell.length_b_esd       ? 
_cell.length_c_esd       ? 
_cell.angle_alpha_esd    ? 
_cell.angle_beta_esd     ? 
_cell.angle_gamma_esd    ? 
# 
_symmetry.space_group_name_H-M             'P 32 2 1' 
_symmetry.entry_id                         2RAZ 
_symmetry.Int_Tables_number                154 
_symmetry.pdbx_full_space_group_name_H-M   ? 
_symmetry.cell_setting                     ? 
_symmetry.space_group_name_Hall            ? 
# 
loop_
_entity.id 
_entity.type 
_entity.src_method 
_entity.pdbx_description 
_entity.formula_weight 
_entity.pdbx_number_of_molecules 
_entity.pdbx_ec 
_entity.pdbx_mutation 
_entity.pdbx_fragment 
_entity.details 
1 polymer     man Lysozyme                            18359.023 1   3.2.1.17 L99A ? ? 
2 non-polymer syn 'PHOSPHATE ION'                     94.971    3   ?        ?    ? ? 
3 non-polymer syn '1-(methylsulfanyl)-4-nitrobenzene' 169.201   1   ?        ?    ? ? 
4 water       nat water                               18.015    270 ?        ?    ? ? 
# 
_entity_name_com.entity_id   1 
_entity_name_com.name        'Lysis protein; Muramidase; Endolysin' 
# 
_entity_name_sys.entity_id   1 
_entity_name_sys.name        E.C.3.2.1.17 
# 
_entity_poly.entity_id                      1 
_entity_poly.type                           'polypeptide(L)' 
_entity_poly.nstd_linkage                   no 
_entity_poly.nstd_monomer                   no 
_entity_poly.pdbx_seq_one_letter_code       
;MNIFEMLRIDEGLRLKIYKDTEGYYTIGIGHLLTKSPSLNAAKSELDKAIGRNTNGVITKDEAEKLFNQDVDAAVRGILR
NAKLKPVYDSLDAVRRAAAINMVFQMGETGVAGFTNSLRMLQQKRWDEAAVNLAKSRWYNQTPNRAKRVITTFRTGTWDA
YK
;
_entity_poly.pdbx_seq_one_letter_code_can   
;MNIFEMLRIDEGLRLKIYKDTEGYYTIGIGHLLTKSPSLNAAKSELDKAIGRNTNGVITKDEAEKLFNQDVDAAVRGILR
NAKLKPVYDSLDAVRRAAAINMVFQMGETGVAGFTNSLRMLQQKRWDEAAVNLAKSRWYNQTPNRAKRVITTFRTGTWDA
YK
;
_entity_poly.pdbx_strand_id                 X 
_entity_poly.pdbx_target_identifier         ? 
# 
loop_
_entity_poly_seq.entity_id 
_entity_poly_seq.num 
_entity_poly_seq.mon_id 
_entity_poly_seq.hetero 
1 1   MET n 
1 2   ASN n 
1 3   ILE n 
1 4   PHE n 
1 5   GLU n 
1 6   MET n 
1 7   LEU n 
1 8   ARG n 
1 9   ILE n 
1 10  ASP n 
1 11  GLU n 
1 12  GLY n 
1 13  LEU n 
1 14  ARG n 
1 15  LEU n 
1 16  LYS n 
1 17  ILE n 
1 18  TYR n 
1 19  LYS n 
1 20  ASP n 
1 21  THR n 
1 22  GLU n 
1 23  GLY n 
1 24  TYR n 
1 25  TYR n 
1 26  THR n 
1 27  ILE n 
1 28  GLY n 
1 29  ILE n 
1 30  GLY n 
1 31  HIS n 
1 32  LEU n 
1 33  LEU n 
1 34  THR n 
1 35  LYS n 
1 36  SER n 
1 37  PRO n 
1 38  SER n 
1 39  LEU n 
1 40  ASN n 
1 41  ALA n 
1 42  ALA n 
1 43  LYS n 
1 44  SER n 
1 45  GLU n 
1 46  LEU n 
1 47  ASP n 
1 48  LYS n 
1 49  ALA n 
1 50  ILE n 
1 51  GLY n 
1 52  ARG n 
1 53  ASN n 
1 54  THR n 
1 55  ASN n 
1 56  GLY n 
1 57  VAL n 
1 58  ILE n 
1 59  THR n 
1 60  LYS n 
1 61  ASP n 
1 62  GLU n 
1 63  ALA n 
1 64  GLU n 
1 65  LYS n 
1 66  LEU n 
1 67  PHE n 
1 68  ASN n 
1 69  GLN n 
1 70  ASP n 
1 71  VAL n 
1 72  ASP n 
1 73  ALA n 
1 74  ALA n 
1 75  VAL n 
1 76  ARG n 
1 77  GLY n 
1 78  ILE n 
1 79  LEU n 
1 80  ARG n 
1 81  ASN n 
1 82  ALA n 
1 83  LYS n 
1 84  LEU n 
1 85  LYS n 
1 86  PRO n 
1 87  VAL n 
1 88  TYR n 
1 89  ASP n 
1 90  SER n 
1 91  LEU n 
1 92  ASP n 
1 93  ALA n 
1 94  VAL n 
1 95  ARG n 
1 96  ARG n 
1 97  ALA n 
1 98  ALA n 
1 99  ALA n 
1 100 ILE n 
1 101 ASN n 
1 102 MET n 
1 103 VAL n 
1 104 PHE n 
1 105 GLN n 
1 106 MET n 
1 107 GLY n 
1 108 GLU n 
1 109 THR n 
1 110 GLY n 
1 111 VAL n 
1 112 ALA n 
1 113 GLY n 
1 114 PHE n 
1 115 THR n 
1 116 ASN n 
1 117 SER n 
1 118 LEU n 
1 119 ARG n 
1 120 MET n 
1 121 LEU n 
1 122 GLN n 
1 123 GLN n 
1 124 LYS n 
1 125 ARG n 
1 126 TRP n 
1 127 ASP n 
1 128 GLU n 
1 129 ALA n 
1 130 ALA n 
1 131 VAL n 
1 132 ASN n 
1 133 LEU n 
1 134 ALA n 
1 135 LYS n 
1 136 SER n 
1 137 ARG n 
1 138 TRP n 
1 139 TYR n 
1 140 ASN n 
1 141 GLN n 
1 142 THR n 
1 143 PRO n 
1 144 ASN n 
1 145 ARG n 
1 146 ALA n 
1 147 LYS n 
1 148 ARG n 
1 149 VAL n 
1 150 ILE n 
1 151 THR n 
1 152 THR n 
1 153 PHE n 
1 154 ARG n 
1 155 THR n 
1 156 GLY n 
1 157 THR n 
1 158 TRP n 
1 159 ASP n 
1 160 ALA n 
1 161 TYR n 
1 162 LYS n 
# 
_entity_src_gen.entity_id                          1 
_entity_src_gen.pdbx_src_id                        1 
_entity_src_gen.pdbx_alt_source_flag               sample 
_entity_src_gen.pdbx_seq_type                      ? 
_entity_src_gen.pdbx_beg_seq_num                   ? 
_entity_src_gen.pdbx_end_seq_num                   ? 
_entity_src_gen.gene_src_common_name               ? 
_entity_src_gen.gene_src_genus                     'T4-like viruses' 
_entity_src_gen.pdbx_gene_src_gene                 E 
_entity_src_gen.gene_src_species                   'Enterobacteria phage T4 sensu lato' 
_entity_src_gen.gene_src_strain                    ? 
_entity_src_gen.gene_src_tissue                    ? 
_entity_src_gen.gene_src_tissue_fraction           ? 
_entity_src_gen.gene_src_details                   ? 
_entity_src_gen.pdbx_gene_src_fragment             ? 
_entity_src_gen.pdbx_gene_src_scientific_name      'Enterobacteria phage T4' 
_entity_src_gen.pdbx_gene_src_ncbi_taxonomy_id     10665 
_entity_src_gen.pdbx_gene_src_variant              ? 
_entity_src_gen.pdbx_gene_src_cell_line            ? 
_entity_src_gen.pdbx_gene_src_atcc                 ? 
_entity_src_gen.pdbx_gene_src_organ                ? 
_entity_src_gen.pdbx_gene_src_organelle            ? 
_entity_src_gen.pdbx_gene_src_cell                 ? 
_entity_src_gen.pdbx_gene_src_cellular_location    ? 
_entity_src_gen.host_org_common_name               ? 
_entity_src_gen.pdbx_host_org_scientific_name      'Escherichia coli' 
_entity_src_gen.pdbx_host_org_ncbi_taxonomy_id     562 
_entity_src_gen.host_org_genus                     Escherichia 
_entity_src_gen.pdbx_host_org_gene                 ? 
_entity_src_gen.pdbx_host_org_organ                ? 
_entity_src_gen.host_org_species                   ? 
_entity_src_gen.pdbx_host_org_tissue               ? 
_entity_src_gen.pdbx_host_org_tissue_fraction      ? 
_entity_src_gen.pdbx_host_org_strain               ? 
_entity_src_gen.pdbx_host_org_variant              ? 
_entity_src_gen.pdbx_host_org_cell_line            ? 
_entity_src_gen.pdbx_host_org_atcc                 ? 
_entity_src_gen.pdbx_host_org_culture_collection   ? 
_entity_src_gen.pdbx_host_org_cell                 ? 
_entity_src_gen.pdbx_host_org_organelle            ? 
_entity_src_gen.pdbx_host_org_cellular_location    ? 
_entity_src_gen.pdbx_host_org_vector_type          plasmid 
_entity_src_gen.pdbx_host_org_vector               ? 
_entity_src_gen.host_org_details                   ? 
_entity_src_gen.expression_system_id               ? 
_entity_src_gen.plasmid_name                       M13 
_entity_src_gen.plasmid_details                    ? 
_entity_src_gen.pdbx_description                   ? 
# 
_struct_ref.id                         1 
_struct_ref.entity_id                  1 
_struct_ref.db_name                    UNP 
_struct_ref.db_code                    LYS_BPT4 
_struct_ref.pdbx_db_accession          P00720 
_struct_ref.pdbx_align_begin           1 
_struct_ref.pdbx_seq_one_letter_code   
;MNIFEMLRIDEGLRLKIYKDTEGYYTIGIGHLLTKSPSLNAAKSELDKAIGRNCNGVITKDEAEKLFNQDVDAAVRGILR
NAKLKPVYDSLDAVRRCALINMVFQMGETGVAGFTNSLRMLQQKRWDEAAVNLAKSRWYNQTPNRAKRVITTFRTGTWDA
YK
;
_struct_ref.pdbx_db_isoform            ? 
# 
_struct_ref_seq.align_id                      1 
_struct_ref_seq.ref_id                        1 
_struct_ref_seq.pdbx_PDB_id_code              2RAZ 
_struct_ref_seq.pdbx_strand_id                X 
_struct_ref_seq.seq_align_beg                 1 
_struct_ref_seq.pdbx_seq_align_beg_ins_code   ? 
_struct_ref_seq.seq_align_end                 162 
_struct_ref_seq.pdbx_seq_align_end_ins_code   ? 
_struct_ref_seq.pdbx_db_accession             P00720 
_struct_ref_seq.db_align_beg                  1 
_struct_ref_seq.pdbx_db_align_beg_ins_code    ? 
_struct_ref_seq.db_align_end                  162 
_struct_ref_seq.pdbx_db_align_end_ins_code    ? 
_struct_ref_seq.pdbx_auth_seq_align_beg       1 
_struct_ref_seq.pdbx_auth_seq_align_end       162 
# 
loop_
_struct_ref_seq_dif.align_id 
_struct_ref_seq_dif.pdbx_pdb_id_code 
_struct_ref_seq_dif.mon_id 
_struct_ref_seq_dif.pdbx_pdb_strand_id 
_struct_ref_seq_dif.seq_num 
_struct_ref_seq_dif.pdbx_pdb_ins_code 
_struct_ref_seq_dif.pdbx_seq_db_name 
_struct_ref_seq_dif.pdbx_seq_db_accession_code 
_struct_ref_seq_dif.db_mon_id 
_struct_ref_seq_dif.pdbx_seq_db_seq_num 
_struct_ref_seq_dif.details 
_struct_ref_seq_dif.pdbx_auth_seq_num 
_struct_ref_seq_dif.pdbx_ordinal 
1 2RAZ THR X 54 ? UNP P00720 CYS 54 'engineered mutation' 54 1 
1 2RAZ ALA X 97 ? UNP P00720 CYS 97 'engineered mutation' 97 2 
1 2RAZ ALA X 99 ? UNP P00720 LEU 99 'engineered mutation' 99 3 
# 
loop_
_chem_comp.id 
_chem_comp.type 
_chem_comp.mon_nstd_flag 
_chem_comp.name 
_chem_comp.pdbx_synonyms 
_chem_comp.formula 
_chem_comp.formula_weight 
259 non-polymer         . '1-(methylsulfanyl)-4-nitrobenzene' ? 'C7 H7 N O2 S'   169.201 
ALA 'L-peptide linking' y ALANINE                             ? 'C3 H7 N O2'     89.093  
ARG 'L-peptide linking' y ARGININE                            ? 'C6 H15 N4 O2 1' 175.209 
ASN 'L-peptide linking' y ASPARAGINE                          ? 'C4 H8 N2 O3'    132.118 
ASP 'L-peptide linking' y 'ASPARTIC ACID'                     ? 'C4 H7 N O4'     133.103 
CYS 'L-peptide linking' y CYSTEINE                            ? 'C3 H7 N O2 S'   121.158 
GLN 'L-peptide linking' y GLUTAMINE                           ? 'C5 H10 N2 O3'   146.144 
GLU 'L-peptide linking' y 'GLUTAMIC ACID'                     ? 'C5 H9 N O4'     147.129 
GLY 'peptide linking'   y GLYCINE                             ? 'C2 H5 N O2'     75.067  
HIS 'L-peptide linking' y HISTIDINE                           ? 'C6 H10 N3 O2 1' 156.162 
HOH non-polymer         . WATER                               ? 'H2 O'           18.015  
ILE 'L-peptide linking' y ISOLEUCINE                          ? 'C6 H13 N O2'    131.173 
LEU 'L-peptide linking' y LEUCINE                             ? 'C6 H13 N O2'    131.173 
LYS 'L-peptide linking' y LYSINE                              ? 'C6 H15 N2 O2 1' 147.195 
MET 'L-peptide linking' y METHIONINE                          ? 'C5 H11 N O2 S'  149.211 
PHE 'L-peptide linking' y PHENYLALANINE                       ? 'C9 H11 N O2'    165.189 
PO4 non-polymer         . 'PHOSPHATE ION'                     ? 'O4 P -3'        94.971  
PRO 'L-peptide linking' y PROLINE                             ? 'C5 H9 N O2'     115.130 
SER 'L-peptide linking' y SERINE                              ? 'C3 H7 N O3'     105.093 
THR 'L-peptide linking' y THREONINE                           ? 'C4 H9 N O3'     119.119 
TRP 'L-peptide linking' y TRYPTOPHAN                          ? 'C11 H12 N2 O2'  204.225 
TYR 'L-peptide linking' y TYROSINE                            ? 'C9 H11 N O3'    181.189 
VAL 'L-peptide linking' y VALINE                              ? 'C5 H11 N O2'    117.146 
# 
_exptl.crystals_number   1 
_exptl.entry_id          2RAZ 
_exptl.method            'X-RAY DIFFRACTION' 
# 
_exptl_crystal.id                    1 
_exptl_crystal.density_meas          ? 
_exptl_crystal.density_Matthews      2.77 
_exptl_crystal.density_percent_sol   55.59 
_exptl_crystal.description           ? 
_exptl_crystal.F_000                 ? 
_exptl_crystal.preparation           ? 
# 
_exptl_crystal_grow.crystal_id      1 
_exptl_crystal_grow.method          'VAPOR DIFFUSION, HANGING DROP' 
_exptl_crystal_grow.pH              7.1 
_exptl_crystal_grow.temp            277 
_exptl_crystal_grow.pdbx_details    
;2.2M sodium-potassium phosphate, 0.05M beta-mercaptoethanol, 0.05M 2-hydroxyethyldisulfide, pH 7.1, VAPOR DIFFUSION, HANGING DROP, temperature 277K
;
_exptl_crystal_grow.temp_details    ? 
_exptl_crystal_grow.pdbx_pH_range   . 
# 
_diffrn.id                     1 
_diffrn.ambient_temp           110 
_diffrn.ambient_temp_details   ? 
_diffrn.crystal_id             1 
# 
_diffrn_detector.diffrn_id              1 
_diffrn_detector.detector               'IMAGE PLATE' 
_diffrn_detector.type                   'RIGAKU RAXIS IV' 
_diffrn_detector.pdbx_collection_date   2006-11-08 
_diffrn_detector.details                ? 
# 
_diffrn_radiation.diffrn_id                        1 
_diffrn_radiation.pdbx_diffrn_protocol             'SINGLE WAVELENGTH' 
_diffrn_radiation.monochromator                    ? 
_diffrn_radiation.wavelength_id                    1 
_diffrn_radiation.pdbx_monochromatic_or_laue_m_l   M 
_diffrn_radiation.pdbx_scattering_type             x-ray 
# 
_diffrn_radiation_wavelength.id           1 
_diffrn_radiation_wavelength.wavelength   1.5418 
_diffrn_radiation_wavelength.wt           1.0 
# 
_diffrn_source.diffrn_id                   1 
_diffrn_source.source                      'ROTATING ANODE' 
_diffrn_source.type                        'RIGAKU RU200' 
_diffrn_source.pdbx_wavelength_list        1.5418 
_diffrn_source.pdbx_wavelength             ? 
_diffrn_source.pdbx_synchrotron_site       ? 
_diffrn_source.pdbx_synchrotron_beamline   ? 
# 
_reflns.entry_id                     2RAZ 
_reflns.d_resolution_high            1.640 
_reflns.d_resolution_low             52.270 
_reflns.number_obs                   25592 
_reflns.pdbx_Rmerge_I_obs            0.061 
_reflns.pdbx_netI_over_sigmaI        12.800 
_reflns.pdbx_chi_squared             1.004 
_reflns.pdbx_redundancy              4.600 
_reflns.percent_possible_obs         99.800 
_reflns.observed_criterion_sigma_F   0 
_reflns.observed_criterion_sigma_I   0 
_reflns.number_all                   25643 
_reflns.pdbx_Rsym_value              ? 
_reflns.B_iso_Wilson_estimate        ? 
_reflns.R_free_details               ? 
_reflns.limit_h_max                  ? 
_reflns.limit_h_min                  ? 
_reflns.limit_k_max                  ? 
_reflns.limit_k_min                  ? 
_reflns.limit_l_max                  ? 
_reflns.limit_l_min                  ? 
_reflns.observed_criterion_F_max     ? 
_reflns.observed_criterion_F_min     ? 
_reflns.pdbx_scaling_rejects         ? 
_reflns.pdbx_diffrn_id               1 
_reflns.pdbx_ordinal                 1 
# 
_reflns_shell.d_res_high             1.64 
_reflns_shell.d_res_low              1.70 
_reflns_shell.number_measured_obs    ? 
_reflns_shell.number_measured_all    ? 
_reflns_shell.number_unique_obs      ? 
_reflns_shell.Rmerge_I_obs           0.454 
_reflns_shell.meanI_over_sigI_obs    ? 
_reflns_shell.pdbx_Rsym_value        ? 
_reflns_shell.pdbx_chi_squared       1.004 
_reflns_shell.pdbx_redundancy        4.50 
_reflns_shell.percent_possible_obs   ? 
_reflns_shell.number_unique_all      2520 
_reflns_shell.percent_possible_all   99.90 
_reflns_shell.pdbx_diffrn_id         ? 
_reflns_shell.pdbx_ordinal           1 
# 
_refine.entry_id                                 2RAZ 
_refine.ls_d_res_high                            1.641 
_refine.ls_d_res_low                             52.270 
_refine.pdbx_ls_sigma_F                          0.00 
_refine.ls_percent_reflns_obs                    99.810 
_refine.ls_number_reflns_obs                     25546 
_refine.pdbx_ls_cross_valid_method               THROUGHOUT 
_refine.pdbx_R_Free_selection_details            RANDOM 
_refine.details                                  'HYDROGENS HAVE BEEN ADDED IN THE RIDING POSITIONS' 
_refine.ls_R_factor_obs                          0.192 
_refine.ls_R_factor_R_work                       0.191 
_refine.ls_R_factor_R_free                       0.221 
_refine.ls_percent_reflns_R_free                 5.100 
_refine.ls_number_reflns_R_free                  1300 
_refine.B_iso_mean                               15.366 
_refine.aniso_B[1][1]                            0.130 
_refine.aniso_B[2][2]                            0.130 
_refine.aniso_B[3][3]                            -0.200 
_refine.aniso_B[1][2]                            0.070 
_refine.aniso_B[1][3]                            0.000 
_refine.aniso_B[2][3]                            0.000 
_refine.correlation_coeff_Fo_to_Fc               0.953 
_refine.correlation_coeff_Fo_to_Fc_free          0.936 
_refine.pdbx_overall_ESU_R                       0.096 
_refine.pdbx_overall_ESU_R_Free                  0.096 
_refine.overall_SU_ML                            0.057 
_refine.overall_SU_B                             1.632 
_refine.solvent_model_details                    MASK 
_refine.pdbx_solvent_vdw_probe_radii             1.200 
_refine.pdbx_solvent_ion_probe_radii             0.800 
_refine.pdbx_solvent_shrinkage_radii             0.800 
_refine.pdbx_method_to_determine_struct          'MOLECULAR REPLACEMENT' 
_refine.pdbx_stereochemistry_target_values       'MAXIMUM LIKELIHOOD' 
_refine.pdbx_ls_sigma_I                          ? 
_refine.ls_number_reflns_all                     25595 
_refine.ls_R_factor_all                          0.192 
_refine.ls_redundancy_reflns_obs                 ? 
_refine.pdbx_data_cutoff_high_absF               ? 
_refine.pdbx_data_cutoff_low_absF                ? 
_refine.ls_number_parameters                     ? 
_refine.ls_number_restraints                     ? 
_refine.ls_R_factor_R_free_error                 ? 
_refine.ls_R_factor_R_free_error_details         ? 
_refine.pdbx_starting_model                      184L 
_refine.pdbx_stereochem_target_val_spec_case     ? 
_refine.solvent_model_param_bsol                 ? 
_refine.solvent_model_param_ksol                 ? 
_refine.occupancy_max                            ? 
_refine.occupancy_min                            ? 
_refine.pdbx_isotropic_thermal_model             ? 
_refine.B_iso_min                                ? 
_refine.B_iso_max                                ? 
_refine.overall_SU_R_Cruickshank_DPI             ? 
_refine.overall_SU_R_free                        ? 
_refine.pdbx_data_cutoff_high_rms_absF           ? 
_refine.ls_wR_factor_R_free                      ? 
_refine.ls_wR_factor_R_work                      ? 
_refine.overall_FOM_free_R_set                   ? 
_refine.overall_FOM_work_R_set                   ? 
_refine.pdbx_refine_id                           'X-RAY DIFFRACTION' 
_refine.pdbx_diffrn_id                           1 
_refine.pdbx_TLS_residual_ADP_flag               ? 
_refine.pdbx_overall_phase_error                 ? 
_refine.pdbx_overall_SU_R_free_Cruickshank_DPI   ? 
_refine.pdbx_overall_SU_R_Blow_DPI               ? 
_refine.pdbx_overall_SU_R_free_Blow_DPI          ? 
# 
_refine_hist.pdbx_refine_id                   'X-RAY DIFFRACTION' 
_refine_hist.cycle_id                         LAST 
_refine_hist.pdbx_number_atoms_protein        1322 
_refine_hist.pdbx_number_atoms_nucleic_acid   0 
_refine_hist.pdbx_number_atoms_ligand         26 
_refine_hist.number_atoms_solvent             272 
_refine_hist.number_atoms_total               1620 
_refine_hist.d_res_high                       1.641 
_refine_hist.d_res_low                        52.270 
# 
loop_
_refine_ls_restr.type 
_refine_ls_restr.number 
_refine_ls_restr.dev_ideal 
_refine_ls_restr.dev_ideal_target 
_refine_ls_restr.weight 
_refine_ls_restr.pdbx_refine_id 
_refine_ls_restr.pdbx_restraint_function 
r_bond_refined_d         1371 0.011  0.022  ? 'X-RAY DIFFRACTION' ? 
r_angle_refined_deg      1858 1.146  1.968  ? 'X-RAY DIFFRACTION' ? 
r_dihedral_angle_1_deg   174  4.558  5.000  ? 'X-RAY DIFFRACTION' ? 
r_dihedral_angle_2_deg   65   32.605 23.077 ? 'X-RAY DIFFRACTION' ? 
r_dihedral_angle_3_deg   252  11.820 15.000 ? 'X-RAY DIFFRACTION' ? 
r_dihedral_angle_4_deg   15   16.137 15.000 ? 'X-RAY DIFFRACTION' ? 
r_chiral_restr           204  0.070  0.200  ? 'X-RAY DIFFRACTION' ? 
r_gen_planes_refined     1030 0.005  0.020  ? 'X-RAY DIFFRACTION' ? 
r_nbd_refined            699  0.202  0.200  ? 'X-RAY DIFFRACTION' ? 
r_nbtor_refined          954  0.306  0.200  ? 'X-RAY DIFFRACTION' ? 
r_xyhbond_nbd_refined    180  0.140  0.200  ? 'X-RAY DIFFRACTION' ? 
r_symmetry_vdw_refined   39   0.186  0.200  ? 'X-RAY DIFFRACTION' ? 
r_symmetry_hbond_refined 27   0.093  0.200  ? 'X-RAY DIFFRACTION' ? 
r_mcbond_it              846  0.662  1.500  ? 'X-RAY DIFFRACTION' ? 
r_mcangle_it             1325 1.030  2.000  ? 'X-RAY DIFFRACTION' ? 
r_scbond_it              599  1.881  3.000  ? 'X-RAY DIFFRACTION' ? 
r_scangle_it             526  2.798  4.500  ? 'X-RAY DIFFRACTION' ? 
# 
_refine_ls_shell.d_res_high                       1.641 
_refine_ls_shell.d_res_low                        1.683 
_refine_ls_shell.pdbx_total_number_of_bins_used   20 
_refine_ls_shell.percent_reflns_obs               99.890 
_refine_ls_shell.number_reflns_R_work             1780 
_refine_ls_shell.R_factor_all                     ? 
_refine_ls_shell.R_factor_R_work                  0.349 
_refine_ls_shell.R_factor_R_free                  0.443 
_refine_ls_shell.percent_reflns_R_free            ? 
_refine_ls_shell.number_reflns_R_free             96 
_refine_ls_shell.R_factor_R_free_error            ? 
_refine_ls_shell.number_reflns_all                1876 
_refine_ls_shell.number_reflns_obs                ? 
_refine_ls_shell.redundancy_reflns_obs            ? 
_refine_ls_shell.pdbx_refine_id                   'X-RAY DIFFRACTION' 
# 
_struct.entry_id                  2RAZ 
_struct.title                     '4-(methylthio)nitrobenzene in complex with T4 lysozyme L99A' 
_struct.pdbx_model_details        ? 
_struct.pdbx_CASP_flag            N 
_struct.pdbx_model_type_details   ? 
# 
_struct_keywords.entry_id        2RAZ 
_struct_keywords.pdbx_keywords   HYDROLASE 
_struct_keywords.text            'protein cavities, HYDROLASE' 
# 
loop_
_struct_asym.id 
_struct_asym.pdbx_blank_PDB_chainid_flag 
_struct_asym.pdbx_modified 
_struct_asym.entity_id 
_struct_asym.details 
A N N 1 ? 
B N N 2 ? 
C N N 2 ? 
D N N 2 ? 
E N N 3 ? 
F N N 4 ? 
# 
_struct_biol.id        1 
_struct_biol.details   ? 
# 
loop_
_struct_conf.conf_type_id 
_struct_conf.id 
_struct_conf.pdbx_PDB_helix_id 
_struct_conf.beg_label_comp_id 
_struct_conf.beg_label_asym_id 
_struct_conf.beg_label_seq_id 
_struct_conf.pdbx_beg_PDB_ins_code 
_struct_conf.end_label_comp_id 
_struct_conf.end_label_asym_id 
_struct_conf.end_label_seq_id 
_struct_conf.pdbx_end_PDB_ins_code 
_struct_conf.beg_auth_comp_id 
_struct_conf.beg_auth_asym_id 
_struct_conf.beg_auth_seq_id 
_struct_conf.end_auth_comp_id 
_struct_conf.end_auth_asym_id 
_struct_conf.end_auth_seq_id 
_struct_conf.pdbx_PDB_helix_class 
_struct_conf.details 
_struct_conf.pdbx_PDB_helix_length 
HELX_P HELX_P1  1  ASN A 2   ? GLY A 12  ? ASN X 2   GLY X 12  1 ? 11 
HELX_P HELX_P2  2  SER A 38  ? GLY A 51  ? SER X 38  GLY X 51  1 ? 14 
HELX_P HELX_P3  3  THR A 59  ? ASN A 81  ? THR X 59  ASN X 81  1 ? 23 
HELX_P HELX_P4  4  LEU A 84  ? LEU A 91  ? LEU X 84  LEU X 91  1 ? 8  
HELX_P HELX_P5  5  ASP A 92  ? VAL A 111 ? ASP X 92  VAL X 111 1 ? 20 
HELX_P HELX_P6  6  PHE A 114 ? GLN A 123 ? PHE X 114 GLN X 123 1 ? 10 
HELX_P HELX_P7  7  ARG A 125 ? ALA A 134 ? ARG X 125 ALA X 134 1 ? 10 
HELX_P HELX_P8  8  SER A 136 ? THR A 142 ? SER X 136 THR X 142 1 ? 7  
HELX_P HELX_P9  9  THR A 142 ? GLY A 156 ? THR X 142 GLY X 156 1 ? 15 
HELX_P HELX_P10 10 TRP A 158 ? LYS A 162 ? TRP X 158 LYS X 162 5 ? 5  
# 
_struct_conf_type.id          HELX_P 
_struct_conf_type.criteria    ? 
_struct_conf_type.reference   ? 
# 
_struct_sheet.id               A 
_struct_sheet.type             ? 
_struct_sheet.number_strands   3 
_struct_sheet.details          ? 
# 
loop_
_struct_sheet_order.sheet_id 
_struct_sheet_order.range_id_1 
_struct_sheet_order.range_id_2 
_struct_sheet_order.offset 
_struct_sheet_order.sense 
A 1 2 ? anti-parallel 
A 2 3 ? anti-parallel 
# 
loop_
_struct_sheet_range.sheet_id 
_struct_sheet_range.id 
_struct_sheet_range.beg_label_comp_id 
_struct_sheet_range.beg_label_asym_id 
_struct_sheet_range.beg_label_seq_id 
_struct_sheet_range.pdbx_beg_PDB_ins_code 
_struct_sheet_range.end_label_comp_id 
_struct_sheet_range.end_label_asym_id 
_struct_sheet_range.end_label_seq_id 
_struct_sheet_range.pdbx_end_PDB_ins_code 
_struct_sheet_range.beg_auth_comp_id 
_struct_sheet_range.beg_auth_asym_id 
_struct_sheet_range.beg_auth_seq_id 
_struct_sheet_range.end_auth_comp_id 
_struct_sheet_range.end_auth_asym_id 
_struct_sheet_range.end_auth_seq_id 
A 1 ARG A 14 ? LYS A 19 ? ARG X 14 LYS X 19 
A 2 TYR A 25 ? GLY A 28 ? TYR X 25 GLY X 28 
A 3 HIS A 31 ? LEU A 32 ? HIS X 31 LEU X 32 
# 
loop_
_pdbx_struct_sheet_hbond.sheet_id 
_pdbx_struct_sheet_hbond.range_id_1 
_pdbx_struct_sheet_hbond.range_id_2 
_pdbx_struct_sheet_hbond.range_1_label_atom_id 
_pdbx_struct_sheet_hbond.range_1_label_comp_id 
_pdbx_struct_sheet_hbond.range_1_label_asym_id 
_pdbx_struct_sheet_hbond.range_1_label_seq_id 
_pdbx_struct_sheet_hbond.range_1_PDB_ins_code 
_pdbx_struct_sheet_hbond.range_1_auth_atom_id 
_pdbx_struct_sheet_hbond.range_1_auth_comp_id 
_pdbx_struct_sheet_hbond.range_1_auth_asym_id 
_pdbx_struct_sheet_hbond.range_1_auth_seq_id 
_pdbx_struct_sheet_hbond.range_2_label_atom_id 
_pdbx_struct_sheet_hbond.range_2_label_comp_id 
_pdbx_struct_sheet_hbond.range_2_label_asym_id 
_pdbx_struct_sheet_hbond.range_2_label_seq_id 
_pdbx_struct_sheet_hbond.range_2_PDB_ins_code 
_pdbx_struct_sheet_hbond.range_2_auth_atom_id 
_pdbx_struct_sheet_hbond.range_2_auth_comp_id 
_pdbx_struct_sheet_hbond.range_2_auth_asym_id 
_pdbx_struct_sheet_hbond.range_2_auth_seq_id 
A 1 2 N TYR A 18 ? N TYR X 18 O THR A 26 ? O THR X 26 
A 2 3 N ILE A 27 ? N ILE X 27 O HIS A 31 ? O HIS X 31 
# 
loop_
_struct_site.id 
_struct_site.pdbx_evidence_code 
_struct_site.pdbx_auth_asym_id 
_struct_site.pdbx_auth_comp_id 
_struct_site.pdbx_auth_seq_id 
_struct_site.pdbx_auth_ins_code 
_struct_site.pdbx_num_residues 
_struct_site.details 
AC1 Software X PO4 2001 ? 8 'BINDING SITE FOR RESIDUE PO4 X 2001' 
AC2 Software X PO4 2002 ? 5 'BINDING SITE FOR RESIDUE PO4 X 2002' 
AC3 Software X PO4 2003 ? 6 'BINDING SITE FOR RESIDUE PO4 X 2003' 
AC4 Software X 259 1001 ? 9 'BINDING SITE FOR RESIDUE 259 X 1001' 
# 
loop_
_struct_site_gen.id 
_struct_site_gen.site_id 
_struct_site_gen.pdbx_num_res 
_struct_site_gen.label_comp_id 
_struct_site_gen.label_asym_id 
_struct_site_gen.label_seq_id 
_struct_site_gen.pdbx_auth_ins_code 
_struct_site_gen.auth_comp_id 
_struct_site_gen.auth_asym_id 
_struct_site_gen.auth_seq_id 
_struct_site_gen.label_atom_id 
_struct_site_gen.label_alt_id 
_struct_site_gen.symmetry 
_struct_site_gen.details 
1  AC1 8 ARG A 14  ? ARG X 14   . ? 4_565 ? 
2  AC1 8 LYS A 19  ? LYS X 19   . ? 4_565 ? 
3  AC1 8 ARG A 125 ? ARG X 125  . ? 1_555 ? 
4  AC1 8 TRP A 126 ? TRP X 126  . ? 1_555 ? 
5  AC1 8 ASP A 127 ? ASP X 127  . ? 1_555 ? 
6  AC1 8 GLU A 128 ? GLU X 128  . ? 1_555 ? 
7  AC1 8 HOH F .   ? HOH X 2039 . ? 1_555 ? 
8  AC1 8 HOH F .   ? HOH X 2148 . ? 1_555 ? 
9  AC2 5 GLN A 122 ? GLN X 122  . ? 4_455 ? 
10 AC2 5 ASN A 144 ? ASN X 144  . ? 1_555 ? 
11 AC2 5 ARG A 148 ? ARG X 148  . ? 1_555 ? 
12 AC2 5 HOH F .   ? HOH X 2045 . ? 4_455 ? 
13 AC2 5 HOH F .   ? HOH X 2248 . ? 1_555 ? 
14 AC3 6 THR A 34  ? THR X 34   . ? 1_555 ? 
15 AC3 6 LYS A 35  ? LYS X 35   . ? 1_555 ? 
16 AC3 6 HOH F .   ? HOH X 2081 . ? 2_564 ? 
17 AC3 6 HOH F .   ? HOH X 2199 . ? 1_555 ? 
18 AC3 6 HOH F .   ? HOH X 2207 . ? 2_564 ? 
19 AC3 6 HOH F .   ? HOH X 2231 . ? 1_555 ? 
20 AC4 9 ILE A 78  ? ILE X 78   . ? 1_555 ? 
21 AC4 9 LEU A 84  ? LEU X 84   . ? 1_555 ? 
22 AC4 9 TYR A 88  ? TYR X 88   . ? 1_555 ? 
23 AC4 9 LEU A 91  ? LEU X 91   . ? 1_555 ? 
24 AC4 9 ALA A 99  ? ALA X 99   . ? 1_555 ? 
25 AC4 9 MET A 102 ? MET X 102  . ? 1_555 ? 
26 AC4 9 PHE A 114 ? PHE X 114  . ? 1_555 ? 
27 AC4 9 LEU A 118 ? LEU X 118  . ? 1_555 ? 
28 AC4 9 LEU A 133 ? LEU X 133  . ? 1_555 ? 
# 
_atom_sites.entry_id                    2RAZ 
_atom_sites.fract_transf_matrix[1][1]   0.00809764 
_atom_sites.fract_transf_matrix[1][2]   -0.01720004 
_atom_sites.fract_transf_matrix[1][3]   -0.00224078 
_atom_sites.fract_transf_matrix[2][1]   0.01866119 
_atom_sites.fract_transf_matrix[2][2]   -0.00233111 
_atom_sites.fract_transf_matrix[2][3]   0.00356959 
_atom_sites.fract_transf_matrix[3][1]   -0.00216802 
_atom_sites.fract_transf_matrix[3][2]   -0.00230146 
_atom_sites.fract_transf_matrix[3][3]   0.00983107 
_atom_sites.fract_transf_vector[1]      -0.221273 
_atom_sites.fract_transf_vector[2]      0.322757 
_atom_sites.fract_transf_vector[3]      -0.099877 
# 
loop_
_atom_type.symbol 
C 
N 
O 
P 
S 
# 
loop_
_atom_site.group_PDB 
_atom_site.id 
_atom_site.type_symbol 
_atom_site.label_atom_id 
_atom_site.label_alt_id 
_atom_site.label_comp_id 
_atom_site.label_asym_id 
_atom_site.label_entity_id 
_atom_site.label_seq_id 
_atom_site.pdbx_PDB_ins_code 
_atom_site.Cartn_x 
_atom_site.Cartn_y 
_atom_site.Cartn_z 
_atom_site.occupancy 
_atom_site.B_iso_or_equiv 
_atom_site.pdbx_formal_charge 
_atom_site.auth_seq_id 
_atom_site.auth_comp_id 
_atom_site.auth_asym_id 
_atom_site.auth_atom_id 
_atom_site.pdbx_PDB_model_num 
ATOM   1    N N   . MET A 1 1   ? -2.360  -16.713 -3.899  1.00 12.92 ? 1    MET X N   1 
ATOM   2    C CA  A MET A 1 1   ? -2.224  -15.300 -3.416  0.50 13.35 ? 1    MET X CA  1 
ATOM   3    C CA  B MET A 1 1   ? -2.246  -15.290 -3.467  0.50 12.75 ? 1    MET X CA  1 
ATOM   4    C C   . MET A 1 1   ? -0.795  -14.789 -3.578  1.00 12.69 ? 1    MET X C   1 
ATOM   5    O O   . MET A 1 1   ? 0.160   -15.571 -3.543  1.00 13.81 ? 1    MET X O   1 
ATOM   6    C CB  A MET A 1 1   ? -2.629  -15.203 -1.945  0.50 13.52 ? 1    MET X CB  1 
ATOM   7    C CB  B MET A 1 1   ? -2.791  -15.153 -2.042  0.50 12.41 ? 1    MET X CB  1 
ATOM   8    C CG  A MET A 1 1   ? -4.117  -15.170 -1.674  0.50 15.01 ? 1    MET X CG  1 
ATOM   9    C CG  B MET A 1 1   ? -2.962  -13.730 -1.535  0.50 12.00 ? 1    MET X CG  1 
ATOM   10   S SD  A MET A 1 1   ? -4.961  -13.810 -2.513  0.50 19.26 ? 1    MET X SD  1 
ATOM   11   S SD  B MET A 1 1   ? -4.118  -12.696 -2.440  0.50 10.58 ? 1    MET X SD  1 
ATOM   12   C CE  A MET A 1 1   ? -3.988  -12.404 -2.002  0.50 17.39 ? 1    MET X CE  1 
ATOM   13   C CE  B MET A 1 1   ? -5.584  -13.729 -2.472  0.50 14.03 ? 1    MET X CE  1 
ATOM   14   N N   . ASN A 1 2   ? -0.645  -13.473 -3.751  1.00 12.00 ? 2    ASN X N   1 
ATOM   15   C CA  . ASN A 1 2   ? 0.651   -12.787 -3.825  1.00 11.27 ? 2    ASN X CA  1 
ATOM   16   C C   . ASN A 1 2   ? 0.357   -11.290 -3.659  1.00 10.23 ? 2    ASN X C   1 
ATOM   17   O O   . ASN A 1 2   ? -0.810  -10.907 -3.561  1.00 9.90  ? 2    ASN X O   1 
ATOM   18   C CB  . ASN A 1 2   ? 1.381   -13.076 -5.148  1.00 11.68 ? 2    ASN X CB  1 
ATOM   19   C CG  . ASN A 1 2   ? 0.572   -12.675 -6.367  1.00 11.05 ? 2    ASN X CG  1 
ATOM   20   O OD1 . ASN A 1 2   ? 0.095   -11.539 -6.471  1.00 11.98 ? 2    ASN X OD1 1 
ATOM   21   N ND2 . ASN A 1 2   ? 0.398   -13.614 -7.305  1.00 11.28 ? 2    ASN X ND2 1 
ATOM   22   N N   . ILE A 1 3   ? 1.401   -10.461 -3.651  1.00 9.96  ? 3    ILE X N   1 
ATOM   23   C CA  . ILE A 1 3   ? 1.216   -9.030  -3.374  1.00 9.74  ? 3    ILE X CA  1 
ATOM   24   C C   . ILE A 1 3   ? 0.277   -8.348  -4.384  1.00 9.94  ? 3    ILE X C   1 
ATOM   25   O O   . ILE A 1 3   ? -0.522  -7.456  -4.026  1.00 10.21 ? 3    ILE X O   1 
ATOM   26   C CB  . ILE A 1 3   ? 2.578   -8.289  -3.265  1.00 9.69  ? 3    ILE X CB  1 
ATOM   27   C CG1 . ILE A 1 3   ? 2.382   -6.805  -2.962  1.00 10.49 ? 3    ILE X CG1 1 
ATOM   28   C CG2 . ILE A 1 3   ? 3.425   -8.471  -4.550  1.00 10.92 ? 3    ILE X CG2 1 
ATOM   29   C CD1 . ILE A 1 3   ? 1.570   -6.522  -1.681  1.00 10.15 ? 3    ILE X CD1 1 
ATOM   30   N N   . PHE A 1 4   ? 0.359   -8.786  -5.636  1.00 9.75  ? 4    PHE X N   1 
ATOM   31   C CA  . PHE A 1 4   ? -0.523  -8.227  -6.669  1.00 9.87  ? 4    PHE X CA  1 
ATOM   32   C C   . PHE A 1 4   ? -1.993  -8.548  -6.389  1.00 9.69  ? 4    PHE X C   1 
ATOM   33   O O   . PHE A 1 4   ? -2.854  -7.662  -6.415  1.00 9.91  ? 4    PHE X O   1 
ATOM   34   C CB  . PHE A 1 4   ? -0.116  -8.697  -8.065  1.00 10.24 ? 4    PHE X CB  1 
ATOM   35   C CG  . PHE A 1 4   ? 1.158   -8.075  -8.564  1.00 10.28 ? 4    PHE X CG  1 
ATOM   36   C CD1 . PHE A 1 4   ? 1.130   -6.902  -9.321  1.00 15.63 ? 4    PHE X CD1 1 
ATOM   37   C CD2 . PHE A 1 4   ? 2.386   -8.673  -8.289  1.00 13.72 ? 4    PHE X CD2 1 
ATOM   38   C CE1 . PHE A 1 4   ? 2.320   -6.342  -9.808  1.00 15.30 ? 4    PHE X CE1 1 
ATOM   39   C CE2 . PHE A 1 4   ? 3.581   -8.111  -8.763  1.00 13.36 ? 4    PHE X CE2 1 
ATOM   40   C CZ  . PHE A 1 4   ? 3.548   -6.954  -9.505  1.00 13.78 ? 4    PHE X CZ  1 
ATOM   41   N N   . GLU A 1 5   ? -2.290  -9.816  -6.106  1.00 10.19 ? 5    GLU X N   1 
ATOM   42   C CA  . GLU A 1 5   ? -3.682  -10.204 -5.864  1.00 10.65 ? 5    GLU X CA  1 
ATOM   43   C C   . GLU A 1 5   ? -4.175  -9.561  -4.559  1.00 10.34 ? 5    GLU X C   1 
ATOM   44   O O   . GLU A 1 5   ? -5.359  -9.201  -4.427  1.00 10.83 ? 5    GLU X O   1 
ATOM   45   C CB  . GLU A 1 5   ? -3.789  -11.719 -5.792  1.00 10.40 ? 5    GLU X CB  1 
ATOM   46   C CG  . GLU A 1 5   ? -3.346  -12.421 -7.085  1.00 11.91 ? 5    GLU X CG  1 
ATOM   47   C CD  . GLU A 1 5   ? -3.661  -13.910 -7.068  1.00 14.99 ? 5    GLU X CD  1 
ATOM   48   O OE1 . GLU A 1 5   ? -4.402  -14.355 -6.161  1.00 16.40 ? 5    GLU X OE1 1 
ATOM   49   O OE2 . GLU A 1 5   ? -3.202  -14.622 -7.980  1.00 15.33 ? 5    GLU X OE2 1 
ATOM   50   N N   . MET A 1 6   ? -3.251  -9.407  -3.605  1.00 10.20 ? 6    MET X N   1 
ATOM   51   C CA  . MET A 1 6   ? -3.606  -8.902  -2.282  1.00 10.52 ? 6    MET X CA  1 
ATOM   52   C C   . MET A 1 6   ? -4.008  -7.444  -2.390  1.00 10.14 ? 6    MET X C   1 
ATOM   53   O O   . MET A 1 6   ? -5.075  -7.051  -1.921  1.00 10.59 ? 6    MET X O   1 
ATOM   54   C CB  . MET A 1 6   ? -2.435  -9.070  -1.329  1.00 10.39 ? 6    MET X CB  1 
ATOM   55   C CG  . MET A 1 6   ? -2.671  -8.581  0.094   1.00 10.37 ? 6    MET X CG  1 
ATOM   56   S SD  . MET A 1 6   ? -1.069  -8.303  0.879   1.00 10.50 ? 6    MET X SD  1 
ATOM   57   C CE  . MET A 1 6   ? -1.489  -8.506  2.628   1.00 12.51 ? 6    MET X CE  1 
ATOM   58   N N   . LEU A 1 7   ? -3.141  -6.643  -3.007  1.00 10.32 ? 7    LEU X N   1 
ATOM   59   C CA  . LEU A 1 7   ? -3.457  -5.232  -3.223  1.00 9.93  ? 7    LEU X CA  1 
ATOM   60   C C   . LEU A 1 7   ? -4.660  -5.027  -4.158  1.00 10.33 ? 7    LEU X C   1 
ATOM   61   O O   . LEU A 1 7   ? -5.429  -4.076  -3.980  1.00 10.25 ? 7    LEU X O   1 
ATOM   62   C CB  . LEU A 1 7   ? -2.213  -4.448  -3.689  1.00 9.98  ? 7    LEU X CB  1 
ATOM   63   C CG  . LEU A 1 7   ? -1.280  -3.991  -2.554  1.00 10.28 ? 7    LEU X CG  1 
ATOM   64   C CD1 . LEU A 1 7   ? 0.055   -3.506  -3.099  1.00 10.24 ? 7    LEU X CD1 1 
ATOM   65   C CD2 . LEU A 1 7   ? -1.928  -2.896  -1.679  1.00 11.35 ? 7    LEU X CD2 1 
ATOM   66   N N   . ARG A 1 8   ? -4.862  -5.930  -5.119  1.00 10.11 ? 8    ARG X N   1 
ATOM   67   C CA  . ARG A 1 8   ? -6.021  -5.797  -6.002  1.00 11.09 ? 8    ARG X CA  1 
ATOM   68   C C   . ARG A 1 8   ? -7.322  -5.956  -5.190  1.00 11.09 ? 8    ARG X C   1 
ATOM   69   O O   . ARG A 1 8   ? -8.314  -5.258  -5.425  1.00 11.21 ? 8    ARG X O   1 
ATOM   70   C CB  . ARG A 1 8   ? -5.949  -6.795  -7.158  1.00 11.86 ? 8    ARG X CB  1 
ATOM   71   C CG  . ARG A 1 8   ? -7.233  -6.911  -7.944  1.00 12.77 ? 8    ARG X CG  1 
ATOM   72   C CD  . ARG A 1 8   ? -7.552  -5.668  -8.752  1.00 15.40 ? 8    ARG X CD  1 
ATOM   73   N NE  . ARG A 1 8   ? -8.788  -5.870  -9.515  1.00 16.49 ? 8    ARG X NE  1 
ATOM   74   C CZ  . ARG A 1 8   ? -10.006 -5.797  -8.984  1.00 18.00 ? 8    ARG X CZ  1 
ATOM   75   N NH1 . ARG A 1 8   ? -10.169 -5.524  -7.692  1.00 18.79 ? 8    ARG X NH1 1 
ATOM   76   N NH2 . ARG A 1 8   ? -11.071 -5.994  -9.740  1.00 20.51 ? 8    ARG X NH2 1 
ATOM   77   N N   . ILE A 1 9   ? -7.317  -6.879  -4.225  1.00 10.45 ? 9    ILE X N   1 
ATOM   78   C CA  . ILE A 1 9   ? -8.443  -7.021  -3.316  1.00 11.59 ? 9    ILE X CA  1 
ATOM   79   C C   . ILE A 1 9   ? -8.654  -5.762  -2.453  1.00 11.27 ? 9    ILE X C   1 
ATOM   80   O O   . ILE A 1 9   ? -9.784  -5.239  -2.363  1.00 11.54 ? 9    ILE X O   1 
ATOM   81   C CB  . ILE A 1 9   ? -8.299  -8.308  -2.463  1.00 11.45 ? 9    ILE X CB  1 
ATOM   82   C CG1 . ILE A 1 9   ? -8.568  -9.539  -3.332  1.00 11.83 ? 9    ILE X CG1 1 
ATOM   83   C CG2 . ILE A 1 9   ? -9.181  -8.277  -1.184  1.00 13.04 ? 9    ILE X CG2 1 
ATOM   84   C CD1 . ILE A 1 9   ? -8.042  -10.835 -2.695  1.00 13.16 ? 9    ILE X CD1 1 
ATOM   85   N N   . ASP A 1 10  ? -7.569  -5.268  -1.844  1.00 10.49 ? 10   ASP X N   1 
ATOM   86   C CA  . ASP A 1 10  ? -7.659  -4.156  -0.885  1.00 10.44 ? 10   ASP X CA  1 
ATOM   87   C C   . ASP A 1 10  ? -7.964  -2.814  -1.559  1.00 10.93 ? 10   ASP X C   1 
ATOM   88   O O   . ASP A 1 10  ? -8.616  -1.953  -0.955  1.00 11.84 ? 10   ASP X O   1 
ATOM   89   C CB  . ASP A 1 10  ? -6.382  -4.027  -0.033  1.00 9.93  ? 10   ASP X CB  1 
ATOM   90   C CG  . ASP A 1 10  ? -6.273  -5.126  1.028   1.00 10.38 ? 10   ASP X CG  1 
ATOM   91   O OD1 . ASP A 1 10  ? -7.340  -5.666  1.436   1.00 9.93  ? 10   ASP X OD1 1 
ATOM   92   O OD2 . ASP A 1 10  ? -5.126  -5.400  1.471   1.00 10.79 ? 10   ASP X OD2 1 
ATOM   93   N N   . GLU A 1 11  ? -7.495  -2.663  -2.801  1.00 10.49 ? 11   GLU X N   1 
ATOM   94   C CA  . GLU A 1 11  ? -7.598  -1.387  -3.525  1.00 11.31 ? 11   GLU X CA  1 
ATOM   95   C C   . GLU A 1 11  ? -8.730  -1.313  -4.545  1.00 11.02 ? 11   GLU X C   1 
ATOM   96   O O   . GLU A 1 11  ? -9.154  -0.208  -4.899  1.00 12.32 ? 11   GLU X O   1 
ATOM   97   C CB  . GLU A 1 11  ? -6.265  -1.052  -4.210  1.00 11.20 ? 11   GLU X CB  1 
ATOM   98   C CG  . GLU A 1 11  ? -5.104  -0.807  -3.251  1.00 10.58 ? 11   GLU X CG  1 
ATOM   99   C CD  . GLU A 1 11  ? -5.258  0.435   -2.355  1.00 10.85 ? 11   GLU X CD  1 
ATOM   100  O OE1 . GLU A 1 11  ? -6.220  1.240   -2.530  1.00 13.65 ? 11   GLU X OE1 1 
ATOM   101  O OE2 . GLU A 1 11  ? -4.388  0.607   -1.477  1.00 12.38 ? 11   GLU X OE2 1 
ATOM   102  N N   . GLY A 1 12  ? -9.187  -2.467  -5.052  1.00 11.07 ? 12   GLY X N   1 
ATOM   103  C CA  . GLY A 1 12  ? -10.215 -2.498  -6.093  1.00 11.45 ? 12   GLY X CA  1 
ATOM   104  C C   . GLY A 1 12  ? -9.652  -2.070  -7.441  1.00 11.65 ? 12   GLY X C   1 
ATOM   105  O O   . GLY A 1 12  ? -8.428  -1.916  -7.598  1.00 11.55 ? 12   GLY X O   1 
ATOM   106  N N   . LEU A 1 13  ? -10.544 -1.897  -8.419  1.00 11.40 ? 13   LEU X N   1 
ATOM   107  C CA  . LEU A 1 13  ? -10.133 -1.376  -9.715  1.00 12.15 ? 13   LEU X CA  1 
ATOM   108  C C   . LEU A 1 13  ? -11.216 -0.438  -10.227 1.00 11.87 ? 13   LEU X C   1 
ATOM   109  O O   . LEU A 1 13  ? -12.382 -0.840  -10.379 1.00 11.92 ? 13   LEU X O   1 
ATOM   110  C CB  . LEU A 1 13  ? -9.917  -2.524  -10.702 1.00 12.43 ? 13   LEU X CB  1 
ATOM   111  C CG  . LEU A 1 13  ? -9.809  -2.233  -12.204 1.00 13.21 ? 13   LEU X CG  1 
ATOM   112  C CD1 . LEU A 1 13  ? -8.551  -1.437  -12.566 1.00 16.01 ? 13   LEU X CD1 1 
ATOM   113  C CD2 . LEU A 1 13  ? -9.872  -3.568  -12.967 1.00 15.09 ? 13   LEU X CD2 1 
ATOM   114  N N   . ARG A 1 14  ? -10.837 0.811   -10.484 1.00 11.28 ? 14   ARG X N   1 
ATOM   115  C CA  . ARG A 1 14  ? -11.770 1.779   -11.052 1.00 11.39 ? 14   ARG X CA  1 
ATOM   116  C C   . ARG A 1 14  ? -11.055 2.511   -12.182 1.00 11.57 ? 14   ARG X C   1 
ATOM   117  O O   . ARG A 1 14  ? -9.881  2.902   -12.038 1.00 11.71 ? 14   ARG X O   1 
ATOM   118  C CB  . ARG A 1 14  ? -12.275 2.748   -9.975  1.00 11.87 ? 14   ARG X CB  1 
ATOM   119  C CG  . ARG A 1 14  ? -13.067 2.018   -8.874  1.00 12.70 ? 14   ARG X CG  1 
ATOM   120  C CD  . ARG A 1 14  ? -13.499 2.915   -7.744  1.00 13.96 ? 14   ARG X CD  1 
ATOM   121  N NE  . ARG A 1 14  ? -14.607 3.769   -8.157  1.00 16.86 ? 14   ARG X NE  1 
ATOM   122  C CZ  . ARG A 1 14  ? -15.189 4.671   -7.372  1.00 19.87 ? 14   ARG X CZ  1 
ATOM   123  N NH1 . ARG A 1 14  ? -14.764 4.853   -6.124  1.00 17.92 ? 14   ARG X NH1 1 
ATOM   124  N NH2 . ARG A 1 14  ? -16.184 5.405   -7.845  1.00 22.84 ? 14   ARG X NH2 1 
ATOM   125  N N   . LEU A 1 15  ? -11.744 2.654   -13.311 1.00 11.89 ? 15   LEU X N   1 
ATOM   126  C CA  . LEU A 1 15  ? -11.111 3.181   -14.526 1.00 11.91 ? 15   LEU X CA  1 
ATOM   127  C C   . LEU A 1 15  ? -11.299 4.684   -14.722 1.00 12.72 ? 15   LEU X C   1 
ATOM   128  O O   . LEU A 1 15  ? -10.742 5.266   -15.658 1.00 13.10 ? 15   LEU X O   1 
ATOM   129  C CB  . LEU A 1 15  ? -11.625 2.411   -15.751 1.00 12.87 ? 15   LEU X CB  1 
ATOM   130  C CG  . LEU A 1 15  ? -11.284 0.920   -15.726 1.00 12.56 ? 15   LEU X CG  1 
ATOM   131  C CD1 . LEU A 1 15  ? -11.777 0.257   -17.004 1.00 14.98 ? 15   LEU X CD1 1 
ATOM   132  C CD2 . LEU A 1 15  ? -9.772  0.672   -15.549 1.00 15.31 ? 15   LEU X CD2 1 
ATOM   133  N N   . LYS A 1 16  ? -12.081 5.306   -13.843 1.00 12.62 ? 16   LYS X N   1 
ATOM   134  C CA  . LYS A 1 16  ? -12.283 6.753   -13.877 1.00 13.69 ? 16   LYS X CA  1 
ATOM   135  C C   . LYS A 1 16  ? -11.749 7.340   -12.578 1.00 12.61 ? 16   LYS X C   1 
ATOM   136  O O   . LYS A 1 16  ? -11.788 6.694   -11.527 1.00 12.85 ? 16   LYS X O   1 
ATOM   137  C CB  . LYS A 1 16  ? -13.770 7.103   -14.013 1.00 14.25 ? 16   LYS X CB  1 
ATOM   138  C CG  . LYS A 1 16  ? -14.435 6.613   -15.279 1.00 16.34 ? 16   LYS X CG  1 
ATOM   139  C CD  . LYS A 1 16  ? -15.912 7.029   -15.317 1.00 17.26 ? 16   LYS X CD  1 
ATOM   140  N N   . ILE A 1 17  ? -11.253 8.569   -12.638 1.00 11.36 ? 17   ILE X N   1 
ATOM   141  C CA  . ILE A 1 17  ? -10.758 9.227   -11.435 1.00 11.22 ? 17   ILE X CA  1 
ATOM   142  C C   . ILE A 1 17  ? -11.788 9.174   -10.301 1.00 11.55 ? 17   ILE X C   1 
ATOM   143  O O   . ILE A 1 17  ? -12.959 9.514   -10.489 1.00 11.43 ? 17   ILE X O   1 
ATOM   144  C CB  . ILE A 1 17  ? -10.352 10.678  -11.722 1.00 10.97 ? 17   ILE X CB  1 
ATOM   145  C CG1 . ILE A 1 17  ? -9.146  10.706  -12.673 1.00 11.78 ? 17   ILE X CG1 1 
ATOM   146  C CG2 . ILE A 1 17  ? -10.040 11.438  -10.415 1.00 12.21 ? 17   ILE X CG2 1 
ATOM   147  C CD1 . ILE A 1 17  ? -8.754  12.118  -13.111 1.00 12.79 ? 17   ILE X CD1 1 
ATOM   148  N N   . TYR A 1 18  ? -11.334 8.748   -9.134  1.00 11.29 ? 18   TYR X N   1 
ATOM   149  C CA  . TYR A 1 18  ? -12.179 8.712   -7.931  1.00 11.41 ? 18   TYR X CA  1 
ATOM   150  C C   . TYR A 1 18  ? -11.375 9.228   -6.734  1.00 11.37 ? 18   TYR X C   1 
ATOM   151  O O   . TYR A 1 18  ? -10.166 9.392   -6.823  1.00 10.84 ? 18   TYR X O   1 
ATOM   152  C CB  . TYR A 1 18  ? -12.670 7.283   -7.673  1.00 12.11 ? 18   TYR X CB  1 
ATOM   153  C CG  . TYR A 1 18  ? -11.577 6.277   -7.321  1.00 10.78 ? 18   TYR X CG  1 
ATOM   154  C CD1 . TYR A 1 18  ? -10.809 5.662   -8.322  1.00 13.02 ? 18   TYR X CD1 1 
ATOM   155  C CD2 . TYR A 1 18  ? -11.331 5.896   -5.989  1.00 12.20 ? 18   TYR X CD2 1 
ATOM   156  C CE1 . TYR A 1 18  ? -9.817  4.722   -8.013  1.00 12.16 ? 18   TYR X CE1 1 
ATOM   157  C CE2 . TYR A 1 18  ? -10.328 4.946   -5.676  1.00 12.27 ? 18   TYR X CE2 1 
ATOM   158  C CZ  . TYR A 1 18  ? -9.577  4.364   -6.694  1.00 13.74 ? 18   TYR X CZ  1 
ATOM   159  O OH  . TYR A 1 18  ? -8.588  3.415   -6.425  1.00 13.34 ? 18   TYR X OH  1 
ATOM   160  N N   . LYS A 1 19  ? -12.048 9.459   -5.613  1.00 11.10 ? 19   LYS X N   1 
ATOM   161  C CA  . LYS A 1 19  ? -11.356 9.859   -4.399  1.00 11.17 ? 19   LYS X CA  1 
ATOM   162  C C   . LYS A 1 19  ? -11.149 8.647   -3.504  1.00 10.91 ? 19   LYS X C   1 
ATOM   163  O O   . LYS A 1 19  ? -12.060 7.825   -3.313  1.00 11.22 ? 19   LYS X O   1 
ATOM   164  C CB  . LYS A 1 19  ? -12.144 10.948  -3.649  1.00 11.35 ? 19   LYS X CB  1 
ATOM   165  C CG  . LYS A 1 19  ? -12.149 12.324  -4.336  1.00 11.27 ? 19   LYS X CG  1 
ATOM   166  C CD  . LYS A 1 19  ? -13.003 13.307  -3.560  1.00 11.74 ? 19   LYS X CD  1 
ATOM   167  C CE  . LYS A 1 19  ? -12.873 14.726  -4.087  1.00 13.25 ? 19   LYS X CE  1 
ATOM   168  N NZ  . LYS A 1 19  ? -13.670 15.650  -3.215  1.00 12.84 ? 19   LYS X NZ  1 
ATOM   169  N N   . ASP A 1 20  ? -9.949  8.526   -2.948  1.00 10.40 ? 20   ASP X N   1 
ATOM   170  C CA  . ASP A 1 20  ? -9.642  7.389   -2.087  1.00 10.71 ? 20   ASP X CA  1 
ATOM   171  C C   . ASP A 1 20  ? -10.251 7.606   -0.683  1.00 9.84  ? 20   ASP X C   1 
ATOM   172  O O   . ASP A 1 20  ? -11.018 8.551   -0.476  1.00 10.14 ? 20   ASP X O   1 
ATOM   173  C CB  . ASP A 1 20  ? -8.133  7.115   -2.039  1.00 11.10 ? 20   ASP X CB  1 
ATOM   174  C CG  . ASP A 1 20  ? -7.344  8.210   -1.300  1.00 11.66 ? 20   ASP X CG  1 
ATOM   175  O OD1 . ASP A 1 20  ? -7.945  9.129   -0.681  1.00 11.28 ? 20   ASP X OD1 1 
ATOM   176  O OD2 . ASP A 1 20  ? -6.090  8.156   -1.339  1.00 13.43 ? 20   ASP X OD2 1 
ATOM   177  N N   . THR A 1 21  ? -9.924  6.720   0.264   1.00 10.69 ? 21   THR X N   1 
ATOM   178  C CA  . THR A 1 21  ? -10.538 6.752   1.605   1.00 11.11 ? 21   THR X CA  1 
ATOM   179  C C   . THR A 1 21  ? -10.185 8.035   2.348   1.00 11.12 ? 21   THR X C   1 
ATOM   180  O O   . THR A 1 21  ? -10.886 8.419   3.297   1.00 10.27 ? 21   THR X O   1 
ATOM   181  C CB  . THR A 1 21  ? -10.064 5.569   2.470   1.00 11.78 ? 21   THR X CB  1 
ATOM   182  O OG1 . THR A 1 21  ? -8.656  5.691   2.720   1.00 12.86 ? 21   THR X OG1 1 
ATOM   183  C CG2 . THR A 1 21  ? -10.386 4.231   1.791   1.00 11.48 ? 21   THR X CG2 1 
ATOM   184  N N   . GLU A 1 22  ? -9.094  8.677   1.922   1.00 10.94 ? 22   GLU X N   1 
ATOM   185  C CA  . GLU A 1 22  ? -8.641  9.953   2.509   1.00 10.96 ? 22   GLU X CA  1 
ATOM   186  C C   . GLU A 1 22  ? -9.166  11.186  1.756   1.00 10.87 ? 22   GLU X C   1 
ATOM   187  O O   . GLU A 1 22  ? -8.902  12.332  2.160   1.00 11.32 ? 22   GLU X O   1 
ATOM   188  C CB  . GLU A 1 22  ? -7.107  10.005  2.573   1.00 11.05 ? 22   GLU X CB  1 
ATOM   189  C CG  . GLU A 1 22  ? -6.476  8.934   3.462   1.00 12.48 ? 22   GLU X CG  1 
ATOM   190  C CD  . GLU A 1 22  ? -6.754  9.126   4.964   1.00 16.45 ? 22   GLU X CD  1 
ATOM   191  O OE1 . GLU A 1 22  ? -7.146  10.231  5.400   1.00 20.19 ? 22   GLU X OE1 1 
ATOM   192  O OE2 . GLU A 1 22  ? -6.574  8.152   5.719   1.00 18.86 ? 22   GLU X OE2 1 
ATOM   193  N N   . GLY A 1 23  ? -9.913  10.944  0.677   1.00 10.81 ? 23   GLY X N   1 
ATOM   194  C CA  . GLY A 1 23  ? -10.475 12.009  -0.158  1.00 10.88 ? 23   GLY X CA  1 
ATOM   195  C C   . GLY A 1 23  ? -9.553  12.519  -1.256  1.00 11.15 ? 23   GLY X C   1 
ATOM   196  O O   . GLY A 1 23  ? -9.808  13.570  -1.842  1.00 11.29 ? 23   GLY X O   1 
ATOM   197  N N   . TYR A 1 24  ? -8.490  11.770  -1.551  1.00 10.26 ? 24   TYR X N   1 
ATOM   198  C CA  . TYR A 1 24  ? -7.517  12.171  -2.576  1.00 10.87 ? 24   TYR X CA  1 
ATOM   199  C C   . TYR A 1 24  ? -7.772  11.523  -3.931  1.00 10.15 ? 24   TYR X C   1 
ATOM   200  O O   . TYR A 1 24  ? -8.092  10.331  -4.012  1.00 9.99  ? 24   TYR X O   1 
ATOM   201  C CB  . TYR A 1 24  ? -6.089  11.820  -2.148  1.00 11.68 ? 24   TYR X CB  1 
ATOM   202  C CG  . TYR A 1 24  ? -5.597  12.474  -0.880  1.00 13.77 ? 24   TYR X CG  1 
ATOM   203  C CD1 . TYR A 1 24  ? -5.705  13.849  -0.699  1.00 17.35 ? 24   TYR X CD1 1 
ATOM   204  C CD2 . TYR A 1 24  ? -5.001  11.712  0.128   1.00 14.91 ? 24   TYR X CD2 1 
ATOM   205  C CE1 . TYR A 1 24  ? -5.238  14.459  0.473   1.00 18.13 ? 24   TYR X CE1 1 
ATOM   206  C CE2 . TYR A 1 24  ? -4.527  12.306  1.295   1.00 15.89 ? 24   TYR X CE2 1 
ATOM   207  C CZ  . TYR A 1 24  ? -4.648  13.676  1.457   1.00 17.49 ? 24   TYR X CZ  1 
ATOM   208  O OH  . TYR A 1 24  ? -4.169  14.276  2.605   1.00 18.71 ? 24   TYR X OH  1 
ATOM   209  N N   . TYR A 1 25  ? -7.593  12.312  -4.989  1.00 10.16 ? 25   TYR X N   1 
ATOM   210  C CA  . TYR A 1 25  ? -7.812  11.821  -6.345  1.00 9.80  ? 25   TYR X CA  1 
ATOM   211  C C   . TYR A 1 25  ? -6.866  10.684  -6.689  1.00 9.48  ? 25   TYR X C   1 
ATOM   212  O O   . TYR A 1 25  ? -5.651  10.779  -6.468  1.00 9.80  ? 25   TYR X O   1 
ATOM   213  C CB  . TYR A 1 25  ? -7.677  12.932  -7.373  1.00 10.86 ? 25   TYR X CB  1 
ATOM   214  C CG  . TYR A 1 25  ? -8.777  13.957  -7.261  1.00 11.35 ? 25   TYR X CG  1 
ATOM   215  C CD1 . TYR A 1 25  ? -10.119 13.596  -7.457  1.00 13.01 ? 25   TYR X CD1 1 
ATOM   216  C CD2 . TYR A 1 25  ? -8.474  15.279  -6.969  1.00 12.82 ? 25   TYR X CD2 1 
ATOM   217  C CE1 . TYR A 1 25  ? -11.153 14.558  -7.365  1.00 13.05 ? 25   TYR X CE1 1 
ATOM   218  C CE2 . TYR A 1 25  ? -9.486  16.239  -6.872  1.00 14.66 ? 25   TYR X CE2 1 
ATOM   219  C CZ  . TYR A 1 25  ? -10.811 15.869  -7.068  1.00 14.50 ? 25   TYR X CZ  1 
ATOM   220  O OH  . TYR A 1 25  ? -11.811 16.824  -6.971  1.00 16.25 ? 25   TYR X OH  1 
ATOM   221  N N   . THR A 1 26  ? -7.471  9.638   -7.231  1.00 9.35  ? 26   THR X N   1 
ATOM   222  C CA  . THR A 1 26  ? -6.867  8.316   -7.399  1.00 9.67  ? 26   THR X CA  1 
ATOM   223  C C   . THR A 1 26  ? -7.436  7.699   -8.675  1.00 10.06 ? 26   THR X C   1 
ATOM   224  O O   . THR A 1 26  ? -8.522  8.097   -9.144  1.00 9.51  ? 26   THR X O   1 
ATOM   225  C CB  . THR A 1 26  ? -7.190  7.467   -6.128  1.00 9.85  ? 26   THR X CB  1 
ATOM   226  O OG1 . THR A 1 26  ? -6.599  8.101   -4.993  1.00 9.68  ? 26   THR X OG1 1 
ATOM   227  C CG2 . THR A 1 26  ? -6.620  6.046   -6.185  1.00 10.35 ? 26   THR X CG2 1 
ATOM   228  N N   . ILE A 1 27  ? -6.723  6.736   -9.256  1.00 9.64  ? 27   ILE X N   1 
ATOM   229  C CA  . ILE A 1 27  ? -7.300  5.982   -10.372 1.00 10.30 ? 27   ILE X CA  1 
ATOM   230  C C   . ILE A 1 27  ? -6.777  4.550   -10.367 1.00 10.00 ? 27   ILE X C   1 
ATOM   231  O O   . ILE A 1 27  ? -5.769  4.271   -9.700  1.00 9.89  ? 27   ILE X O   1 
ATOM   232  C CB  . ILE A 1 27  ? -7.020  6.674   -11.745 1.00 10.94 ? 27   ILE X CB  1 
ATOM   233  C CG1 . ILE A 1 27  ? -8.028  6.177   -12.795 1.00 12.22 ? 27   ILE X CG1 1 
ATOM   234  C CG2 . ILE A 1 27  ? -5.555  6.492   -12.151 1.00 12.19 ? 27   ILE X CG2 1 
ATOM   235  C CD1 . ILE A 1 27  ? -8.248  7.082   -13.977 1.00 14.64 ? 27   ILE X CD1 1 
ATOM   236  N N   . GLY A 1 28  ? -7.441  3.668   -11.112 1.00 9.38  ? 28   GLY X N   1 
ATOM   237  C CA  . GLY A 1 28  ? -6.920  2.320   -11.335 1.00 9.63  ? 28   GLY X CA  1 
ATOM   238  C C   . GLY A 1 28  ? -6.998  1.485   -10.069 1.00 10.21 ? 28   GLY X C   1 
ATOM   239  O O   . GLY A 1 28  ? -8.035  1.448   -9.410  1.00 10.59 ? 28   GLY X O   1 
ATOM   240  N N   . ILE A 1 29  ? -5.889  0.831   -9.743  1.00 9.60  ? 29   ILE X N   1 
ATOM   241  C CA  . ILE A 1 29  ? -5.778  -0.019  -8.552  1.00 10.50 ? 29   ILE X CA  1 
ATOM   242  C C   . ILE A 1 29  ? -5.087  0.782   -7.443  1.00 10.28 ? 29   ILE X C   1 
ATOM   243  O O   . ILE A 1 29  ? -3.927  0.555   -7.086  1.00 9.93  ? 29   ILE X O   1 
ATOM   244  C CB  . ILE A 1 29  ? -5.056  -1.345  -8.874  1.00 10.59 ? 29   ILE X CB  1 
ATOM   245  C CG1 . ILE A 1 29  ? -5.691  -2.012  -10.105 1.00 10.10 ? 29   ILE X CG1 1 
ATOM   246  C CG2 . ILE A 1 29  ? -5.085  -2.282  -7.644  1.00 10.53 ? 29   ILE X CG2 1 
ATOM   247  C CD1 . ILE A 1 29  ? -4.924  -3.246  -10.597 1.00 10.58 ? 29   ILE X CD1 1 
ATOM   248  N N   . GLY A 1 30  ? -5.810  1.781   -6.928  1.00 10.61 ? 30   GLY X N   1 
ATOM   249  C CA  . GLY A 1 30  ? -5.292  2.584   -5.826  1.00 11.15 ? 30   GLY X CA  1 
ATOM   250  C C   . GLY A 1 30  ? -4.076  3.415   -6.198  1.00 11.23 ? 30   GLY X C   1 
ATOM   251  O O   . GLY A 1 30  ? -3.198  3.663   -5.357  1.00 12.06 ? 30   GLY X O   1 
ATOM   252  N N   . HIS A 1 31  ? -4.011  3.863   -7.451  1.00 10.51 ? 31   HIS X N   1 
ATOM   253  C CA  . HIS A 1 31  ? -2.920  4.751   -7.837  1.00 10.75 ? 31   HIS X CA  1 
ATOM   254  C C   . HIS A 1 31  ? -3.229  6.206   -7.433  1.00 10.32 ? 31   HIS X C   1 
ATOM   255  O O   . HIS A 1 31  ? -4.045  6.882   -8.083  1.00 10.56 ? 31   HIS X O   1 
ATOM   256  C CB  . HIS A 1 31  ? -2.596  4.695   -9.331  1.00 10.27 ? 31   HIS X CB  1 
ATOM   257  C CG  . HIS A 1 31  ? -1.498  5.645   -9.711  1.00 10.21 ? 31   HIS X CG  1 
ATOM   258  N ND1 . HIS A 1 31  ? -0.162  5.310   -9.632  1.00 11.18 ? 31   HIS X ND1 1 
ATOM   259  C CD2 . HIS A 1 31  ? -1.540  6.937   -10.115 1.00 12.14 ? 31   HIS X CD2 1 
ATOM   260  C CE1 . HIS A 1 31  ? 0.572   6.350   -9.987  1.00 14.09 ? 31   HIS X CE1 1 
ATOM   261  N NE2 . HIS A 1 31  ? -0.241  7.349   -10.295 1.00 12.67 ? 31   HIS X NE2 1 
ATOM   262  N N   . LEU A 1 32  ? -2.574  6.674   -6.368  1.00 10.28 ? 32   LEU X N   1 
ATOM   263  C CA  . LEU A 1 32  ? -2.778  8.048   -5.889  1.00 10.77 ? 32   LEU X CA  1 
ATOM   264  C C   . LEU A 1 32  ? -2.255  9.002   -6.961  1.00 11.56 ? 32   LEU X C   1 
ATOM   265  O O   . LEU A 1 32  ? -1.098  8.867   -7.418  1.00 11.59 ? 32   LEU X O   1 
ATOM   266  C CB  . LEU A 1 32  ? -2.036  8.264   -4.564  1.00 11.12 ? 32   LEU X CB  1 
ATOM   267  C CG  . LEU A 1 32  ? -2.029  9.668   -3.963  1.00 11.35 ? 32   LEU X CG  1 
ATOM   268  C CD1 . LEU A 1 32  ? -3.432  10.091  -3.598  1.00 13.11 ? 32   LEU X CD1 1 
ATOM   269  C CD2 . LEU A 1 32  ? -1.110  9.728   -2.729  1.00 12.51 ? 32   LEU X CD2 1 
ATOM   270  N N   . LEU A 1 33  ? -3.092  9.952   -7.376  1.00 11.49 ? 33   LEU X N   1 
ATOM   271  C CA  . LEU A 1 33  ? -2.666  10.903  -8.406  1.00 12.32 ? 33   LEU X CA  1 
ATOM   272  C C   . LEU A 1 33  ? -1.971  12.120  -7.822  1.00 13.24 ? 33   LEU X C   1 
ATOM   273  O O   . LEU A 1 33  ? -0.931  12.575  -8.331  1.00 14.09 ? 33   LEU X O   1 
ATOM   274  C CB  . LEU A 1 33  ? -3.847  11.338  -9.281  1.00 11.39 ? 33   LEU X CB  1 
ATOM   275  C CG  . LEU A 1 33  ? -4.291  10.258  -10.275 1.00 11.69 ? 33   LEU X CG  1 
ATOM   276  C CD1 . LEU A 1 33  ? -5.675  10.589  -10.846 1.00 10.61 ? 33   LEU X CD1 1 
ATOM   277  C CD2 . LEU A 1 33  ? -3.259  10.035  -11.407 1.00 11.35 ? 33   LEU X CD2 1 
ATOM   278  N N   . THR A 1 34  ? -2.582  12.651  -6.769  1.00 14.36 ? 34   THR X N   1 
ATOM   279  C CA  . THR A 1 34  ? -2.133  13.870  -6.133  1.00 14.87 ? 34   THR X CA  1 
ATOM   280  C C   . THR A 1 34  ? -2.903  14.043  -4.841  1.00 15.53 ? 34   THR X C   1 
ATOM   281  O O   . THR A 1 34  ? -4.005  13.499  -4.693  1.00 15.02 ? 34   THR X O   1 
ATOM   282  C CB  . THR A 1 34  ? -2.367  15.110  -7.044  1.00 15.21 ? 34   THR X CB  1 
ATOM   283  O OG1 . THR A 1 34  ? -1.853  16.282  -6.398  1.00 16.14 ? 34   THR X OG1 1 
ATOM   284  C CG2 . THR A 1 34  ? -3.863  15.319  -7.372  1.00 14.56 ? 34   THR X CG2 1 
ATOM   285  N N   . LYS A 1 35  ? -2.333  14.800  -3.909  1.00 16.51 ? 35   LYS X N   1 
ATOM   286  C CA  . LYS A 1 35  ? -3.099  15.228  -2.735  1.00 18.09 ? 35   LYS X CA  1 
ATOM   287  C C   . LYS A 1 35  ? -3.771  16.596  -2.951  1.00 18.32 ? 35   LYS X C   1 
ATOM   288  O O   . LYS A 1 35  ? -4.488  17.100  -2.081  1.00 18.60 ? 35   LYS X O   1 
ATOM   289  C CB  . LYS A 1 35  ? -2.226  15.182  -1.468  1.00 18.36 ? 35   LYS X CB  1 
ATOM   290  C CG  . LYS A 1 35  ? -1.656  13.789  -1.210  1.00 19.37 ? 35   LYS X CG  1 
ATOM   291  C CD  . LYS A 1 35  ? -1.044  13.631  0.176   1.00 20.04 ? 35   LYS X CD  1 
ATOM   292  C CE  . LYS A 1 35  ? -0.645  12.181  0.383   1.00 23.74 ? 35   LYS X CE  1 
ATOM   293  N NZ  . LYS A 1 35  ? 0.058   11.985  1.675   1.00 25.32 ? 35   LYS X NZ  1 
ATOM   294  N N   . SER A 1 36  ? -3.558  17.184  -4.130  1.00 18.55 ? 36   SER X N   1 
ATOM   295  C CA  . SER A 1 36  ? -4.212  18.448  -4.503  1.00 19.00 ? 36   SER X CA  1 
ATOM   296  C C   . SER A 1 36  ? -5.742  18.316  -4.544  1.00 18.64 ? 36   SER X C   1 
ATOM   297  O O   . SER A 1 36  ? -6.273  17.347  -5.084  1.00 18.56 ? 36   SER X O   1 
ATOM   298  C CB  . SER A 1 36  ? -3.715  18.917  -5.874  1.00 18.83 ? 36   SER X CB  1 
ATOM   299  O OG  . SER A 1 36  ? -4.434  20.064  -6.307  1.00 20.32 ? 36   SER X OG  1 
ATOM   300  N N   . PRO A 1 37  ? -6.469  19.314  -4.002  1.00 19.27 ? 37   PRO X N   1 
ATOM   301  C CA  . PRO A 1 37  ? -7.935  19.285  -4.132  1.00 19.08 ? 37   PRO X CA  1 
ATOM   302  C C   . PRO A 1 37  ? -8.429  19.657  -5.541  1.00 18.78 ? 37   PRO X C   1 
ATOM   303  O O   . PRO A 1 37  ? -9.636  19.636  -5.806  1.00 18.79 ? 37   PRO X O   1 
ATOM   304  C CB  . PRO A 1 37  ? -8.397  20.330  -3.105  1.00 19.35 ? 37   PRO X CB  1 
ATOM   305  C CG  . PRO A 1 37  ? -7.258  21.299  -3.049  1.00 19.64 ? 37   PRO X CG  1 
ATOM   306  C CD  . PRO A 1 37  ? -6.001  20.492  -3.248  1.00 19.68 ? 37   PRO X CD  1 
ATOM   307  N N   . SER A 1 38  ? -7.497  19.980  -6.442  1.00 18.27 ? 38   SER X N   1 
ATOM   308  C CA  . SER A 1 38  ? -7.835  20.359  -7.810  1.00 17.63 ? 38   SER X CA  1 
ATOM   309  C C   . SER A 1 38  ? -7.997  19.159  -8.739  1.00 17.23 ? 38   SER X C   1 
ATOM   310  O O   . SER A 1 38  ? -7.032  18.441  -9.010  1.00 16.44 ? 38   SER X O   1 
ATOM   311  C CB  . SER A 1 38  ? -6.771  21.302  -8.382  1.00 17.82 ? 38   SER X CB  1 
ATOM   312  O OG  . SER A 1 38  ? -6.944  21.464  -9.778  1.00 17.86 ? 38   SER X OG  1 
ATOM   313  N N   . LEU A 1 39  ? -9.211  18.953  -9.241  1.00 17.06 ? 39   LEU X N   1 
ATOM   314  C CA  . LEU A 1 39  ? -9.453  17.864  -10.187 1.00 16.84 ? 39   LEU X CA  1 
ATOM   315  C C   . LEU A 1 39  ? -8.653  18.059  -11.484 1.00 16.44 ? 39   LEU X C   1 
ATOM   316  O O   . LEU A 1 39  ? -8.086  17.110  -12.039 1.00 15.88 ? 39   LEU X O   1 
ATOM   317  C CB  . LEU A 1 39  ? -10.951 17.711  -10.477 1.00 16.82 ? 39   LEU X CB  1 
ATOM   318  C CG  . LEU A 1 39  ? -11.350 16.709  -11.566 1.00 17.23 ? 39   LEU X CG  1 
ATOM   319  C CD1 . LEU A 1 39  ? -10.939 15.256  -11.245 1.00 15.57 ? 39   LEU X CD1 1 
ATOM   320  C CD2 . LEU A 1 39  ? -12.853 16.817  -11.826 1.00 17.39 ? 39   LEU X CD2 1 
ATOM   321  N N   . ASN A 1 40  ? -8.571  19.298  -11.956 1.00 16.67 ? 40   ASN X N   1 
ATOM   322  C CA  . ASN A 1 40  ? -7.735  19.568  -13.110 1.00 17.13 ? 40   ASN X CA  1 
ATOM   323  C C   . ASN A 1 40  ? -6.267  19.167  -12.876 1.00 16.24 ? 40   ASN X C   1 
ATOM   324  O O   . ASN A 1 40  ? -5.629  18.599  -13.777 1.00 16.86 ? 40   ASN X O   1 
ATOM   325  C CB  . ASN A 1 40  ? -7.860  21.032  -13.538 1.00 18.86 ? 40   ASN X CB  1 
ATOM   326  C CG  . ASN A 1 40  ? -9.104  21.276  -14.373 1.00 21.31 ? 40   ASN X CG  1 
ATOM   327  O OD1 . ASN A 1 40  ? -9.622  20.365  -15.032 1.00 25.33 ? 40   ASN X OD1 1 
ATOM   328  N ND2 . ASN A 1 40  ? -9.591  22.515  -14.356 1.00 25.64 ? 40   ASN X ND2 1 
ATOM   329  N N   . ALA A 1 41  ? -5.750  19.438  -11.676 1.00 15.61 ? 41   ALA X N   1 
ATOM   330  C CA  . ALA A 1 41  ? -4.388  19.043  -11.316 1.00 14.56 ? 41   ALA X CA  1 
ATOM   331  C C   . ALA A 1 41  ? -4.242  17.514  -11.346 1.00 14.12 ? 41   ALA X C   1 
ATOM   332  O O   . ALA A 1 41  ? -3.241  16.981  -11.831 1.00 13.64 ? 41   ALA X O   1 
ATOM   333  C CB  . ALA A 1 41  ? -3.977  19.603  -9.960  1.00 14.87 ? 41   ALA X CB  1 
ATOM   334  N N   . ALA A 1 42  ? -5.268  16.812  -10.868 1.00 13.19 ? 42   ALA X N   1 
ATOM   335  C CA  . ALA A 1 42  ? -5.243  15.341  -10.879 1.00 12.88 ? 42   ALA X CA  1 
ATOM   336  C C   . ALA A 1 42  ? -5.245  14.796  -12.309 1.00 12.73 ? 42   ALA X C   1 
ATOM   337  O O   . ALA A 1 42  ? -4.519  13.837  -12.636 1.00 12.63 ? 42   ALA X O   1 
ATOM   338  C CB  . ALA A 1 42  ? -6.441  14.803  -10.096 1.00 13.21 ? 42   ALA X CB  1 
ATOM   339  N N   . LYS A 1 43  ? -6.073  15.402  -13.165 1.00 12.19 ? 43   LYS X N   1 
ATOM   340  C CA  . LYS A 1 43  ? -6.132  15.042  -14.588 1.00 12.14 ? 43   LYS X CA  1 
ATOM   341  C C   . LYS A 1 43  ? -4.774  15.212  -15.283 1.00 11.25 ? 43   LYS X C   1 
ATOM   342  O O   . LYS A 1 43  ? -4.390  14.371  -16.107 1.00 11.07 ? 43   LYS X O   1 
ATOM   343  C CB  . LYS A 1 43  ? -7.215  15.856  -15.300 1.00 12.58 ? 43   LYS X CB  1 
ATOM   344  C CG  . LYS A 1 43  ? -8.620  15.423  -14.886 1.00 14.88 ? 43   LYS X CG  1 
ATOM   345  C CD  . LYS A 1 43  ? -9.676  16.321  -15.501 1.00 18.68 ? 43   LYS X CD  1 
ATOM   346  C CE  . LYS A 1 43  ? -11.029 15.638  -15.434 1.00 21.31 ? 43   LYS X CE  1 
ATOM   347  N NZ  . LYS A 1 43  ? -12.059 16.368  -16.229 1.00 23.38 ? 43   LYS X NZ  1 
ATOM   348  N N   . SER A 1 44  ? -4.064  16.291  -14.941 1.00 11.05 ? 44   SER X N   1 
ATOM   349  C CA  A SER A 1 44  ? -2.700  16.518  -15.449 0.50 10.99 ? 44   SER X CA  1 
ATOM   350  C CA  B SER A 1 44  ? -2.702  16.516  -15.444 0.50 11.24 ? 44   SER X CA  1 
ATOM   351  C C   . SER A 1 44  ? -1.762  15.399  -14.997 1.00 11.16 ? 44   SER X C   1 
ATOM   352  O O   . SER A 1 44  ? -1.004  14.848  -15.805 1.00 10.95 ? 44   SER X O   1 
ATOM   353  C CB  A SER A 1 44  ? -2.159  17.884  -15.008 0.50 11.56 ? 44   SER X CB  1 
ATOM   354  C CB  B SER A 1 44  ? -2.151  17.857  -14.965 0.50 11.81 ? 44   SER X CB  1 
ATOM   355  O OG  A SER A 1 44  ? -2.775  18.925  -15.750 0.50 10.96 ? 44   SER X OG  1 
ATOM   356  O OG  B SER A 1 44  ? -0.933  18.120  -15.626 0.50 12.76 ? 44   SER X OG  1 
ATOM   357  N N   . GLU A 1 45  ? -1.822  15.051  -13.711 1.00 10.62 ? 45   GLU X N   1 
ATOM   358  C CA  . GLU A 1 45  ? -0.968  13.964  -13.198 1.00 10.76 ? 45   GLU X CA  1 
ATOM   359  C C   . GLU A 1 45  ? -1.279  12.646  -13.923 1.00 10.72 ? 45   GLU X C   1 
ATOM   360  O O   . GLU A 1 45  ? -0.376  11.885  -14.266 1.00 10.36 ? 45   GLU X O   1 
ATOM   361  C CB  . GLU A 1 45  ? -1.081  13.805  -11.677 1.00 10.87 ? 45   GLU X CB  1 
ATOM   362  C CG  . GLU A 1 45  ? -0.547  15.009  -10.901 1.00 11.55 ? 45   GLU X CG  1 
ATOM   363  C CD  . GLU A 1 45  ? 0.924   15.254  -11.187 1.00 14.21 ? 45   GLU X CD  1 
ATOM   364  O OE1 . GLU A 1 45  ? 1.741   14.361  -10.887 1.00 15.84 ? 45   GLU X OE1 1 
ATOM   365  O OE2 . GLU A 1 45  ? 1.249   16.299  -11.775 1.00 18.42 ? 45   GLU X OE2 1 
ATOM   366  N N   . LEU A 1 46  ? -2.559  12.405  -14.181 1.00 10.18 ? 46   LEU X N   1 
ATOM   367  C CA  . LEU A 1 46  ? -2.978  11.186  -14.853 1.00 10.72 ? 46   LEU X CA  1 
ATOM   368  C C   . LEU A 1 46  ? -2.394  11.137  -16.256 1.00 10.73 ? 46   LEU X C   1 
ATOM   369  O O   . LEU A 1 46  ? -1.779  10.151  -16.657 1.00 10.89 ? 46   LEU X O   1 
ATOM   370  C CB  . LEU A 1 46  ? -4.503  11.097  -14.921 1.00 11.05 ? 46   LEU X CB  1 
ATOM   371  C CG  . LEU A 1 46  ? -5.092  9.859   -15.599 1.00 11.52 ? 46   LEU X CG  1 
ATOM   372  C CD1 . LEU A 1 46  ? -4.551  8.542   -15.007 1.00 11.67 ? 46   LEU X CD1 1 
ATOM   373  C CD2 . LEU A 1 46  ? -6.602  9.898   -15.477 1.00 12.73 ? 46   LEU X CD2 1 
ATOM   374  N N   . ASP A 1 47  ? -2.575  12.219  -16.996 1.00 10.55 ? 47   ASP X N   1 
ATOM   375  C CA  . ASP A 1 47  ? -2.029  12.330  -18.346 1.00 10.80 ? 47   ASP X CA  1 
ATOM   376  C C   . ASP A 1 47  ? -0.516  12.113  -18.384 1.00 10.76 ? 47   ASP X C   1 
ATOM   377  O O   . ASP A 1 47  ? -0.002  11.412  -19.269 1.00 11.14 ? 47   ASP X O   1 
ATOM   378  C CB  . ASP A 1 47  ? -2.395  13.703  -18.932 1.00 11.26 ? 47   ASP X CB  1 
ATOM   379  C CG  . ASP A 1 47  ? -3.891  13.837  -19.229 1.00 12.14 ? 47   ASP X CG  1 
ATOM   380  O OD1 . ASP A 1 47  ? -4.628  12.835  -19.126 1.00 12.94 ? 47   ASP X OD1 1 
ATOM   381  O OD2 . ASP A 1 47  ? -4.318  14.963  -19.593 1.00 14.92 ? 47   ASP X OD2 1 
ATOM   382  N N   . LYS A 1 48  ? 0.180   12.708  -17.416 1.00 10.80 ? 48   LYS X N   1 
ATOM   383  C CA  . LYS A 1 48  ? 1.637   12.556  -17.310 1.00 10.78 ? 48   LYS X CA  1 
ATOM   384  C C   . LYS A 1 48  ? 2.016   11.096  -17.031 1.00 10.78 ? 48   LYS X C   1 
ATOM   385  O O   . LYS A 1 48  ? 3.003   10.578  -17.581 1.00 10.51 ? 48   LYS X O   1 
ATOM   386  C CB  . LYS A 1 48  ? 2.162   13.486  -16.221 1.00 10.65 ? 48   LYS X CB  1 
ATOM   387  C CG  . LYS A 1 48  ? 3.635   13.344  -15.916 1.00 11.68 ? 48   LYS X CG  1 
ATOM   388  C CD  . LYS A 1 48  ? 4.122   14.494  -15.034 1.00 11.37 ? 48   LYS X CD  1 
ATOM   389  C CE  . LYS A 1 48  ? 3.267   14.658  -13.790 1.00 16.92 ? 48   LYS X CE  1 
ATOM   390  N NZ  . LYS A 1 48  ? 3.931   14.119  -12.623 1.00 18.17 ? 48   LYS X NZ  1 
ATOM   391  N N   . ALA A 1 49  ? 1.223   10.424  -16.190 1.00 10.11 ? 49   ALA X N   1 
ATOM   392  C CA  . ALA A 1 49  ? 1.523   9.048   -15.788 1.00 10.94 ? 49   ALA X CA  1 
ATOM   393  C C   . ALA A 1 49  ? 1.309   8.068   -16.932 1.00 11.37 ? 49   ALA X C   1 
ATOM   394  O O   . ALA A 1 49  ? 2.070   7.120   -17.097 1.00 11.67 ? 49   ALA X O   1 
ATOM   395  C CB  . ALA A 1 49  ? 0.666   8.650   -14.587 1.00 10.43 ? 49   ALA X CB  1 
ATOM   396  N N   . ILE A 1 50  ? 0.260   8.308   -17.714 1.00 11.70 ? 50   ILE X N   1 
ATOM   397  C CA  . ILE A 1 50  ? -0.137  7.407   -18.808 1.00 12.01 ? 50   ILE X CA  1 
ATOM   398  C C   . ILE A 1 50  ? 0.556   7.741   -20.146 1.00 12.55 ? 50   ILE X C   1 
ATOM   399  O O   . ILE A 1 50  ? 0.732   6.864   -21.000 1.00 12.52 ? 50   ILE X O   1 
ATOM   400  C CB  . ILE A 1 50  ? -1.704  7.428   -18.990 1.00 12.00 ? 50   ILE X CB  1 
ATOM   401  C CG1 . ILE A 1 50  ? -2.423  7.032   -17.692 1.00 13.59 ? 50   ILE X CG1 1 
ATOM   402  C CG2 . ILE A 1 50  ? -2.156  6.535   -20.142 1.00 13.51 ? 50   ILE X CG2 1 
ATOM   403  C CD1 . ILE A 1 50  ? -2.119  5.625   -17.212 1.00 14.77 ? 50   ILE X CD1 1 
ATOM   404  N N   . GLY A 1 51  ? 0.933   9.004   -20.320 1.00 12.99 ? 51   GLY X N   1 
ATOM   405  C CA  . GLY A 1 51  ? 1.578   9.458   -21.550 1.00 14.08 ? 51   GLY X CA  1 
ATOM   406  C C   . GLY A 1 51  ? 0.632   9.811   -22.687 1.00 15.08 ? 51   GLY X C   1 
ATOM   407  O O   . GLY A 1 51  ? 1.038   9.834   -23.858 1.00 16.08 ? 51   GLY X O   1 
ATOM   408  N N   . ARG A 1 52  ? -0.629  10.097  -22.362 1.00 14.61 ? 52   ARG X N   1 
ATOM   409  C CA  . ARG A 1 52  ? -1.570  10.562  -23.375 1.00 14.51 ? 52   ARG X CA  1 
ATOM   410  C C   . ARG A 1 52  ? -2.615  11.450  -22.708 1.00 14.39 ? 52   ARG X C   1 
ATOM   411  O O   . ARG A 1 52  ? -2.655  11.538  -21.467 1.00 13.27 ? 52   ARG X O   1 
ATOM   412  C CB  . ARG A 1 52  ? -2.224  9.377   -24.102 1.00 15.09 ? 52   ARG X CB  1 
ATOM   413  C CG  . ARG A 1 52  ? -3.114  8.513   -23.208 1.00 14.41 ? 52   ARG X CG  1 
ATOM   414  C CD  . ARG A 1 52  ? -3.731  7.345   -23.963 1.00 15.65 ? 52   ARG X CD  1 
ATOM   415  N NE  . ARG A 1 52  ? -4.576  6.554   -23.066 1.00 15.96 ? 52   ARG X NE  1 
ATOM   416  C CZ  . ARG A 1 52  ? -5.843  6.843   -22.791 1.00 16.55 ? 52   ARG X CZ  1 
ATOM   417  N NH1 . ARG A 1 52  ? -6.418  7.900   -23.355 1.00 16.08 ? 52   ARG X NH1 1 
ATOM   418  N NH2 . ARG A 1 52  ? -6.534  6.078   -21.941 1.00 15.93 ? 52   ARG X NH2 1 
ATOM   419  N N   . ASN A 1 53  ? -3.436  12.117  -23.523 1.00 14.73 ? 53   ASN X N   1 
ATOM   420  C CA  . ASN A 1 53  ? -4.542  12.920  -22.995 0.50 14.39 ? 53   ASN X CA  1 
ATOM   421  C C   . ASN A 1 53  ? -5.715  11.992  -22.689 1.00 14.81 ? 53   ASN X C   1 
ATOM   422  O O   . ASN A 1 53  ? -6.431  11.545  -23.590 1.00 14.21 ? 53   ASN X O   1 
ATOM   423  C CB  . ASN A 1 53  ? -4.939  14.036  -23.977 0.50 14.67 ? 53   ASN X CB  1 
ATOM   424  C CG  . ASN A 1 53  ? -5.859  15.076  -23.344 0.50 15.73 ? 53   ASN X CG  1 
ATOM   425  O OD1 . ASN A 1 53  ? -5.474  16.229  -23.147 0.50 19.28 ? 53   ASN X OD1 1 
ATOM   426  N ND2 . ASN A 1 53  ? -7.072  14.670  -23.011 0.50 15.71 ? 53   ASN X ND2 1 
ATOM   427  N N   . THR A 1 54  ? -5.896  11.680  -21.408 1.00 15.02 ? 54   THR X N   1 
ATOM   428  C CA  . THR A 1 54  ? -6.837  10.625  -21.019 1.00 15.61 ? 54   THR X CA  1 
ATOM   429  C C   . THR A 1 54  ? -8.256  11.118  -20.773 1.00 16.99 ? 54   THR X C   1 
ATOM   430  O O   . THR A 1 54  ? -9.200  10.316  -20.808 1.00 18.14 ? 54   THR X O   1 
ATOM   431  C CB  . THR A 1 54  ? -6.407  9.921   -19.717 1.00 15.38 ? 54   THR X CB  1 
ATOM   432  O OG1 . THR A 1 54  ? -6.508  10.842  -18.624 1.00 14.36 ? 54   THR X OG1 1 
ATOM   433  C CG2 . THR A 1 54  ? -4.997  9.348   -19.843 1.00 14.47 ? 54   THR X CG2 1 
ATOM   434  N N   . ASN A 1 55  ? -8.386  12.403  -20.446 1.00 18.32 ? 55   ASN X N   1 
ATOM   435  C CA  . ASN A 1 55  ? -9.679  13.003  -20.093 1.00 19.84 ? 55   ASN X CA  1 
ATOM   436  C C   . ASN A 1 55  ? -10.287 12.349  -18.826 1.00 19.32 ? 55   ASN X C   1 
ATOM   437  O O   . ASN A 1 55  ? -11.514 12.320  -18.649 1.00 20.37 ? 55   ASN X O   1 
ATOM   438  C CB  . ASN A 1 55  ? -10.631 12.921  -21.299 1.00 20.86 ? 55   ASN X CB  1 
ATOM   439  C CG  . ASN A 1 55  ? -11.868 13.797  -21.145 1.00 23.58 ? 55   ASN X CG  1 
ATOM   440  O OD1 . ASN A 1 55  ? -11.858 14.799  -20.423 1.00 28.56 ? 55   ASN X OD1 1 
ATOM   441  N ND2 . ASN A 1 55  ? -12.944 13.410  -21.827 1.00 26.35 ? 55   ASN X ND2 1 
ATOM   442  N N   . GLY A 1 56  ? -9.420  11.816  -17.962 1.00 17.85 ? 56   GLY X N   1 
ATOM   443  C CA  . GLY A 1 56  ? -9.838  11.257  -16.674 1.00 16.34 ? 56   GLY X CA  1 
ATOM   444  C C   . GLY A 1 56  ? -10.259 9.803   -16.691 1.00 15.42 ? 56   GLY X C   1 
ATOM   445  O O   . GLY A 1 56  ? -10.769 9.293   -15.682 1.00 15.00 ? 56   GLY X O   1 
ATOM   446  N N   . VAL A 1 57  ? -10.034 9.132   -17.825 1.00 14.88 ? 57   VAL X N   1 
ATOM   447  C CA  . VAL A 1 57  ? -10.405 7.724   -17.978 1.00 14.62 ? 57   VAL X CA  1 
ATOM   448  C C   . VAL A 1 57  ? -9.255  6.932   -18.582 1.00 14.08 ? 57   VAL X C   1 
ATOM   449  O O   . VAL A 1 57  ? -8.601  7.396   -19.512 1.00 14.30 ? 57   VAL X O   1 
ATOM   450  C CB  . VAL A 1 57  ? -11.657 7.543   -18.865 1.00 15.32 ? 57   VAL X CB  1 
ATOM   451  C CG1 . VAL A 1 57  ? -12.021 6.059   -18.986 1.00 16.23 ? 57   VAL X CG1 1 
ATOM   452  C CG2 . VAL A 1 57  ? -12.825 8.333   -18.296 1.00 17.95 ? 57   VAL X CG2 1 
ATOM   453  N N   . ILE A 1 58  ? -9.040  5.735   -18.047 1.00 12.99 ? 58   ILE X N   1 
ATOM   454  C CA  . ILE A 1 58  ? -8.015  4.825   -18.542 1.00 12.07 ? 58   ILE X CA  1 
ATOM   455  C C   . ILE A 1 58  ? -8.560  3.430   -18.776 1.00 12.46 ? 58   ILE X C   1 
ATOM   456  O O   . ILE A 1 58  ? -9.682  3.100   -18.359 1.00 12.36 ? 58   ILE X O   1 
ATOM   457  C CB  . ILE A 1 58  ? -6.789  4.757   -17.589 1.00 12.25 ? 58   ILE X CB  1 
ATOM   458  C CG1 . ILE A 1 58  ? -7.177  4.214   -16.201 1.00 11.98 ? 58   ILE X CG1 1 
ATOM   459  C CG2 . ILE A 1 58  ? -6.139  6.137   -17.467 1.00 11.36 ? 58   ILE X CG2 1 
ATOM   460  C CD1 . ILE A 1 58  ? -5.961  3.860   -15.336 1.00 11.53 ? 58   ILE X CD1 1 
ATOM   461  N N   . THR A 1 59  ? -7.756  2.609   -19.446 1.00 12.19 ? 59   THR X N   1 
ATOM   462  C CA  . THR A 1 59  ? -8.135  1.223   -19.673 1.00 13.00 ? 59   THR X CA  1 
ATOM   463  C C   . THR A 1 59  ? -7.634  0.300   -18.550 1.00 13.22 ? 59   THR X C   1 
ATOM   464  O O   . THR A 1 59  ? -6.789  0.684   -17.722 1.00 13.23 ? 59   THR X O   1 
ATOM   465  C CB  . THR A 1 59  ? -7.556  0.713   -21.015 1.00 12.84 ? 59   THR X CB  1 
ATOM   466  O OG1 . THR A 1 59  ? -6.126  0.620   -20.899 1.00 13.38 ? 59   THR X OG1 1 
ATOM   467  C CG2 . THR A 1 59  ? -7.913  1.664   -22.172 1.00 13.71 ? 59   THR X CG2 1 
ATOM   468  N N   . LYS A 1 60  ? -8.124  -0.940  -18.549 1.00 13.19 ? 60   LYS X N   1 
ATOM   469  C CA  . LYS A 1 60  ? -7.643  -1.924  -17.583 1.00 13.34 ? 60   LYS X CA  1 
ATOM   470  C C   . LYS A 1 60  ? -6.153  -2.183  -17.739 1.00 13.01 ? 60   LYS X C   1 
ATOM   471  O O   . LYS A 1 60  ? -5.434  -2.227  -16.749 1.00 12.28 ? 60   LYS X O   1 
ATOM   472  C CB  . LYS A 1 60  ? -8.436  -3.229  -17.667 1.00 14.55 ? 60   LYS X CB  1 
ATOM   473  C CG  . LYS A 1 60  ? -8.084  -4.177  -16.540 1.00 15.56 ? 60   LYS X CG  1 
ATOM   474  C CD  . LYS A 1 60  ? -9.002  -5.391  -16.505 1.00 18.58 ? 60   LYS X CD  1 
ATOM   475  C CE  . LYS A 1 60  ? -8.524  -6.407  -15.478 1.00 20.39 ? 60   LYS X CE  1 
ATOM   476  N N   . ASP A 1 61  ? -5.683  -2.337  -18.980 1.00 13.02 ? 61   ASP X N   1 
ATOM   477  C CA  . ASP A 1 61  ? -4.257  -2.564  -19.217 1.00 13.09 ? 61   ASP X CA  1 
ATOM   478  C C   . ASP A 1 61  ? -3.435  -1.407  -18.647 1.00 12.14 ? 61   ASP X C   1 
ATOM   479  O O   . ASP A 1 61  ? -2.387  -1.623  -18.029 1.00 12.33 ? 61   ASP X O   1 
ATOM   480  C CB  . ASP A 1 61  ? -3.931  -2.723  -20.707 1.00 13.77 ? 61   ASP X CB  1 
ATOM   481  C CG  . ASP A 1 61  ? -4.320  -4.087  -21.265 1.00 17.66 ? 61   ASP X CG  1 
ATOM   482  O OD1 . ASP A 1 61  ? -4.827  -4.948  -20.504 1.00 18.26 ? 61   ASP X OD1 1 
ATOM   483  O OD2 . ASP A 1 61  ? -4.118  -4.284  -22.487 1.00 20.59 ? 61   ASP X OD2 1 
ATOM   484  N N   . GLU A 1 62  ? -3.933  -0.185  -18.834 1.00 12.06 ? 62   GLU X N   1 
ATOM   485  C CA  . GLU A 1 62  ? -3.232  0.995   -18.322 1.00 11.42 ? 62   GLU X CA  1 
ATOM   486  C C   . GLU A 1 62  ? -3.221  0.997   -16.802 1.00 11.49 ? 62   GLU X C   1 
ATOM   487  O O   . GLU A 1 62  ? -2.197  1.309   -16.195 1.00 10.83 ? 62   GLU X O   1 
ATOM   488  C CB  . GLU A 1 62  ? -3.863  2.274   -18.864 1.00 11.39 ? 62   GLU X CB  1 
ATOM   489  C CG  . GLU A 1 62  ? -3.525  2.496   -20.340 1.00 12.63 ? 62   GLU X CG  1 
ATOM   490  C CD  . GLU A 1 62  ? -4.320  3.620   -20.993 1.00 14.35 ? 62   GLU X CD  1 
ATOM   491  O OE1 . GLU A 1 62  ? -5.418  3.986   -20.511 1.00 13.54 ? 62   GLU X OE1 1 
ATOM   492  O OE2 . GLU A 1 62  ? -3.858  4.122   -22.044 1.00 15.07 ? 62   GLU X OE2 1 
ATOM   493  N N   . ALA A 1 63  ? -4.351  0.638   -16.191 1.00 11.03 ? 63   ALA X N   1 
ATOM   494  C CA  . ALA A 1 63  ? -4.414  0.549   -14.729 1.00 10.87 ? 63   ALA X CA  1 
ATOM   495  C C   . ALA A 1 63  ? -3.417  -0.473  -14.190 1.00 10.52 ? 63   ALA X C   1 
ATOM   496  O O   . ALA A 1 63  ? -2.727  -0.233  -13.180 1.00 10.95 ? 63   ALA X O   1 
ATOM   497  C CB  . ALA A 1 63  ? -5.820  0.211   -14.259 1.00 11.15 ? 63   ALA X CB  1 
ATOM   498  N N   . GLU A 1 64  ? -3.347  -1.619  -14.869 1.00 9.72  ? 64   GLU X N   1 
ATOM   499  C CA  . GLU A 1 64  ? -2.444  -2.672  -14.452 1.00 10.59 ? 64   GLU X CA  1 
ATOM   500  C C   . GLU A 1 64  ? -0.970  -2.284  -14.627 1.00 10.65 ? 64   GLU X C   1 
ATOM   501  O O   . GLU A 1 64  ? -0.121  -2.640  -13.797 1.00 10.62 ? 64   GLU X O   1 
ATOM   502  C CB  . GLU A 1 64  ? -2.797  -3.959  -15.178 1.00 10.85 ? 64   GLU X CB  1 
ATOM   503  C CG  . GLU A 1 64  ? -4.128  -4.509  -14.654 1.00 11.97 ? 64   GLU X CG  1 
ATOM   504  C CD  . GLU A 1 64  ? -4.597  -5.762  -15.381 1.00 15.43 ? 64   GLU X CD  1 
ATOM   505  O OE1 . GLU A 1 64  ? -4.131  -6.001  -16.520 1.00 16.35 ? 64   GLU X OE1 1 
ATOM   506  O OE2 . GLU A 1 64  ? -5.437  -6.498  -14.806 1.00 16.82 ? 64   GLU X OE2 1 
ATOM   507  N N   . LYS A 1 65  ? -0.691  -1.510  -15.673 1.00 10.98 ? 65   LYS X N   1 
ATOM   508  C CA  . LYS A 1 65  ? 0.665   -1.004  -15.890 1.00 11.72 ? 65   LYS X CA  1 
ATOM   509  C C   . LYS A 1 65  ? 1.105   -0.084  -14.747 1.00 10.98 ? 65   LYS X C   1 
ATOM   510  O O   . LYS A 1 65  ? 2.193   -0.254  -14.181 1.00 11.64 ? 65   LYS X O   1 
ATOM   511  C CB  . LYS A 1 65  ? 0.772   -0.312  -17.250 1.00 12.10 ? 65   LYS X CB  1 
ATOM   512  C CG  . LYS A 1 65  ? 2.184   0.065   -17.589 1.00 13.61 ? 65   LYS X CG  1 
ATOM   513  C CD  . LYS A 1 65  ? 2.328   0.634   -18.975 1.00 16.19 ? 65   LYS X CD  1 
ATOM   514  C CE  . LYS A 1 65  ? 3.811   0.968   -19.180 1.00 20.70 ? 65   LYS X CE  1 
ATOM   515  N NZ  . LYS A 1 65  ? 4.276   0.797   -20.558 1.00 21.52 ? 65   LYS X NZ  1 
ATOM   516  N N   . LEU A 1 66  ? 0.257   0.877   -14.388 1.00 11.73 ? 66   LEU X N   1 
ATOM   517  C CA  . LEU A 1 66  ? 0.573   1.752   -13.248 1.00 11.22 ? 66   LEU X CA  1 
ATOM   518  C C   . LEU A 1 66  ? 0.762   0.952   -11.959 1.00 10.86 ? 66   LEU X C   1 
ATOM   519  O O   . LEU A 1 66  ? 1.677   1.218   -11.175 1.00 10.99 ? 66   LEU X O   1 
ATOM   520  C CB  . LEU A 1 66  ? -0.514  2.808   -13.050 1.00 12.38 ? 66   LEU X CB  1 
ATOM   521  C CG  . LEU A 1 66  ? -0.656  3.875   -14.139 1.00 12.96 ? 66   LEU X CG  1 
ATOM   522  C CD1 . LEU A 1 66  ? -1.730  4.852   -13.702 1.00 14.50 ? 66   LEU X CD1 1 
ATOM   523  C CD2 . LEU A 1 66  ? 0.657   4.608   -14.401 1.00 14.26 ? 66   LEU X CD2 1 
ATOM   524  N N   . PHE A 1 67  ? -0.099  -0.044  -11.773 1.00 10.32 ? 67   PHE X N   1 
ATOM   525  C CA  . PHE A 1 67  ? -0.076  -0.890  -10.578 1.00 10.77 ? 67   PHE X CA  1 
ATOM   526  C C   . PHE A 1 67  ? 1.256   -1.612  -10.446 1.00 10.69 ? 67   PHE X C   1 
ATOM   527  O O   . PHE A 1 67  ? 1.870   -1.588  -9.381  1.00 9.27  ? 67   PHE X O   1 
ATOM   528  C CB  . PHE A 1 67  ? -1.253  -1.858  -10.661 1.00 10.97 ? 67   PHE X CB  1 
ATOM   529  C CG  . PHE A 1 67  ? -1.417  -2.742  -9.465  1.00 12.27 ? 67   PHE X CG  1 
ATOM   530  C CD1 . PHE A 1 67  ? -1.281  -2.232  -8.169  1.00 12.86 ? 67   PHE X CD1 1 
ATOM   531  C CD2 . PHE A 1 67  ? -1.756  -4.092  -9.638  1.00 12.17 ? 67   PHE X CD2 1 
ATOM   532  C CE1 . PHE A 1 67  ? -1.470  -3.057  -7.053  1.00 14.48 ? 67   PHE X CE1 1 
ATOM   533  C CE2 . PHE A 1 67  ? -1.945  -4.921  -8.533  1.00 12.75 ? 67   PHE X CE2 1 
ATOM   534  C CZ  . PHE A 1 67  ? -1.804  -4.406  -7.238  1.00 13.75 ? 67   PHE X CZ  1 
ATOM   535  N N   . ASN A 1 68  ? 1.704   -2.249  -11.524 1.00 11.19 ? 68   ASN X N   1 
ATOM   536  C CA  . ASN A 1 68  ? 2.969   -2.959  -11.508 1.00 12.29 ? 68   ASN X CA  1 
ATOM   537  C C   . ASN A 1 68  ? 4.112   -1.997  -11.169 1.00 11.56 ? 68   ASN X C   1 
ATOM   538  O O   . ASN A 1 68  ? 5.006   -2.306  -10.363 1.00 12.04 ? 68   ASN X O   1 
ATOM   539  C CB  . ASN A 1 68  ? 3.182   -3.642  -12.854 1.00 12.20 ? 68   ASN X CB  1 
ATOM   540  C CG  . ASN A 1 68  ? 4.378   -4.604  -12.864 1.00 15.73 ? 68   ASN X CG  1 
ATOM   541  O OD1 . ASN A 1 68  ? 5.292   -4.551  -12.015 1.00 22.59 ? 68   ASN X OD1 1 
ATOM   542  N ND2 . ASN A 1 68  ? 4.396   -5.458  -13.865 1.00 16.43 ? 68   ASN X ND2 1 
ATOM   543  N N   . GLN A 1 69  ? 4.074   -0.809  -11.763 1.00 11.79 ? 69   GLN X N   1 
ATOM   544  C CA  . GLN A 1 69  ? 5.090   0.183   -11.473 1.00 11.61 ? 69   GLN X CA  1 
ATOM   545  C C   . GLN A 1 69  ? 5.069   0.564   -9.992  1.00 11.64 ? 69   GLN X C   1 
ATOM   546  O O   . GLN A 1 69  ? 6.109   0.719   -9.363  1.00 12.02 ? 69   GLN X O   1 
ATOM   547  C CB  . GLN A 1 69  ? 4.853   1.426   -12.325 1.00 11.60 ? 69   GLN X CB  1 
ATOM   548  C CG  . GLN A 1 69  ? 5.096   1.135   -13.797 1.00 10.73 ? 69   GLN X CG  1 
ATOM   549  C CD  . GLN A 1 69  ? 4.956   2.345   -14.703 1.00 10.33 ? 69   GLN X CD  1 
ATOM   550  O OE1 . GLN A 1 69  ? 5.416   2.305   -15.855 1.00 10.95 ? 69   GLN X OE1 1 
ATOM   551  N NE2 . GLN A 1 69  ? 4.295   3.410   -14.207 1.00 12.10 ? 69   GLN X NE2 1 
ATOM   552  N N   . ASP A 1 70  ? 3.857   0.745   -9.455  1.00 11.26 ? 70   ASP X N   1 
ATOM   553  C CA  . ASP A 1 70  ? 3.660   1.186   -8.083  1.00 11.15 ? 70   ASP X CA  1 
ATOM   554  C C   . ASP A 1 70  ? 4.143   0.133   -7.081  1.00 10.93 ? 70   ASP X C   1 
ATOM   555  O O   . ASP A 1 70  ? 4.811   0.480   -6.112  1.00 11.72 ? 70   ASP X O   1 
ATOM   556  C CB  . ASP A 1 70  ? 2.182   1.524   -7.813  1.00 11.31 ? 70   ASP X CB  1 
ATOM   557  C CG  . ASP A 1 70  ? 1.693   2.792   -8.559  1.00 11.74 ? 70   ASP X CG  1 
ATOM   558  O OD1 . ASP A 1 70  ? 2.511   3.602   -9.069  1.00 12.43 ? 70   ASP X OD1 1 
ATOM   559  O OD2 . ASP A 1 70  ? 0.445   2.958   -8.620  1.00 12.12 ? 70   ASP X OD2 1 
ATOM   560  N N   . VAL A 1 71  ? 3.845   -1.142  -7.345  1.00 11.60 ? 71   VAL X N   1 
ATOM   561  C CA  . VAL A 1 71  ? 4.286   -2.225  -6.444  1.00 11.29 ? 71   VAL X CA  1 
ATOM   562  C C   . VAL A 1 71  ? 5.817   -2.292  -6.452  1.00 11.71 ? 71   VAL X C   1 
ATOM   563  O O   . VAL A 1 71  ? 6.452   -2.297  -5.397  1.00 11.25 ? 71   VAL X O   1 
ATOM   564  C CB  . VAL A 1 71  ? 3.688   -3.587  -6.867  1.00 11.90 ? 71   VAL X CB  1 
ATOM   565  C CG1 . VAL A 1 71  ? 4.215   -4.700  -5.985  1.00 11.36 ? 71   VAL X CG1 1 
ATOM   566  C CG2 . VAL A 1 71  ? 2.146   -3.522  -6.844  1.00 11.00 ? 71   VAL X CG2 1 
ATOM   567  N N   . ASP A 1 72  ? 6.392   -2.283  -7.657  1.00 12.05 ? 72   ASP X N   1 
ATOM   568  C CA  . ASP A 1 72  ? 7.846   -2.325  -7.856  1.00 12.84 ? 72   ASP X CA  1 
ATOM   569  C C   . ASP A 1 72  ? 8.501   -1.165  -7.077  1.00 13.24 ? 72   ASP X C   1 
ATOM   570  O O   . ASP A 1 72  ? 9.413   -1.376  -6.265  1.00 13.74 ? 72   ASP X O   1 
ATOM   571  C CB  . ASP A 1 72  ? 8.121   -2.226  -9.367  1.00 13.05 ? 72   ASP X CB  1 
ATOM   572  C CG  . ASP A 1 72  ? 9.535   -2.597  -9.751  0.50 14.59 ? 72   ASP X CG  1 
ATOM   573  O OD1 . ASP A 1 72  ? 10.188  -3.338  -8.997  0.50 16.31 ? 72   ASP X OD1 1 
ATOM   574  O OD2 . ASP A 1 72  ? 9.981   -2.156  -10.840 0.50 15.83 ? 72   ASP X OD2 1 
ATOM   575  N N   . ALA A 1 73  ? 8.020   0.060   -7.317  1.00 13.42 ? 73   ALA X N   1 
ATOM   576  C CA  . ALA A 1 73  ? 8.569   1.242   -6.650  1.00 13.76 ? 73   ALA X CA  1 
ATOM   577  C C   . ALA A 1 73  ? 8.444   1.167   -5.120  1.00 13.72 ? 73   ALA X C   1 
ATOM   578  O O   . ALA A 1 73  ? 9.347   1.636   -4.391  1.00 13.76 ? 73   ALA X O   1 
ATOM   579  C CB  . ALA A 1 73  ? 7.918   2.526   -7.184  1.00 14.48 ? 73   ALA X CB  1 
ATOM   580  N N   . ALA A 1 74  ? 7.339   0.586   -4.634  1.00 13.27 ? 74   ALA X N   1 
ATOM   581  C CA  . ALA A 1 74  ? 7.145   0.423   -3.190  1.00 13.07 ? 74   ALA X CA  1 
ATOM   582  C C   . ALA A 1 74  ? 8.264   -0.455  -2.622  1.00 13.31 ? 74   ALA X C   1 
ATOM   583  O O   . ALA A 1 74  ? 8.896   -0.104  -1.620  1.00 13.28 ? 74   ALA X O   1 
ATOM   584  C CB  . ALA A 1 74  ? 5.755   -0.180  -2.868  1.00 13.30 ? 74   ALA X CB  1 
ATOM   585  N N   . VAL A 1 75  ? 8.530   -1.576  -3.288  1.00 12.47 ? 75   VAL X N   1 
ATOM   586  C CA  . VAL A 1 75  ? 9.601   -2.483  -2.833  1.00 12.99 ? 75   VAL X CA  1 
ATOM   587  C C   . VAL A 1 75  ? 10.963  -1.791  -2.902  1.00 13.86 ? 75   VAL X C   1 
ATOM   588  O O   . VAL A 1 75  ? 11.734  -1.824  -1.933  1.00 13.84 ? 75   VAL X O   1 
ATOM   589  C CB  . VAL A 1 75  ? 9.634   -3.787  -3.644  1.00 13.20 ? 75   VAL X CB  1 
ATOM   590  C CG1 . VAL A 1 75  ? 10.809  -4.658  -3.190  1.00 12.53 ? 75   VAL X CG1 1 
ATOM   591  C CG2 . VAL A 1 75  ? 8.315   -4.534  -3.483  1.00 12.19 ? 75   VAL X CG2 1 
ATOM   592  N N   . ARG A 1 76  ? 11.257  -1.178  -4.052  1.00 14.32 ? 76   ARG X N   1 
ATOM   593  C CA  A ARG A 1 76  ? 12.555  -0.522  -4.223  0.50 15.01 ? 76   ARG X CA  1 
ATOM   594  C CA  B ARG A 1 76  ? 12.530  -0.483  -4.274  0.50 15.35 ? 76   ARG X CA  1 
ATOM   595  C C   . ARG A 1 76  ? 12.758  0.559   -3.166  1.00 15.19 ? 76   ARG X C   1 
ATOM   596  O O   . ARG A 1 76  ? 13.858  0.695   -2.622  1.00 15.81 ? 76   ARG X O   1 
ATOM   597  C CB  A ARG A 1 76  ? 12.753  0.016   -5.648  0.50 14.89 ? 76   ARG X CB  1 
ATOM   598  C CB  B ARG A 1 76  ? 12.566  0.153   -5.682  0.50 15.15 ? 76   ARG X CB  1 
ATOM   599  C CG  A ARG A 1 76  ? 12.954  -1.079  -6.698  0.50 15.38 ? 76   ARG X CG  1 
ATOM   600  C CG  B ARG A 1 76  ? 12.419  -0.861  -6.843  0.50 15.93 ? 76   ARG X CG  1 
ATOM   601  C CD  A ARG A 1 76  ? 14.023  -2.126  -6.294  0.50 14.47 ? 76   ARG X CD  1 
ATOM   602  C CD  B ARG A 1 76  ? 12.734  -0.272  -8.224  0.50 16.56 ? 76   ARG X CD  1 
ATOM   603  N NE  A ARG A 1 76  ? 15.412  -1.693  -6.511  0.50 15.23 ? 76   ARG X NE  1 
ATOM   604  N NE  B ARG A 1 76  ? 11.566  0.268   -8.933  0.50 18.98 ? 76   ARG X NE  1 
ATOM   605  C CZ  A ARG A 1 76  ? 15.994  -1.534  -7.701  0.50 14.64 ? 76   ARG X CZ  1 
ATOM   606  C CZ  B ARG A 1 76  ? 11.168  1.538   -8.879  0.50 19.70 ? 76   ARG X CZ  1 
ATOM   607  N NH1 A ARG A 1 76  ? 17.271  -1.155  -7.767  0.50 12.89 ? 76   ARG X NH1 1 
ATOM   608  N NH1 B ARG A 1 76  ? 10.109  1.926   -9.574  0.50 21.48 ? 76   ARG X NH1 1 
ATOM   609  N NH2 A ARG A 1 76  ? 15.318  -1.753  -8.829  0.50 17.05 ? 76   ARG X NH2 1 
ATOM   610  N NH2 B ARG A 1 76  ? 11.817  2.430   -8.132  0.50 18.25 ? 76   ARG X NH2 1 
ATOM   611  N N   . GLY A 1 77  ? 11.692  1.286   -2.823  1.00 14.61 ? 77   GLY X N   1 
ATOM   612  C CA  . GLY A 1 77  ? 11.739  2.284   -1.753  1.00 15.55 ? 77   GLY X CA  1 
ATOM   613  C C   . GLY A 1 77  ? 12.060  1.677   -0.394  1.00 15.54 ? 77   GLY X C   1 
ATOM   614  O O   . GLY A 1 77  ? 12.923  2.167   0.340   1.00 15.71 ? 77   GLY X O   1 
ATOM   615  N N   . ILE A 1 78  ? 11.355  0.599   -0.056  1.00 14.72 ? 78   ILE X N   1 
ATOM   616  C CA  . ILE A 1 78  ? 11.628  -0.135  1.175   1.00 14.60 ? 78   ILE X CA  1 
ATOM   617  C C   . ILE A 1 78  ? 13.114  -0.488  1.291   1.00 15.71 ? 78   ILE X C   1 
ATOM   618  O O   . ILE A 1 78  ? 13.728  -0.272  2.349   1.00 16.52 ? 78   ILE X O   1 
ATOM   619  C CB  . ILE A 1 78  ? 10.739  -1.412  1.283   1.00 14.60 ? 78   ILE X CB  1 
ATOM   620  C CG1 . ILE A 1 78  ? 9.303   -1.019  1.656   1.00 12.79 ? 78   ILE X CG1 1 
ATOM   621  C CG2 . ILE A 1 78  ? 11.305  -2.382  2.316   1.00 12.84 ? 78   ILE X CG2 1 
ATOM   622  C CD1 . ILE A 1 78  ? 8.264   -2.125  1.390   1.00 14.35 ? 78   ILE X CD1 1 
ATOM   623  N N   . LEU A 1 79  ? 13.677  -1.028  0.209   1.00 16.30 ? 79   LEU X N   1 
ATOM   624  C CA  . LEU A 1 79  ? 15.074  -1.486  0.206   1.00 17.57 ? 79   LEU X CA  1 
ATOM   625  C C   . LEU A 1 79  ? 16.074  -0.331  0.354   1.00 18.47 ? 79   LEU X C   1 
ATOM   626  O O   . LEU A 1 79  ? 17.214  -0.554  0.782   1.00 18.90 ? 79   LEU X O   1 
ATOM   627  C CB  . LEU A 1 79  ? 15.367  -2.362  -1.021  1.00 17.39 ? 79   LEU X CB  1 
ATOM   628  C CG  . LEU A 1 79  ? 14.533  -3.652  -1.132  1.00 17.85 ? 79   LEU X CG  1 
ATOM   629  C CD1 . LEU A 1 79  ? 14.805  -4.391  -2.439  1.00 19.25 ? 79   LEU X CD1 1 
ATOM   630  C CD2 . LEU A 1 79  ? 14.811  -4.591  0.048   1.00 19.20 ? 79   LEU X CD2 1 
ATOM   631  N N   . ARG A 1 80  ? 15.633  0.890   0.036   1.00 18.89 ? 80   ARG X N   1 
ATOM   632  C CA  A ARG A 1 80  ? 16.476  2.087   0.179   0.50 19.73 ? 80   ARG X CA  1 
ATOM   633  C CA  B ARG A 1 80  ? 16.461  2.097   0.160   0.50 19.65 ? 80   ARG X CA  1 
ATOM   634  C C   . ARG A 1 80  ? 16.305  2.807   1.514   1.00 19.90 ? 80   ARG X C   1 
ATOM   635  O O   . ARG A 1 80  ? 17.031  3.774   1.818   1.00 20.23 ? 80   ARG X O   1 
ATOM   636  C CB  A ARG A 1 80  ? 16.226  3.059   -0.977  0.50 19.94 ? 80   ARG X CB  1 
ATOM   637  C CB  B ARG A 1 80  ? 16.128  3.069   -0.980  0.50 19.61 ? 80   ARG X CB  1 
ATOM   638  C CG  A ARG A 1 80  ? 16.861  2.595   -2.265  0.50 21.17 ? 80   ARG X CG  1 
ATOM   639  C CG  B ARG A 1 80  ? 16.874  2.798   -2.296  0.50 20.32 ? 80   ARG X CG  1 
ATOM   640  C CD  A ARG A 1 80  ? 16.771  3.634   -3.360  0.50 22.98 ? 80   ARG X CD  1 
ATOM   641  C CD  B ARG A 1 80  ? 16.359  3.691   -3.437  0.50 19.99 ? 80   ARG X CD  1 
ATOM   642  N NE  A ARG A 1 80  ? 16.939  2.989   -4.656  0.50 23.75 ? 80   ARG X NE  1 
ATOM   643  N NE  B ARG A 1 80  ? 15.440  4.695   -2.915  0.50 20.50 ? 80   ARG X NE  1 
ATOM   644  C CZ  A ARG A 1 80  ? 15.960  2.791   -5.531  0.50 23.97 ? 80   ARG X CZ  1 
ATOM   645  C CZ  B ARG A 1 80  ? 14.203  4.910   -3.357  0.50 20.72 ? 80   ARG X CZ  1 
ATOM   646  N NH1 A ARG A 1 80  ? 14.729  3.216   -5.274  0.50 24.91 ? 80   ARG X NH1 1 
ATOM   647  N NH1 B ARG A 1 80  ? 13.723  4.234   -4.396  0.50 18.82 ? 80   ARG X NH1 1 
ATOM   648  N NH2 A ARG A 1 80  ? 16.222  2.178   -6.672  0.50 25.89 ? 80   ARG X NH2 1 
ATOM   649  N NH2 B ARG A 1 80  ? 13.454  5.829   -2.762  0.50 20.11 ? 80   ARG X NH2 1 
ATOM   650  N N   . ASN A 1 81  ? 15.358  2.343   2.323   1.00 19.93 ? 81   ASN X N   1 
ATOM   651  C CA  . ASN A 1 81  ? 15.047  2.973   3.593   1.00 19.72 ? 81   ASN X CA  1 
ATOM   652  C C   . ASN A 1 81  ? 15.712  2.239   4.764   1.00 19.63 ? 81   ASN X C   1 
ATOM   653  O O   . ASN A 1 81  ? 15.379  1.089   5.059   1.00 19.41 ? 81   ASN X O   1 
ATOM   654  C CB  . ASN A 1 81  ? 13.524  3.048   3.764   1.00 20.43 ? 81   ASN X CB  1 
ATOM   655  C CG  . ASN A 1 81  ? 13.102  3.874   4.966   1.00 21.53 ? 81   ASN X CG  1 
ATOM   656  O OD1 . ASN A 1 81  ? 13.645  3.725   6.067   1.00 25.07 ? 81   ASN X OD1 1 
ATOM   657  N ND2 . ASN A 1 81  ? 12.107  4.736   4.770   1.00 24.15 ? 81   ASN X ND2 1 
ATOM   658  N N   . ALA A 1 82  ? 16.633  2.917   5.443   1.00 19.35 ? 82   ALA X N   1 
ATOM   659  C CA  . ALA A 1 82  ? 17.406  2.318   6.546   1.00 19.74 ? 82   ALA X CA  1 
ATOM   660  C C   . ALA A 1 82  ? 16.550  1.826   7.719   1.00 19.40 ? 82   ALA X C   1 
ATOM   661  O O   . ALA A 1 82  ? 16.962  0.922   8.453   1.00 19.96 ? 82   ALA X O   1 
ATOM   662  C CB  . ALA A 1 82  ? 18.471  3.303   7.040   1.00 20.18 ? 82   ALA X CB  1 
ATOM   663  N N   . LYS A 1 83  ? 15.374  2.426   7.895   1.00 19.43 ? 83   LYS X N   1 
ATOM   664  C CA  . LYS A 1 83  ? 14.434  2.012   8.938   1.00 19.41 ? 83   LYS X CA  1 
ATOM   665  C C   . LYS A 1 83  ? 13.612  0.777   8.548   1.00 19.31 ? 83   LYS X C   1 
ATOM   666  O O   . LYS A 1 83  ? 13.152  0.035   9.434   1.00 20.41 ? 83   LYS X O   1 
ATOM   667  C CB  . LYS A 1 83  ? 13.480  3.153   9.315   1.00 20.55 ? 83   LYS X CB  1 
ATOM   668  C CG  . LYS A 1 83  ? 14.166  4.427   9.840   1.00 21.13 ? 83   LYS X CG  1 
ATOM   669  N N   . LEU A 1 84  ? 13.401  0.567   7.248   1.00 16.70 ? 84   LEU X N   1 
ATOM   670  C CA  . LEU A 1 84  ? 12.522  -0.518  6.779   1.00 15.21 ? 84   LEU X CA  1 
ATOM   671  C C   . LEU A 1 84  ? 13.281  -1.730  6.247   1.00 14.18 ? 84   LEU X C   1 
ATOM   672  O O   . LEU A 1 84  ? 12.836  -2.871  6.418   1.00 14.28 ? 84   LEU X O   1 
ATOM   673  C CB  . LEU A 1 84  ? 11.544  -0.018  5.689   1.00 15.00 ? 84   LEU X CB  1 
ATOM   674  C CG  . LEU A 1 84  ? 10.697  1.216   6.044   1.00 15.68 ? 84   LEU X CG  1 
ATOM   675  C CD1 . LEU A 1 84  ? 9.733   1.629   4.916   1.00 16.33 ? 84   LEU X CD1 1 
ATOM   676  C CD2 . LEU A 1 84  ? 9.945   0.934   7.339   1.00 16.64 ? 84   LEU X CD2 1 
ATOM   677  N N   . LYS A 1 85  ? 14.394  -1.494  5.556   1.00 13.12 ? 85   LYS X N   1 
ATOM   678  C CA  . LYS A 1 85  ? 15.144  -2.613  4.969   1.00 13.52 ? 85   LYS X CA  1 
ATOM   679  C C   . LYS A 1 85  ? 15.430  -3.784  5.933   1.00 13.13 ? 85   LYS X C   1 
ATOM   680  O O   . LYS A 1 85  ? 15.165  -4.937  5.566   1.00 12.96 ? 85   LYS X O   1 
ATOM   681  C CB  . LYS A 1 85  ? 16.435  -2.142  4.287   1.00 13.51 ? 85   LYS X CB  1 
ATOM   682  C CG  . LYS A 1 85  ? 17.154  -3.281  3.569   1.00 14.92 ? 85   LYS X CG  1 
ATOM   683  C CD  . LYS A 1 85  ? 18.364  -2.760  2.811   1.00 18.65 ? 85   LYS X CD  1 
ATOM   684  C CE  . LYS A 1 85  ? 19.342  -3.861  2.441   1.00 21.36 ? 85   LYS X CE  1 
ATOM   685  N NZ  . LYS A 1 85  ? 18.737  -4.965  1.684   1.00 21.10 ? 85   LYS X NZ  1 
ATOM   686  N N   . PRO A 1 86  ? 15.964  -3.502  7.148   1.00 13.24 ? 86   PRO X N   1 
ATOM   687  C CA  . PRO A 1 86  ? 16.315  -4.616  8.054   1.00 13.58 ? 86   PRO X CA  1 
ATOM   688  C C   . PRO A 1 86  ? 15.102  -5.484  8.374   1.00 12.74 ? 86   PRO X C   1 
ATOM   689  O O   . PRO A 1 86  ? 15.201  -6.724  8.373   1.00 13.19 ? 86   PRO X O   1 
ATOM   690  C CB  . PRO A 1 86  ? 16.813  -3.915  9.322   1.00 13.96 ? 86   PRO X CB  1 
ATOM   691  C CG  . PRO A 1 86  ? 17.182  -2.512  8.899   1.00 14.50 ? 86   PRO X CG  1 
ATOM   692  C CD  . PRO A 1 86  ? 16.297  -2.182  7.738   1.00 13.94 ? 86   PRO X CD  1 
ATOM   693  N N   . VAL A 1 87  ? 13.956  -4.847  8.635   1.00 11.96 ? 87   VAL X N   1 
ATOM   694  C CA  . VAL A 1 87  ? 12.749  -5.607  9.000   1.00 12.04 ? 87   VAL X CA  1 
ATOM   695  C C   . VAL A 1 87  ? 12.269  -6.404  7.789   1.00 11.66 ? 87   VAL X C   1 
ATOM   696  O O   . VAL A 1 87  ? 12.029  -7.611  7.887   1.00 11.29 ? 87   VAL X O   1 
ATOM   697  C CB  . VAL A 1 87  ? 11.644  -4.717  9.600   1.00 12.85 ? 87   VAL X CB  1 
ATOM   698  C CG1 . VAL A 1 87  ? 10.464  -5.582  10.040  1.00 11.58 ? 87   VAL X CG1 1 
ATOM   699  C CG2 . VAL A 1 87  ? 12.216  -3.910  10.791  1.00 13.93 ? 87   VAL X CG2 1 
ATOM   700  N N   . TYR A 1 88  ? 12.205  -5.745  6.636   1.00 11.10 ? 88   TYR X N   1 
ATOM   701  C CA  . TYR A 1 88  ? 11.767  -6.397  5.398   1.00 11.32 ? 88   TYR X CA  1 
ATOM   702  C C   . TYR A 1 88  ? 12.624  -7.628  5.122   1.00 11.21 ? 88   TYR X C   1 
ATOM   703  O O   . TYR A 1 88  ? 12.104  -8.721  4.880   1.00 10.93 ? 88   TYR X O   1 
ATOM   704  C CB  . TYR A 1 88  ? 11.847  -5.399  4.239   1.00 12.38 ? 88   TYR X CB  1 
ATOM   705  C CG  . TYR A 1 88  ? 11.357  -5.937  2.929   1.00 12.23 ? 88   TYR X CG  1 
ATOM   706  C CD1 . TYR A 1 88  ? 9.985   -5.941  2.614   1.00 12.54 ? 88   TYR X CD1 1 
ATOM   707  C CD2 . TYR A 1 88  ? 12.254  -6.449  1.981   1.00 13.12 ? 88   TYR X CD2 1 
ATOM   708  C CE1 . TYR A 1 88  ? 9.523   -6.454  1.398   1.00 13.23 ? 88   TYR X CE1 1 
ATOM   709  C CE2 . TYR A 1 88  ? 11.797  -6.950  0.763   1.00 14.34 ? 88   TYR X CE2 1 
ATOM   710  C CZ  . TYR A 1 88  ? 10.435  -6.950  0.479   1.00 14.45 ? 88   TYR X CZ  1 
ATOM   711  O OH  . TYR A 1 88  ? 9.997   -7.445  -0.735  1.00 15.43 ? 88   TYR X OH  1 
ATOM   712  N N   . ASP A 1 89  ? 13.939  -7.449  5.196   1.00 11.43 ? 89   ASP X N   1 
ATOM   713  C CA  . ASP A 1 89  ? 14.863  -8.553  4.903   1.00 12.52 ? 89   ASP X CA  1 
ATOM   714  C C   . ASP A 1 89  ? 14.739  -9.709  5.915   1.00 11.47 ? 89   ASP X C   1 
ATOM   715  O O   . ASP A 1 89  ? 15.032  -10.863 5.594   1.00 11.43 ? 89   ASP X O   1 
ATOM   716  C CB  . ASP A 1 89  ? 16.295  -8.036  4.815   1.00 13.39 ? 89   ASP X CB  1 
ATOM   717  C CG  . ASP A 1 89  ? 16.577  -7.321  3.495   1.00 16.35 ? 89   ASP X CG  1 
ATOM   718  O OD1 . ASP A 1 89  ? 15.800  -7.489  2.523   1.00 20.46 ? 89   ASP X OD1 1 
ATOM   719  O OD2 . ASP A 1 89  ? 17.590  -6.595  3.444   1.00 22.89 ? 89   ASP X OD2 1 
ATOM   720  N N   . SER A 1 90  ? 14.287  -9.404  7.126   1.00 10.54 ? 90   SER X N   1 
ATOM   721  C CA  . SER A 1 90  ? 14.146  -10.424 8.174   1.00 10.40 ? 90   SER X CA  1 
ATOM   722  C C   . SER A 1 90  ? 12.907  -11.290 7.975   1.00 10.64 ? 90   SER X C   1 
ATOM   723  O O   . SER A 1 90  ? 12.791  -12.350 8.590   1.00 9.73  ? 90   SER X O   1 
ATOM   724  C CB  . SER A 1 90  ? 14.062  -9.765  9.547   1.00 10.91 ? 90   SER X CB  1 
ATOM   725  O OG  . SER A 1 90  ? 12.788  -9.177  9.758   1.00 9.04  ? 90   SER X OG  1 
ATOM   726  N N   . LEU A 1 91  ? 11.965  -10.798 7.162   1.00 10.10 ? 91   LEU X N   1 
ATOM   727  C CA  . LEU A 1 91  ? 10.653  -11.449 6.990   1.00 9.97  ? 91   LEU X CA  1 
ATOM   728  C C   . LEU A 1 91  ? 10.626  -12.535 5.924   1.00 10.03 ? 91   LEU X C   1 
ATOM   729  O O   . LEU A 1 91  ? 11.416  -12.498 4.985   1.00 10.77 ? 91   LEU X O   1 
ATOM   730  C CB  . LEU A 1 91  ? 9.563   -10.414 6.664   1.00 10.05 ? 91   LEU X CB  1 
ATOM   731  C CG  . LEU A 1 91  ? 9.328   -9.355  7.749   1.00 10.37 ? 91   LEU X CG  1 
ATOM   732  C CD1 . LEU A 1 91  ? 8.396   -8.277  7.209   1.00 12.20 ? 91   LEU X CD1 1 
ATOM   733  C CD2 . LEU A 1 91  ? 8.727   -10.044 8.972   1.00 11.20 ? 91   LEU X CD2 1 
ATOM   734  N N   . ASP A 1 92  ? 9.723   -13.509 6.104   1.00 9.78  ? 92   ASP X N   1 
ATOM   735  C CA  . ASP A 1 92  ? 9.328   -14.452 5.043   1.00 9.69  ? 92   ASP X CA  1 
ATOM   736  C C   . ASP A 1 92  ? 8.507   -13.725 3.949   1.00 9.52  ? 92   ASP X C   1 
ATOM   737  O O   . ASP A 1 92  ? 8.040   -12.593 4.152   1.00 9.87  ? 92   ASP X O   1 
ATOM   738  C CB  . ASP A 1 92  ? 8.445   -15.536 5.657   1.00 9.34  ? 92   ASP X CB  1 
ATOM   739  C CG  . ASP A 1 92  ? 7.214   -14.934 6.318   1.00 10.71 ? 92   ASP X CG  1 
ATOM   740  O OD1 . ASP A 1 92  ? 7.333   -14.485 7.492   1.00 10.26 ? 92   ASP X OD1 1 
ATOM   741  O OD2 . ASP A 1 92  ? 6.164   -14.882 5.628   1.00 10.98 ? 92   ASP X OD2 1 
ATOM   742  N N   . ALA A 1 93  ? 8.330   -14.379 2.796   1.00 9.73  ? 93   ALA X N   1 
ATOM   743  C CA  . ALA A 1 93  ? 7.667   -13.748 1.638   1.00 10.14 ? 93   ALA X CA  1 
ATOM   744  C C   . ALA A 1 93  ? 6.228   -13.299 1.897   1.00 10.14 ? 93   ALA X C   1 
ATOM   745  O O   . ALA A 1 93  ? 5.774   -12.266 1.357   1.00 10.49 ? 93   ALA X O   1 
ATOM   746  C CB  . ALA A 1 93  ? 7.701   -14.708 0.433   1.00 10.19 ? 93   ALA X CB  1 
ATOM   747  N N   . VAL A 1 94  ? 5.502   -14.044 2.721   1.00 9.27  ? 94   VAL X N   1 
ATOM   748  C CA  . VAL A 1 94  ? 4.087   -13.686 2.955   1.00 9.64  ? 94   VAL X CA  1 
ATOM   749  C C   . VAL A 1 94  ? 4.037   -12.392 3.768   1.00 9.75  ? 94   VAL X C   1 
ATOM   750  O O   . VAL A 1 94  ? 3.317   -11.453 3.441   1.00 9.36  ? 94   VAL X O   1 
ATOM   751  C CB  . VAL A 1 94  ? 3.312   -14.790 3.678   1.00 9.84  ? 94   VAL X CB  1 
ATOM   752  C CG1 . VAL A 1 94  ? 1.868   -14.353 3.960   1.00 11.03 ? 94   VAL X CG1 1 
ATOM   753  C CG2 . VAL A 1 94  ? 3.300   -16.048 2.814   1.00 11.38 ? 94   VAL X CG2 1 
ATOM   754  N N   . ARG A 1 95  ? 4.810   -12.348 4.850   1.00 9.44  ? 95   ARG X N   1 
ATOM   755  C CA  . ARG A 1 95  ? 4.850   -11.112 5.656   1.00 9.37  ? 95   ARG X CA  1 
ATOM   756  C C   . ARG A 1 95  ? 5.475   -9.920  4.910   1.00 9.33  ? 95   ARG X C   1 
ATOM   757  O O   . ARG A 1 95  ? 5.100   -8.777  5.145   1.00 8.99  ? 95   ARG X O   1 
ATOM   758  C CB  . ARG A 1 95  ? 5.540   -11.364 6.988   1.00 10.17 ? 95   ARG X CB  1 
ATOM   759  C CG  . ARG A 1 95  ? 4.762   -12.364 7.842   1.00 9.43  ? 95   ARG X CG  1 
ATOM   760  C CD  . ARG A 1 95  ? 5.450   -12.514 9.182   1.00 10.80 ? 95   ARG X CD  1 
ATOM   761  N NE  . ARG A 1 95  ? 4.659   -13.265 10.152  1.00 9.57  ? 95   ARG X NE  1 
ATOM   762  C CZ  . ARG A 1 95  ? 4.759   -14.587 10.354  1.00 12.17 ? 95   ARG X CZ  1 
ATOM   763  N NH1 . ARG A 1 95  ? 5.588   -15.332 9.616   1.00 9.54  ? 95   ARG X NH1 1 
ATOM   764  N NH2 . ARG A 1 95  ? 4.022   -15.169 11.302  1.00 10.75 ? 95   ARG X NH2 1 
ATOM   765  N N   . ARG A 1 96  ? 6.421   -10.183 4.003   1.00 9.12  ? 96   ARG X N   1 
ATOM   766  C CA  . ARG A 1 96  ? 6.923   -9.125  3.118   1.00 9.36  ? 96   ARG X CA  1 
ATOM   767  C C   . ARG A 1 96  ? 5.792   -8.449  2.340   1.00 9.22  ? 96   ARG X C   1 
ATOM   768  O O   . ARG A 1 96  ? 5.797   -7.219  2.135   1.00 9.86  ? 96   ARG X O   1 
ATOM   769  C CB  . ARG A 1 96  ? 7.984   -9.674  2.169   1.00 9.77  ? 96   ARG X CB  1 
ATOM   770  C CG  . ARG A 1 96  ? 9.333   -9.827  2.853   1.00 9.67  ? 96   ARG X CG  1 
ATOM   771  C CD  . ARG A 1 96  ? 10.373  -10.368 1.871   1.00 12.36 ? 96   ARG X CD  1 
ATOM   772  N NE  . ARG A 1 96  ? 11.640  -10.547 2.576   1.00 13.38 ? 96   ARG X NE  1 
ATOM   773  C CZ  . ARG A 1 96  ? 12.636  -11.325 2.160   1.00 17.92 ? 96   ARG X CZ  1 
ATOM   774  N NH1 . ARG A 1 96  ? 12.519  -12.008 1.034   1.00 19.55 ? 96   ARG X NH1 1 
ATOM   775  N NH2 . ARG A 1 96  ? 13.753  -11.432 2.885   1.00 18.47 ? 96   ARG X NH2 1 
ATOM   776  N N   . ALA A 1 97  ? 4.831   -9.258  1.902   1.00 8.14  ? 97   ALA X N   1 
ATOM   777  C CA  . ALA A 1 97  ? 3.678   -8.731  1.159   1.00 8.84  ? 97   ALA X CA  1 
ATOM   778  C C   . ALA A 1 97  ? 2.876   -7.798  2.054   1.00 9.29  ? 97   ALA X C   1 
ATOM   779  O O   . ALA A 1 97  ? 2.408   -6.755  1.607   1.00 9.76  ? 97   ALA X O   1 
ATOM   780  C CB  . ALA A 1 97  ? 2.826   -9.851  0.652   1.00 9.45  ? 97   ALA X CB  1 
ATOM   781  N N   . ALA A 1 98  ? 2.727   -8.165  3.332   1.00 8.52  ? 98   ALA X N   1 
ATOM   782  C CA  . ALA A 1 98  ? 2.007   -7.302  4.269   1.00 8.86  ? 98   ALA X CA  1 
ATOM   783  C C   . ALA A 1 98  ? 2.700   -5.941  4.434   1.00 9.41  ? 98   ALA X C   1 
ATOM   784  O O   . ALA A 1 98  ? 2.037   -4.899  4.510   1.00 9.62  ? 98   ALA X O   1 
ATOM   785  C CB  . ALA A 1 98  ? 1.849   -8.000  5.619   1.00 8.84  ? 98   ALA X CB  1 
ATOM   786  N N   . ALA A 1 99  ? 4.027   -5.964  4.487   1.00 9.07  ? 99   ALA X N   1 
ATOM   787  C CA  . ALA A 1 99  ? 4.832   -4.749  4.558   1.00 9.74  ? 99   ALA X CA  1 
ATOM   788  C C   . ALA A 1 99  ? 4.608   -3.877  3.315   1.00 9.80  ? 99   ALA X C   1 
ATOM   789  O O   . ALA A 1 99  ? 4.380   -2.663  3.413   1.00 9.27  ? 99   ALA X O   1 
ATOM   790  C CB  . ALA A 1 99  ? 6.310   -5.105  4.713   1.00 10.92 ? 99   ALA X CB  1 
ATOM   791  N N   . ILE A 1 100 ? 4.676   -4.493  2.139   1.00 9.82  ? 100  ILE X N   1 
ATOM   792  C CA  . ILE A 1 100 ? 4.479   -3.743  0.892   1.00 9.63  ? 100  ILE X CA  1 
ATOM   793  C C   . ILE A 1 100 ? 3.099   -3.127  0.857   1.00 9.71  ? 100  ILE X C   1 
ATOM   794  O O   . ILE A 1 100 ? 2.939   -1.969  0.444   1.00 10.39 ? 100  ILE X O   1 
ATOM   795  C CB  . ILE A 1 100 ? 4.737   -4.612  -0.355  1.00 10.06 ? 100  ILE X CB  1 
ATOM   796  C CG1 . ILE A 1 100 ? 6.186   -5.106  -0.332  1.00 10.17 ? 100  ILE X CG1 1 
ATOM   797  C CG2 . ILE A 1 100 ? 4.422   -3.829  -1.669  1.00 9.06  ? 100  ILE X CG2 1 
ATOM   798  C CD1 . ILE A 1 100 ? 6.446   -6.344  -1.177  1.00 11.42 ? 100  ILE X CD1 1 
ATOM   799  N N   . ASN A 1 101 ? 2.110   -3.885  1.337   1.00 9.50  ? 101  ASN X N   1 
ATOM   800  C CA  . ASN A 1 101 ? 0.730   -3.408  1.393   1.00 9.28  ? 101  ASN X CA  1 
ATOM   801  C C   . ASN A 1 101 ? 0.633   -2.106  2.200   1.00 9.69  ? 101  ASN X C   1 
ATOM   802  O O   . ASN A 1 101 ? 0.056   -1.101  1.730   1.00 10.42 ? 101  ASN X O   1 
ATOM   803  C CB  . ASN A 1 101 ? -0.162  -4.488  1.999   1.00 9.00  ? 101  ASN X CB  1 
ATOM   804  C CG  . ASN A 1 101 ? -1.623  -4.225  1.773   1.00 10.21 ? 101  ASN X CG  1 
ATOM   805  O OD1 . ASN A 1 101 ? -2.141  -3.154  2.138   1.00 9.70  ? 101  ASN X OD1 1 
ATOM   806  N ND2 . ASN A 1 101 ? -2.314  -5.206  1.189   1.00 10.55 ? 101  ASN X ND2 1 
ATOM   807  N N   . MET A 1 102 ? 1.224   -2.106  3.390   1.00 9.18  ? 102  MET X N   1 
ATOM   808  C CA  . MET A 1 102 ? 1.195   -0.899  4.237   1.00 10.28 ? 102  MET X CA  1 
ATOM   809  C C   . MET A 1 102 ? 1.884   0.289   3.564   1.00 10.90 ? 102  MET X C   1 
ATOM   810  O O   . MET A 1 102 ? 1.358   1.397   3.615   1.00 9.99  ? 102  MET X O   1 
ATOM   811  C CB  . MET A 1 102 ? 1.795   -1.152  5.625   1.00 10.38 ? 102  MET X CB  1 
ATOM   812  C CG  . MET A 1 102 ? 1.019   -2.171  6.441   1.00 11.00 ? 102  MET X CG  1 
ATOM   813  S SD  . MET A 1 102 ? 1.660   -2.235  8.115   1.00 12.12 ? 102  MET X SD  1 
ATOM   814  C CE  . MET A 1 102 ? 1.166   -0.635  8.752   1.00 13.44 ? 102  MET X CE  1 
ATOM   815  N N   . VAL A 1 103 ? 3.042   0.053   2.939   1.00 10.92 ? 103  VAL X N   1 
ATOM   816  C CA  . VAL A 1 103 ? 3.798   1.156   2.303   1.00 11.98 ? 103  VAL X CA  1 
ATOM   817  C C   . VAL A 1 103 ? 3.015   1.703   1.105   1.00 11.98 ? 103  VAL X C   1 
ATOM   818  O O   . VAL A 1 103 ? 2.954   2.931   0.862   1.00 12.14 ? 103  VAL X O   1 
ATOM   819  C CB  . VAL A 1 103 ? 5.220   0.735   1.914   1.00 12.31 ? 103  VAL X CB  1 
ATOM   820  C CG1 . VAL A 1 103 ? 5.906   1.855   1.128   1.00 13.93 ? 103  VAL X CG1 1 
ATOM   821  C CG2 . VAL A 1 103 ? 6.029   0.403   3.169   1.00 13.04 ? 103  VAL X CG2 1 
ATOM   822  N N   . PHE A 1 104 ? 2.405   0.789   0.351   1.00 10.85 ? 104  PHE X N   1 
ATOM   823  C CA  . PHE A 1 104 ? 1.549   1.166   -0.772  1.00 10.81 ? 104  PHE X CA  1 
ATOM   824  C C   . PHE A 1 104 ? 0.420   2.114   -0.311  1.00 11.67 ? 104  PHE X C   1 
ATOM   825  O O   . PHE A 1 104 ? 0.143   3.151   -0.955  1.00 12.32 ? 104  PHE X O   1 
ATOM   826  C CB  . PHE A 1 104 ? 0.956   -0.102  -1.389  1.00 10.50 ? 104  PHE X CB  1 
ATOM   827  C CG  . PHE A 1 104 ? 0.270   0.120   -2.709  1.00 10.13 ? 104  PHE X CG  1 
ATOM   828  C CD1 . PHE A 1 104 ? -1.057  0.541   -2.756  1.00 11.47 ? 104  PHE X CD1 1 
ATOM   829  C CD2 . PHE A 1 104 ? 0.946   -0.131  -3.906  1.00 10.40 ? 104  PHE X CD2 1 
ATOM   830  C CE1 . PHE A 1 104 ? -1.713  0.750   -3.975  1.00 12.27 ? 104  PHE X CE1 1 
ATOM   831  C CE2 . PHE A 1 104 ? 0.304   0.054   -5.127  1.00 10.69 ? 104  PHE X CE2 1 
ATOM   832  C CZ  . PHE A 1 104 ? -1.038  0.520   -5.159  1.00 11.66 ? 104  PHE X CZ  1 
ATOM   833  N N   . GLN A 1 105 ? -0.220  1.755   0.803   1.00 11.39 ? 105  GLN X N   1 
ATOM   834  C CA  . GLN A 1 105 ? -1.361  2.527   1.296   1.00 12.35 ? 105  GLN X CA  1 
ATOM   835  C C   . GLN A 1 105 ? -0.974  3.878   1.913   1.00 13.35 ? 105  GLN X C   1 
ATOM   836  O O   . GLN A 1 105 ? -1.635  4.900   1.670   1.00 13.91 ? 105  GLN X O   1 
ATOM   837  C CB  . GLN A 1 105 ? -2.133  1.725   2.334   1.00 11.85 ? 105  GLN X CB  1 
ATOM   838  C CG  . GLN A 1 105 ? -3.350  2.508   2.833   1.00 11.77 ? 105  GLN X CG  1 
ATOM   839  C CD  . GLN A 1 105 ? -4.142  1.765   3.871   1.00 13.41 ? 105  GLN X CD  1 
ATOM   840  O OE1 . GLN A 1 105 ? -3.792  0.655   4.244   1.00 11.73 ? 105  GLN X OE1 1 
ATOM   841  N NE2 . GLN A 1 105 ? -5.223  2.388   4.362   1.00 14.15 ? 105  GLN X NE2 1 
ATOM   842  N N   . MET A 1 106 ? 0.078   3.884   2.719   1.00 13.85 ? 106  MET X N   1 
ATOM   843  C CA  A MET A 1 106 ? 0.409   5.043   3.552   0.50 14.77 ? 106  MET X CA  1 
ATOM   844  C CA  B MET A 1 106 ? 0.361   5.089   3.500   0.50 14.61 ? 106  MET X CA  1 
ATOM   845  C C   . MET A 1 106 ? 1.675   5.780   3.161   1.00 14.85 ? 106  MET X C   1 
ATOM   846  O O   . MET A 1 106 ? 1.944   6.874   3.671   1.00 15.02 ? 106  MET X O   1 
ATOM   847  C CB  A MET A 1 106 ? 0.513   4.606   5.014   0.50 14.61 ? 106  MET X CB  1 
ATOM   848  C CB  B MET A 1 106 ? 0.223   4.820   5.012   0.50 14.70 ? 106  MET X CB  1 
ATOM   849  C CG  A MET A 1 106 ? -0.835  4.429   5.663   0.50 15.02 ? 106  MET X CG  1 
ATOM   850  C CG  B MET A 1 106 ? 1.192   3.814   5.575   0.50 13.72 ? 106  MET X CG  1 
ATOM   851  S SD  A MET A 1 106 ? -0.674  3.715   7.291   0.50 16.84 ? 106  MET X SD  1 
ATOM   852  S SD  B MET A 1 106 ? 0.855   3.402   7.304   0.50 16.55 ? 106  MET X SD  1 
ATOM   853  C CE  A MET A 1 106 ? -0.385  1.997   6.871   0.50 17.32 ? 106  MET X CE  1 
ATOM   854  C CE  B MET A 1 106 ? -0.433  2.180   7.118   0.50 16.14 ? 106  MET X CE  1 
ATOM   855  N N   . GLY A 1 107 ? 2.470   5.170   2.288   1.00 15.39 ? 107  GLY X N   1 
ATOM   856  C CA  . GLY A 1 107 ? 3.780   5.715   1.933   1.00 16.86 ? 107  GLY X CA  1 
ATOM   857  C C   . GLY A 1 107 ? 4.796   5.492   3.049   1.00 18.41 ? 107  GLY X C   1 
ATOM   858  O O   . GLY A 1 107 ? 4.443   5.128   4.183   1.00 17.76 ? 107  GLY X O   1 
ATOM   859  N N   . GLU A 1 108 ? 6.066   5.731   2.739   1.00 19.85 ? 108  GLU X N   1 
ATOM   860  C CA  . GLU A 1 108 ? 7.137   5.590   3.741   1.00 21.55 ? 108  GLU X CA  1 
ATOM   861  C C   . GLU A 1 108 ? 7.009   6.539   4.939   1.00 22.93 ? 108  GLU X C   1 
ATOM   862  O O   . GLU A 1 108 ? 7.274   6.137   6.085   1.00 23.13 ? 108  GLU X O   1 
ATOM   863  C CB  . GLU A 1 108 ? 8.506   5.741   3.084   1.00 21.40 ? 108  GLU X CB  1 
ATOM   864  C CG  . GLU A 1 108 ? 8.813   4.600   2.119   1.00 22.04 ? 108  GLU X CG  1 
ATOM   865  C CD  . GLU A 1 108 ? 10.181  4.709   1.498   1.00 22.16 ? 108  GLU X CD  1 
ATOM   866  O OE1 . GLU A 1 108 ? 11.075  5.338   2.101   1.00 20.50 ? 108  GLU X OE1 1 
ATOM   867  O OE2 . GLU A 1 108 ? 10.349  4.165   0.396   1.00 23.92 ? 108  GLU X OE2 1 
ATOM   868  N N   . THR A 1 109 ? 6.607   7.783   4.674   1.00 23.97 ? 109  THR X N   1 
ATOM   869  C CA  A THR A 1 109 ? 6.349   8.758   5.736   0.50 24.65 ? 109  THR X CA  1 
ATOM   870  C CA  B THR A 1 109 ? 6.354   8.752   5.742   0.50 24.59 ? 109  THR X CA  1 
ATOM   871  C C   . THR A 1 109 ? 5.179   8.290   6.600   1.00 24.95 ? 109  THR X C   1 
ATOM   872  O O   . THR A 1 109 ? 5.173   8.496   7.819   1.00 25.16 ? 109  THR X O   1 
ATOM   873  C CB  A THR A 1 109 ? 6.068   10.165  5.154   0.50 24.92 ? 109  THR X CB  1 
ATOM   874  C CB  B THR A 1 109 ? 6.069   10.180  5.204   0.50 24.85 ? 109  THR X CB  1 
ATOM   875  O OG1 A THR A 1 109 ? 7.196   10.586  4.377   0.50 25.08 ? 109  THR X OG1 1 
ATOM   876  O OG1 B THR A 1 109 ? 4.669   10.339  4.940   0.50 24.89 ? 109  THR X OG1 1 
ATOM   877  C CG2 A THR A 1 109 ? 5.803   11.197  6.263   0.50 24.98 ? 109  THR X CG2 1 
ATOM   878  C CG2 B THR A 1 109 ? 6.871   10.461  3.935   0.50 24.68 ? 109  THR X CG2 1 
ATOM   879  N N   . GLY A 1 110 ? 4.193   7.660   5.952   1.00 25.03 ? 110  GLY X N   1 
ATOM   880  C CA  . GLY A 1 110 ? 3.002   7.142   6.612   1.00 25.48 ? 110  GLY X CA  1 
ATOM   881  C C   . GLY A 1 110 ? 3.322   6.044   7.605   1.00 25.94 ? 110  GLY X C   1 
ATOM   882  O O   . GLY A 1 110 ? 2.586   5.852   8.582   1.00 26.84 ? 110  GLY X O   1 
ATOM   883  N N   . VAL A 1 111 ? 4.417   5.322   7.361   1.00 25.76 ? 111  VAL X N   1 
ATOM   884  C CA  . VAL A 1 111 ? 4.827   4.233   8.251   1.00 25.32 ? 111  VAL X CA  1 
ATOM   885  C C   . VAL A 1 111 ? 5.926   4.635   9.259   1.00 25.06 ? 111  VAL X C   1 
ATOM   886  O O   . VAL A 1 111 ? 6.429   3.770   9.983   1.00 25.05 ? 111  VAL X O   1 
ATOM   887  C CB  . VAL A 1 111 ? 5.241   2.924   7.476   1.00 25.29 ? 111  VAL X CB  1 
ATOM   888  C CG1 . VAL A 1 111 ? 4.164   2.479   6.482   1.00 25.58 ? 111  VAL X CG1 1 
ATOM   889  C CG2 . VAL A 1 111 ? 6.568   3.087   6.761   1.00 25.68 ? 111  VAL X CG2 1 
ATOM   890  N N   . ALA A 1 112 ? 6.282   5.927   9.315   1.00 24.50 ? 112  ALA X N   1 
ATOM   891  C CA  . ALA A 1 112 ? 7.320   6.423   10.247  1.00 23.77 ? 112  ALA X CA  1 
ATOM   892  C C   . ALA A 1 112 ? 7.026   6.182   11.737  1.00 22.88 ? 112  ALA X C   1 
ATOM   893  O O   . ALA A 1 112 ? 7.946   5.912   12.522  1.00 22.72 ? 112  ALA X O   1 
ATOM   894  C CB  . ALA A 1 112 ? 7.607   7.916   10.000  1.00 23.94 ? 112  ALA X CB  1 
ATOM   895  N N   . GLY A 1 113 ? 5.756   6.295   12.131  1.00 21.55 ? 113  GLY X N   1 
ATOM   896  C CA  . GLY A 1 113 ? 5.374   6.139   13.534  1.00 19.75 ? 113  GLY X CA  1 
ATOM   897  C C   . GLY A 1 113 ? 5.297   4.690   13.991  1.00 18.31 ? 113  GLY X C   1 
ATOM   898  O O   . GLY A 1 113 ? 5.027   4.413   15.169  1.00 18.24 ? 113  GLY X O   1 
ATOM   899  N N   . PHE A 1 114 ? 5.552   3.759   13.064  1.00 17.24 ? 114  PHE X N   1 
ATOM   900  C CA  . PHE A 1 114 ? 5.435   2.324   13.372  1.00 15.51 ? 114  PHE X CA  1 
ATOM   901  C C   . PHE A 1 114 ? 6.719   1.680   13.901  1.00 15.48 ? 114  PHE X C   1 
ATOM   902  O O   . PHE A 1 114 ? 6.827   0.454   13.959  1.00 13.45 ? 114  PHE X O   1 
ATOM   903  C CB  . PHE A 1 114 ? 4.902   1.556   12.164  1.00 15.43 ? 114  PHE X CB  1 
ATOM   904  C CG  . PHE A 1 114 ? 3.428   1.752   11.921  1.00 14.77 ? 114  PHE X CG  1 
ATOM   905  C CD1 . PHE A 1 114 ? 2.974   2.822   11.145  1.00 16.94 ? 114  PHE X CD1 1 
ATOM   906  C CD2 . PHE A 1 114 ? 2.492   0.871   12.466  1.00 16.27 ? 114  PHE X CD2 1 
ATOM   907  C CE1 . PHE A 1 114 ? 1.615   3.010   10.921  1.00 17.37 ? 114  PHE X CE1 1 
ATOM   908  C CE2 . PHE A 1 114 ? 1.125   1.051   12.241  1.00 16.05 ? 114  PHE X CE2 1 
ATOM   909  C CZ  . PHE A 1 114 ? 0.692   2.126   11.467  1.00 16.18 ? 114  PHE X CZ  1 
ATOM   910  N N   . THR A 1 115 ? 7.657   2.515   14.344  1.00 15.52 ? 115  THR X N   1 
ATOM   911  C CA  . THR A 1 115 ? 8.940   2.060   14.916  1.00 15.61 ? 115  THR X CA  1 
ATOM   912  C C   . THR A 1 115 ? 8.817   0.880   15.898  1.00 15.32 ? 115  THR X C   1 
ATOM   913  O O   . THR A 1 115 ? 9.560   -0.114  15.792  1.00 15.22 ? 115  THR X O   1 
ATOM   914  C CB  . THR A 1 115 ? 9.663   3.245   15.593  1.00 16.46 ? 115  THR X CB  1 
ATOM   915  O OG1 . THR A 1 115 ? 9.770   4.318   14.644  1.00 18.57 ? 115  THR X OG1 1 
ATOM   916  C CG2 . THR A 1 115 ? 11.057  2.844   16.106  1.00 16.49 ? 115  THR X CG2 1 
ATOM   917  N N   . ASN A 1 116 ? 7.866   0.954   16.830  1.00 13.88 ? 116  ASN X N   1 
ATOM   918  C CA  . ASN A 1 116 ? 7.740   -0.115  17.807  1.00 13.90 ? 116  ASN X CA  1 
ATOM   919  C C   . ASN A 1 116 ? 7.171   -1.405  17.200  1.00 13.43 ? 116  ASN X C   1 
ATOM   920  O O   . ASN A 1 116 ? 7.614   -2.492  17.553  1.00 14.11 ? 116  ASN X O   1 
ATOM   921  C CB  . ASN A 1 116 ? 6.941   0.339   19.031  1.00 13.95 ? 116  ASN X CB  1 
ATOM   922  C CG  . ASN A 1 116 ? 7.594   1.521   19.735  1.00 15.18 ? 116  ASN X CG  1 
ATOM   923  O OD1 . ASN A 1 116 ? 8.803   1.497   20.011  1.00 16.96 ? 116  ASN X OD1 1 
ATOM   924  N ND2 . ASN A 1 116 ? 6.808   2.564   20.015  1.00 16.03 ? 116  ASN X ND2 1 
ATOM   925  N N   . SER A 1 117 ? 6.207   -1.267  16.284  1.00 12.88 ? 117  SER X N   1 
ATOM   926  C CA  . SER A 1 117 ? 5.648   -2.425  15.570  1.00 12.82 ? 117  SER X CA  1 
ATOM   927  C C   . SER A 1 117 ? 6.751   -3.098  14.777  1.00 13.24 ? 117  SER X C   1 
ATOM   928  O O   . SER A 1 117 ? 6.896   -4.321  14.805  1.00 12.36 ? 117  SER X O   1 
ATOM   929  C CB  . SER A 1 117 ? 4.521   -2.011  14.622  1.00 13.12 ? 117  SER X CB  1 
ATOM   930  O OG  . SER A 1 117 ? 3.468   -1.379  15.331  1.00 16.86 ? 117  SER X OG  1 
ATOM   931  N N   . LEU A 1 118 ? 7.536   -2.274  14.088  1.00 13.35 ? 118  LEU X N   1 
ATOM   932  C CA  . LEU A 1 118 ? 8.647   -2.754  13.269  1.00 13.73 ? 118  LEU X CA  1 
ATOM   933  C C   . LEU A 1 118 ? 9.635   -3.584  14.093  1.00 13.32 ? 118  LEU X C   1 
ATOM   934  O O   . LEU A 1 118 ? 10.072  -4.665  13.666  1.00 13.54 ? 118  LEU X O   1 
ATOM   935  C CB  . LEU A 1 118 ? 9.364   -1.557  12.625  1.00 14.23 ? 118  LEU X CB  1 
ATOM   936  C CG  . LEU A 1 118 ? 8.605   -0.847  11.496  1.00 15.84 ? 118  LEU X CG  1 
ATOM   937  C CD1 . LEU A 1 118 ? 9.297   0.475   11.173  1.00 19.00 ? 118  LEU X CD1 1 
ATOM   938  C CD2 . LEU A 1 118 ? 8.558   -1.721  10.271  1.00 19.52 ? 118  LEU X CD2 1 
ATOM   939  N N   . ARG A 1 119 ? 9.975   -3.097  15.289  1.00 13.14 ? 119  ARG X N   1 
ATOM   940  C CA  . ARG A 1 119 ? 10.882  -3.844  16.170  1.00 13.51 ? 119  ARG X CA  1 
ATOM   941  C C   . ARG A 1 119 ? 10.273  -5.198  16.547  1.00 12.86 ? 119  ARG X C   1 
ATOM   942  O O   . ARG A 1 119 ? 10.959  -6.239  16.478  1.00 12.51 ? 119  ARG X O   1 
ATOM   943  C CB  . ARG A 1 119 ? 11.247  -3.026  17.419  1.00 13.62 ? 119  ARG X CB  1 
ATOM   944  C CG  . ARG A 1 119 ? 12.201  -3.761  18.354  1.00 14.29 ? 119  ARG X CG  1 
ATOM   945  C CD  . ARG A 1 119 ? 12.490  -2.960  19.622  1.00 16.04 ? 119  ARG X CD  1 
ATOM   946  N NE  . ARG A 1 119 ? 11.348  -3.057  20.526  0.50 16.98 ? 119  ARG X NE  1 
ATOM   947  C CZ  . ARG A 1 119 ? 10.443  -2.103  20.712  0.50 18.30 ? 119  ARG X CZ  1 
ATOM   948  N NH1 . ARG A 1 119 ? 10.542  -0.933  20.085  0.50 16.80 ? 119  ARG X NH1 1 
ATOM   949  N NH2 . ARG A 1 119 ? 9.439   -2.329  21.549  0.50 20.43 ? 119  ARG X NH2 1 
ATOM   950  N N   . MET A 1 120 ? 8.988   -5.200  16.916  1.00 11.69 ? 120  MET X N   1 
ATOM   951  C CA  . MET A 1 120 ? 8.308   -6.465  17.267  1.00 12.18 ? 120  MET X CA  1 
ATOM   952  C C   . MET A 1 120 ? 8.302   -7.464  16.096  1.00 11.34 ? 120  MET X C   1 
ATOM   953  O O   . MET A 1 120 ? 8.480   -8.666  16.296  1.00 11.28 ? 120  MET X O   1 
ATOM   954  C CB  . MET A 1 120 ? 6.892   -6.204  17.775  1.00 12.20 ? 120  MET X CB  1 
ATOM   955  C CG  . MET A 1 120 ? 6.907   -5.382  19.050  1.00 13.24 ? 120  MET X CG  1 
ATOM   956  S SD  . MET A 1 120 ? 5.242   -5.108  19.613  1.00 14.70 ? 120  MET X SD  1 
ATOM   957  C CE  . MET A 1 120 ? 5.546   -3.929  20.927  1.00 15.16 ? 120  MET X CE  1 
ATOM   958  N N   . LEU A 1 121 ? 8.111   -6.947  14.887  1.00 10.85 ? 121  LEU X N   1 
ATOM   959  C CA  . LEU A 1 121 ? 8.143   -7.779  13.676  1.00 10.93 ? 121  LEU X CA  1 
ATOM   960  C C   . LEU A 1 121 ? 9.538   -8.368  13.476  1.00 10.95 ? 121  LEU X C   1 
ATOM   961  O O   . LEU A 1 121 ? 9.673   -9.576  13.226  1.00 10.24 ? 121  LEU X O   1 
ATOM   962  C CB  . LEU A 1 121 ? 7.687   -6.964  12.451  1.00 10.69 ? 121  LEU X CB  1 
ATOM   963  C CG  . LEU A 1 121 ? 6.185   -6.633  12.414  1.00 10.63 ? 121  LEU X CG  1 
ATOM   964  C CD1 . LEU A 1 121 ? 5.860   -5.669  11.262  1.00 12.72 ? 121  LEU X CD1 1 
ATOM   965  C CD2 . LEU A 1 121 ? 5.291   -7.889  12.307  1.00 12.69 ? 121  LEU X CD2 1 
ATOM   966  N N   . GLN A 1 122 ? 10.568  -7.522  13.601  1.00 11.57 ? 122  GLN X N   1 
ATOM   967  C CA  . GLN A 1 122 ? 11.961  -7.984  13.459  1.00 12.94 ? 122  GLN X CA  1 
ATOM   968  C C   . GLN A 1 122 ? 12.282  -9.078  14.479  1.00 12.94 ? 122  GLN X C   1 
ATOM   969  O O   . GLN A 1 122 ? 13.016  -10.039 14.183  1.00 13.08 ? 122  GLN X O   1 
ATOM   970  C CB  . GLN A 1 122 ? 12.947  -6.816  13.556  1.00 14.09 ? 122  GLN X CB  1 
ATOM   971  C CG  . GLN A 1 122 ? 14.391  -7.241  13.661  1.00 19.05 ? 122  GLN X CG  1 
ATOM   972  C CD  . GLN A 1 122 ? 15.256  -6.668  12.578  1.00 25.24 ? 122  GLN X CD  1 
ATOM   973  O OE1 . GLN A 1 122 ? 15.079  -5.521  12.171  1.00 28.36 ? 122  GLN X OE1 1 
ATOM   974  N NE2 . GLN A 1 122 ? 16.211  -7.469  12.095  1.00 27.03 ? 122  GLN X NE2 1 
ATOM   975  N N   . GLN A 1 123 ? 11.688  -8.938  15.662  1.00 11.79 ? 123  GLN X N   1 
ATOM   976  C CA  . GLN A 1 123 ? 11.865  -9.891  16.766  1.00 12.31 ? 123  GLN X CA  1 
ATOM   977  C C   . GLN A 1 123 ? 11.007  -11.149 16.606  1.00 11.15 ? 123  GLN X C   1 
ATOM   978  O O   . GLN A 1 123 ? 11.116  -12.091 17.410  1.00 11.10 ? 123  GLN X O   1 
ATOM   979  C CB  . GLN A 1 123 ? 11.496  -9.208  18.080  1.00 12.48 ? 123  GLN X CB  1 
ATOM   980  C CG  . GLN A 1 123 ? 12.465  -8.145  18.552  1.00 13.71 ? 123  GLN X CG  1 
ATOM   981  C CD  . GLN A 1 123 ? 11.965  -7.464  19.830  1.00 14.61 ? 123  GLN X CD  1 
ATOM   982  O OE1 . GLN A 1 123 ? 12.709  -7.325  20.804  1.00 19.98 ? 123  GLN X OE1 1 
ATOM   983  N NE2 . GLN A 1 123 ? 10.694  -7.075  19.843  1.00 13.92 ? 123  GLN X NE2 1 
ATOM   984  N N   . LYS A 1 124 ? 10.125  -11.144 15.604  1.00 10.10 ? 124  LYS X N   1 
ATOM   985  C CA  . LYS A 1 124 ? 9.190   -12.251 15.355  1.00 10.34 ? 124  LYS X CA  1 
ATOM   986  C C   . LYS A 1 124 ? 8.252   -12.528 16.531  1.00 10.13 ? 124  LYS X C   1 
ATOM   987  O O   . LYS A 1 124 ? 7.837   -13.666 16.771  1.00 10.37 ? 124  LYS X O   1 
ATOM   988  C CB  . LYS A 1 124 ? 9.934   -13.521 14.890  1.00 10.29 ? 124  LYS X CB  1 
ATOM   989  C CG  . LYS A 1 124 ? 10.764  -13.270 13.618  1.00 11.14 ? 124  LYS X CG  1 
ATOM   990  C CD  . LYS A 1 124 ? 11.211  -14.547 12.957  1.00 11.65 ? 124  LYS X CD  1 
ATOM   991  C CE  . LYS A 1 124 ? 12.109  -14.251 11.742  1.00 12.13 ? 124  LYS X CE  1 
ATOM   992  N NZ  . LYS A 1 124 ? 11.415  -13.467 10.666  1.00 11.61 ? 124  LYS X NZ  1 
ATOM   993  N N   . ARG A 1 125 ? 7.912   -11.450 17.229  1.00 9.75  ? 125  ARG X N   1 
ATOM   994  C CA  . ARG A 1 125 ? 6.938   -11.471 18.299  1.00 10.37 ? 125  ARG X CA  1 
ATOM   995  C C   . ARG A 1 125 ? 5.580   -11.176 17.675  1.00 10.42 ? 125  ARG X C   1 
ATOM   996  O O   . ARG A 1 125 ? 5.041   -10.074 17.809  1.00 10.57 ? 125  ARG X O   1 
ATOM   997  C CB  . ARG A 1 125 ? 7.320   -10.429 19.362  1.00 10.35 ? 125  ARG X CB  1 
ATOM   998  C CG  . ARG A 1 125 ? 8.551   -10.851 20.139  1.00 12.41 ? 125  ARG X CG  1 
ATOM   999  C CD  . ARG A 1 125 ? 8.986   -9.847  21.159  1.00 15.50 ? 125  ARG X CD  1 
ATOM   1000 N NE  . ARG A 1 125 ? 10.221  -10.332 21.789  1.00 18.37 ? 125  ARG X NE  1 
ATOM   1001 C CZ  . ARG A 1 125 ? 10.767  -9.814  22.887  1.00 21.35 ? 125  ARG X CZ  1 
ATOM   1002 N NH1 . ARG A 1 125 ? 10.187  -8.793  23.502  1.00 23.30 ? 125  ARG X NH1 1 
ATOM   1003 N NH2 . ARG A 1 125 ? 11.889  -10.333 23.381  1.00 21.80 ? 125  ARG X NH2 1 
ATOM   1004 N N   . TRP A 1 126 ? 5.018   -12.187 17.011  1.00 10.40 ? 126  TRP X N   1 
ATOM   1005 C CA  . TRP A 1 126 ? 3.910   -11.950 16.068  1.00 10.34 ? 126  TRP X CA  1 
ATOM   1006 C C   . TRP A 1 126 ? 2.624   -11.446 16.703  1.00 10.75 ? 126  TRP X C   1 
ATOM   1007 O O   . TRP A 1 126 ? 1.988   -10.512 16.176  1.00 10.02 ? 126  TRP X O   1 
ATOM   1008 C CB  . TRP A 1 126 ? 3.625   -13.190 15.234  1.00 10.51 ? 126  TRP X CB  1 
ATOM   1009 C CG  . TRP A 1 126 ? 4.809   -13.730 14.498  1.00 10.30 ? 126  TRP X CG  1 
ATOM   1010 C CD1 . TRP A 1 126 ? 5.262   -15.026 14.537  1.00 11.56 ? 126  TRP X CD1 1 
ATOM   1011 C CD2 . TRP A 1 126 ? 5.684   -13.026 13.594  1.00 9.02  ? 126  TRP X CD2 1 
ATOM   1012 N NE1 . TRP A 1 126 ? 6.353   -15.173 13.725  1.00 10.02 ? 126  TRP X NE1 1 
ATOM   1013 C CE2 . TRP A 1 126 ? 6.641   -13.968 13.130  1.00 10.45 ? 126  TRP X CE2 1 
ATOM   1014 C CE3 . TRP A 1 126 ? 5.763   -11.700 13.133  1.00 10.97 ? 126  TRP X CE3 1 
ATOM   1015 C CZ2 . TRP A 1 126 ? 7.655   -13.633 12.229  1.00 11.19 ? 126  TRP X CZ2 1 
ATOM   1016 C CZ3 . TRP A 1 126 ? 6.790   -11.361 12.238  1.00 10.82 ? 126  TRP X CZ3 1 
ATOM   1017 C CH2 . TRP A 1 126 ? 7.712   -12.324 11.789  1.00 10.97 ? 126  TRP X CH2 1 
ATOM   1018 N N   . ASP A 1 127 ? 2.231   -12.059 17.821  1.00 10.70 ? 127  ASP X N   1 
ATOM   1019 C CA  . ASP A 1 127 ? 0.987   -11.630 18.486  1.00 11.56 ? 127  ASP X CA  1 
ATOM   1020 C C   . ASP A 1 127 ? 1.140   -10.211 19.054  1.00 10.96 ? 127  ASP X C   1 
ATOM   1021 O O   . ASP A 1 127 ? 0.238   -9.371  18.926  1.00 10.94 ? 127  ASP X O   1 
ATOM   1022 C CB  . ASP A 1 127 ? 0.572   -12.626 19.566  1.00 11.63 ? 127  ASP X CB  1 
ATOM   1023 C CG  . ASP A 1 127 ? -0.097  -13.874 19.003  1.00 11.69 ? 127  ASP X CG  1 
ATOM   1024 O OD1 . ASP A 1 127 ? 0.129   -14.216 17.818  1.00 13.06 ? 127  ASP X OD1 1 
ATOM   1025 O OD2 . ASP A 1 127 ? -0.882  -14.497 19.761  1.00 13.51 ? 127  ASP X OD2 1 
ATOM   1026 N N   . GLU A 1 128 ? 2.291   -9.949  19.657  1.00 11.17 ? 128  GLU X N   1 
ATOM   1027 C CA  A GLU A 1 128 ? 2.603   -8.619  20.180  0.50 11.18 ? 128  GLU X CA  1 
ATOM   1028 C CA  B GLU A 1 128 ? 2.631   -8.630  20.184  0.50 11.19 ? 128  GLU X CA  1 
ATOM   1029 C C   . GLU A 1 128 ? 2.636   -7.544  19.090  1.00 11.24 ? 128  GLU X C   1 
ATOM   1030 O O   . GLU A 1 128 ? 2.085   -6.440  19.273  1.00 11.14 ? 128  GLU X O   1 
ATOM   1031 C CB  A GLU A 1 128 ? 3.934   -8.648  20.930  0.50 11.49 ? 128  GLU X CB  1 
ATOM   1032 C CB  B GLU A 1 128 ? 4.001   -8.694  20.881  0.50 11.40 ? 128  GLU X CB  1 
ATOM   1033 C CG  A GLU A 1 128 ? 3.835   -9.344  22.268  0.50 12.79 ? 128  GLU X CG  1 
ATOM   1034 C CG  B GLU A 1 128 ? 4.026   -9.615  22.111  0.50 12.94 ? 128  GLU X CG  1 
ATOM   1035 C CD  A GLU A 1 128 ? 5.183   -9.522  22.901  0.50 13.38 ? 128  GLU X CD  1 
ATOM   1036 C CD  B GLU A 1 128 ? 4.406   -11.055 21.795  0.50 13.89 ? 128  GLU X CD  1 
ATOM   1037 O OE1 A GLU A 1 128 ? 5.637   -8.606  23.624  0.50 16.06 ? 128  GLU X OE1 1 
ATOM   1038 O OE1 B GLU A 1 128 ? 4.410   -11.458 20.609  0.50 14.55 ? 128  GLU X OE1 1 
ATOM   1039 O OE2 A GLU A 1 128 ? 5.785   -10.581 22.672  0.50 11.65 ? 128  GLU X OE2 1 
ATOM   1040 O OE2 B GLU A 1 128 ? 4.705   -11.797 22.755  0.50 15.21 ? 128  GLU X OE2 1 
ATOM   1041 N N   . ALA A 1 129 ? 3.278   -7.855  17.958  1.00 10.94 ? 129  ALA X N   1 
ATOM   1042 C CA  . ALA A 1 129 ? 3.292   -6.970  16.793  1.00 10.97 ? 129  ALA X CA  1 
ATOM   1043 C C   . ALA A 1 129 ? 1.859   -6.631  16.383  1.00 10.91 ? 129  ALA X C   1 
ATOM   1044 O O   . ALA A 1 129 ? 1.522   -5.455  16.165  1.00 11.45 ? 129  ALA X O   1 
ATOM   1045 C CB  . ALA A 1 129 ? 4.024   -7.642  15.620  1.00 10.84 ? 129  ALA X CB  1 
ATOM   1046 N N   . ALA A 1 130 ? 1.021   -7.664  16.301  1.00 10.85 ? 130  ALA X N   1 
ATOM   1047 C CA  . ALA A 1 130 ? -0.363  -7.528  15.854  1.00 10.77 ? 130  ALA X CA  1 
ATOM   1048 C C   . ALA A 1 130 ? -1.122  -6.580  16.779  1.00 11.02 ? 130  ALA X C   1 
ATOM   1049 O O   . ALA A 1 130 ? -1.868  -5.705  16.326  1.00 10.73 ? 130  ALA X O   1 
ATOM   1050 C CB  . ALA A 1 130 ? -1.041  -8.893  15.820  1.00 10.63 ? 130  ALA X CB  1 
ATOM   1051 N N   . VAL A 1 131 ? -0.919  -6.742  18.085  1.00 10.87 ? 131  VAL X N   1 
ATOM   1052 C CA  . VAL A 1 131 ? -1.558  -5.841  19.053  1.00 11.12 ? 131  VAL X CA  1 
ATOM   1053 C C   . VAL A 1 131 ? -1.077  -4.396  18.865  1.00 10.97 ? 131  VAL X C   1 
ATOM   1054 O O   . VAL A 1 131 ? -1.884  -3.459  18.863  1.00 11.17 ? 131  VAL X O   1 
ATOM   1055 C CB  . VAL A 1 131 ? -1.315  -6.321  20.506  1.00 11.04 ? 131  VAL X CB  1 
ATOM   1056 C CG1 . VAL A 1 131 ? -1.722  -5.246  21.517  1.00 12.50 ? 131  VAL X CG1 1 
ATOM   1057 C CG2 . VAL A 1 131 ? -2.078  -7.618  20.744  1.00 11.64 ? 131  VAL X CG2 1 
ATOM   1058 N N   . ASN A 1 132 ? 0.233   -4.228  18.710  1.00 10.89 ? 132  ASN X N   1 
ATOM   1059 C CA  . ASN A 1 132 ? 0.823   -2.897  18.589  1.00 11.50 ? 132  ASN X CA  1 
ATOM   1060 C C   . ASN A 1 132 ? 0.391   -2.200  17.278  1.00 11.34 ? 132  ASN X C   1 
ATOM   1061 O O   . ASN A 1 132 ? 0.141   -0.991  17.264  1.00 11.54 ? 132  ASN X O   1 
ATOM   1062 C CB  . ASN A 1 132 ? 2.337   -2.998  18.704  1.00 12.23 ? 132  ASN X CB  1 
ATOM   1063 C CG  . ASN A 1 132 ? 2.998   -1.656  18.820  1.00 12.97 ? 132  ASN X CG  1 
ATOM   1064 O OD1 . ASN A 1 132 ? 3.473   -1.094  17.831  1.00 13.37 ? 132  ASN X OD1 1 
ATOM   1065 N ND2 . ASN A 1 132 ? 3.013   -1.112  20.038  1.00 15.93 ? 132  ASN X ND2 1 
ATOM   1066 N N   . LEU A 1 133 ? 0.253   -2.974  16.200  1.00 10.20 ? 133  LEU X N   1 
ATOM   1067 C CA  . LEU A 1 133 ? -0.160  -2.428  14.900  1.00 10.16 ? 133  LEU X CA  1 
ATOM   1068 C C   . LEU A 1 133 ? -1.554  -1.787  14.951  1.00 9.88  ? 133  LEU X C   1 
ATOM   1069 O O   . LEU A 1 133 ? -1.823  -0.837  14.222  1.00 10.28 ? 133  LEU X O   1 
ATOM   1070 C CB  . LEU A 1 133 ? -0.156  -3.519  13.822  1.00 10.13 ? 133  LEU X CB  1 
ATOM   1071 C CG  . LEU A 1 133 ? 1.242   -3.890  13.308  1.00 10.37 ? 133  LEU X CG  1 
ATOM   1072 C CD1 . LEU A 1 133 ? 1.229   -5.259  12.648  1.00 11.27 ? 133  LEU X CD1 1 
ATOM   1073 C CD2 . LEU A 1 133 ? 1.803   -2.839  12.360  1.00 9.73  ? 133  LEU X CD2 1 
ATOM   1074 N N   . ALA A 1 134 ? -2.422  -2.319  15.808  1.00 10.57 ? 134  ALA X N   1 
ATOM   1075 C CA  . ALA A 1 134 ? -3.819  -1.852  15.860  1.00 11.12 ? 134  ALA X CA  1 
ATOM   1076 C C   . ALA A 1 134 ? -3.965  -0.542  16.638  1.00 11.30 ? 134  ALA X C   1 
ATOM   1077 O O   . ALA A 1 134 ? -5.011  0.112   16.572  1.00 11.34 ? 134  ALA X O   1 
ATOM   1078 C CB  . ALA A 1 134 ? -4.723  -2.934  16.428  1.00 11.24 ? 134  ALA X CB  1 
ATOM   1079 N N   . LYS A 1 135 ? -2.902  -0.157  17.353  1.00 11.26 ? 135  LYS X N   1 
ATOM   1080 C CA  . LYS A 1 135 ? -2.875  1.101   18.098  1.00 11.60 ? 135  LYS X CA  1 
ATOM   1081 C C   . LYS A 1 135 ? -2.504  2.262   17.162  1.00 10.56 ? 135  LYS X C   1 
ATOM   1082 O O   . LYS A 1 135 ? -1.492  2.935   17.363  1.00 11.32 ? 135  LYS X O   1 
ATOM   1083 C CB  . LYS A 1 135 ? -1.865  1.006   19.242  1.00 11.30 ? 135  LYS X CB  1 
ATOM   1084 C CG  . LYS A 1 135 ? -2.219  -0.024  20.316  1.00 14.70 ? 135  LYS X CG  1 
ATOM   1085 C CD  . LYS A 1 135 ? -1.075  -0.194  21.333  1.00 14.72 ? 135  LYS X CD  1 
ATOM   1086 C CE  . LYS A 1 135 ? -0.520  1.141   21.826  1.00 20.58 ? 135  LYS X CE  1 
ATOM   1087 N NZ  . LYS A 1 135 ? 0.826   1.209   22.632  0.00 17.85 ? 135  LYS X NZ  1 
ATOM   1088 N N   . SER A 1 136 ? -3.315  2.499   16.134  1.00 10.14 ? 136  SER X N   1 
ATOM   1089 C CA  . SER A 1 136 ? -2.893  3.408   15.067  1.00 9.97  ? 136  SER X CA  1 
ATOM   1090 C C   . SER A 1 136 ? -4.078  4.100   14.390  1.00 9.30  ? 136  SER X C   1 
ATOM   1091 O O   . SER A 1 136 ? -5.178  3.541   14.317  1.00 8.33  ? 136  SER X O   1 
ATOM   1092 C CB  . SER A 1 136 ? -2.120  2.619   14.000  1.00 10.34 ? 136  SER X CB  1 
ATOM   1093 O OG  . SER A 1 136 ? -2.974  1.628   13.412  1.00 9.83  ? 136  SER X OG  1 
ATOM   1094 N N   . ARG A 1 137 ? -3.832  5.300   13.865  1.00 9.73  ? 137  ARG X N   1 
ATOM   1095 C CA  . ARG A 1 137 ? -4.834  5.959   13.027  1.00 9.81  ? 137  ARG X CA  1 
ATOM   1096 C C   . ARG A 1 137 ? -5.248  5.025   11.878  1.00 9.90  ? 137  ARG X C   1 
ATOM   1097 O O   . ARG A 1 137 ? -6.431  4.872   11.597  1.00 9.32  ? 137  ARG X O   1 
ATOM   1098 C CB  . ARG A 1 137 ? -4.322  7.315   12.507  1.00 10.40 ? 137  ARG X CB  1 
ATOM   1099 C CG  . ARG A 1 137 ? -5.291  7.921   11.493  1.00 9.93  ? 137  ARG X CG  1 
ATOM   1100 C CD  . ARG A 1 137 ? -4.850  9.278   10.978  1.00 11.44 ? 137  ARG X CD  1 
ATOM   1101 N NE  . ARG A 1 137 ? -5.937  9.903   10.227  1.00 13.08 ? 137  ARG X NE  1 
ATOM   1102 C CZ  . ARG A 1 137 ? -6.254  9.599   8.968   1.00 15.38 ? 137  ARG X CZ  1 
ATOM   1103 N NH1 . ARG A 1 137 ? -5.562  8.676   8.295   1.00 14.53 ? 137  ARG X NH1 1 
ATOM   1104 N NH2 . ARG A 1 137 ? -7.268  10.227  8.372   1.00 15.15 ? 137  ARG X NH2 1 
ATOM   1105 N N   . TRP A 1 138 ? -4.265  4.359   11.271  1.00 9.64  ? 138  TRP X N   1 
ATOM   1106 C CA  . TRP A 1 138 ? -4.512  3.398   10.173  1.00 9.67  ? 138  TRP X CA  1 
ATOM   1107 C C   . TRP A 1 138 ? -5.629  2.395   10.509  1.00 9.60  ? 138  TRP X C   1 
ATOM   1108 O O   . TRP A 1 138 ? -6.598  2.255   9.766   1.00 10.07 ? 138  TRP X O   1 
ATOM   1109 C CB  . TRP A 1 138 ? -3.209  2.655   9.908   1.00 9.63  ? 138  TRP X CB  1 
ATOM   1110 C CG  . TRP A 1 138 ? -3.277  1.499   8.961   1.00 10.29 ? 138  TRP X CG  1 
ATOM   1111 C CD1 . TRP A 1 138 ? -3.702  1.513   7.655   1.00 11.73 ? 138  TRP X CD1 1 
ATOM   1112 C CD2 . TRP A 1 138 ? -2.812  0.165   9.220   1.00 10.74 ? 138  TRP X CD2 1 
ATOM   1113 N NE1 . TRP A 1 138 ? -3.556  0.252   7.096   1.00 11.04 ? 138  TRP X NE1 1 
ATOM   1114 C CE2 . TRP A 1 138 ? -3.021  -0.592  8.038   1.00 10.03 ? 138  TRP X CE2 1 
ATOM   1115 C CE3 . TRP A 1 138 ? -2.276  -0.472  10.349  1.00 9.79  ? 138  TRP X CE3 1 
ATOM   1116 C CZ2 . TRP A 1 138 ? -2.673  -1.948  7.944   1.00 11.06 ? 138  TRP X CZ2 1 
ATOM   1117 C CZ3 . TRP A 1 138 ? -1.938  -1.822  10.261  1.00 9.24  ? 138  TRP X CZ3 1 
ATOM   1118 C CH2 . TRP A 1 138 ? -2.143  -2.550  9.058   1.00 11.12 ? 138  TRP X CH2 1 
ATOM   1119 N N   . TYR A 1 139 ? -5.489  1.719   11.650  1.00 9.78  ? 139  TYR X N   1 
ATOM   1120 C CA  . TYR A 1 139 ? -6.466  0.729   12.095  1.00 10.09 ? 139  TYR X CA  1 
ATOM   1121 C C   . TYR A 1 139 ? -7.844  1.364   12.280  1.00 10.34 ? 139  TYR X C   1 
ATOM   1122 O O   . TYR A 1 139 ? -8.865  0.806   11.869  1.00 10.60 ? 139  TYR X O   1 
ATOM   1123 C CB  . TYR A 1 139 ? -5.975  0.098   13.401  1.00 11.03 ? 139  TYR X CB  1 
ATOM   1124 C CG  . TYR A 1 139 ? -6.897  -0.937  14.005  1.00 13.10 ? 139  TYR X CG  1 
ATOM   1125 C CD1 . TYR A 1 139 ? -6.859  -2.266  13.571  1.00 13.45 ? 139  TYR X CD1 1 
ATOM   1126 C CD2 . TYR A 1 139 ? -7.777  -0.596  15.050  1.00 14.24 ? 139  TYR X CD2 1 
ATOM   1127 C CE1 . TYR A 1 139 ? -7.676  -3.224  14.136  1.00 14.97 ? 139  TYR X CE1 1 
ATOM   1128 C CE2 . TYR A 1 139 ? -8.609  -1.554  15.628  1.00 15.83 ? 139  TYR X CE2 1 
ATOM   1129 C CZ  . TYR A 1 139 ? -8.545  -2.871  15.169  1.00 16.47 ? 139  TYR X CZ  1 
ATOM   1130 O OH  . TYR A 1 139 ? -9.356  -3.841  15.740  1.00 18.75 ? 139  TYR X OH  1 
ATOM   1131 N N   . ASN A 1 140 ? -7.865  2.552   12.877  1.00 10.13 ? 140  ASN X N   1 
ATOM   1132 C CA  . ASN A 1 140 ? -9.134  3.203   13.147  1.00 9.34  ? 140  ASN X CA  1 
ATOM   1133 C C   . ASN A 1 140 ? -9.849  3.694   11.902  1.00 9.22  ? 140  ASN X C   1 
ATOM   1134 O O   . ASN A 1 140 ? -11.090 3.625   11.827  1.00 10.15 ? 140  ASN X O   1 
ATOM   1135 C CB  . ASN A 1 140 ? -8.965  4.325   14.165  1.00 9.71  ? 140  ASN X CB  1 
ATOM   1136 C CG  . ASN A 1 140 ? -8.753  3.788   15.575  1.00 12.29 ? 140  ASN X CG  1 
ATOM   1137 O OD1 . ASN A 1 140 ? -7.606  3.606   16.041  1.00 13.53 ? 140  ASN X OD1 1 
ATOM   1138 N ND2 . ASN A 1 140 ? -9.857  3.515   16.261  1.00 12.15 ? 140  ASN X ND2 1 
ATOM   1139 N N   . GLN A 1 141 ? -9.085  4.154   10.912  1.00 8.78  ? 141  GLN X N   1 
ATOM   1140 C CA  . GLN A 1 141 ? -9.706  4.728   9.712   1.00 8.15  ? 141  GLN X CA  1 
ATOM   1141 C C   . GLN A 1 141 ? -10.064 3.639   8.678   1.00 9.37  ? 141  GLN X C   1 
ATOM   1142 O O   . GLN A 1 141 ? -11.079 3.761   7.985   1.00 10.08 ? 141  GLN X O   1 
ATOM   1143 C CB  . GLN A 1 141 ? -8.830  5.822   9.077   1.00 9.34  ? 141  GLN X CB  1 
ATOM   1144 C CG  . GLN A 1 141 ? -8.459  6.978   10.029  1.00 10.03 ? 141  GLN X CG  1 
ATOM   1145 C CD  . GLN A 1 141 ? -9.660  7.758   10.573  1.00 10.74 ? 141  GLN X CD  1 
ATOM   1146 O OE1 . GLN A 1 141 ? -9.724  8.079   11.775  1.00 11.36 ? 141  GLN X OE1 1 
ATOM   1147 N NE2 . GLN A 1 141 ? -10.607 8.077   9.693   1.00 9.74  ? 141  GLN X NE2 1 
ATOM   1148 N N   . THR A 1 142 ? -9.230  2.595   8.563   1.00 8.72  ? 142  THR X N   1 
ATOM   1149 C CA  . THR A 1 142 ? -9.476  1.481   7.637   1.00 9.17  ? 142  THR X CA  1 
ATOM   1150 C C   . THR A 1 142 ? -9.376  0.160   8.403   1.00 8.77  ? 142  THR X C   1 
ATOM   1151 O O   . THR A 1 142 ? -8.452  -0.654  8.162   1.00 9.06  ? 142  THR X O   1 
ATOM   1152 C CB  . THR A 1 142 ? -8.520  1.492   6.405   1.00 9.54  ? 142  THR X CB  1 
ATOM   1153 O OG1 . THR A 1 142 ? -7.151  1.554   6.827   1.00 8.71  ? 142  THR X OG1 1 
ATOM   1154 C CG2 . THR A 1 142 ? -8.807  2.700   5.524   1.00 9.60  ? 142  THR X CG2 1 
ATOM   1155 N N   . PRO A 1 143 ? -10.326 -0.076  9.340   1.00 8.63  ? 143  PRO X N   1 
ATOM   1156 C CA  . PRO A 1 143 ? -10.177 -1.277  10.189  1.00 9.03  ? 143  PRO X CA  1 
ATOM   1157 C C   . PRO A 1 143 ? -10.264 -2.617  9.447   1.00 9.60  ? 143  PRO X C   1 
ATOM   1158 O O   . PRO A 1 143 ? -9.532  -3.550  9.778   1.00 9.56  ? 143  PRO X O   1 
ATOM   1159 C CB  . PRO A 1 143 ? -11.309 -1.127  11.232  1.00 9.91  ? 143  PRO X CB  1 
ATOM   1160 C CG  . PRO A 1 143 ? -12.343 -0.266  10.528  1.00 8.50  ? 143  PRO X CG  1 
ATOM   1161 C CD  . PRO A 1 143 ? -11.517 0.726   9.702   1.00 9.11  ? 143  PRO X CD  1 
ATOM   1162 N N   . ASN A 1 144 ? -11.156 -2.743  8.476   1.00 9.54  ? 144  ASN X N   1 
ATOM   1163 C CA  . ASN A 1 144 ? -11.266 -4.030  7.800   1.00 10.04 ? 144  ASN X CA  1 
ATOM   1164 C C   . ASN A 1 144 ? -9.984  -4.401  7.042   1.00 9.46  ? 144  ASN X C   1 
ATOM   1165 O O   . ASN A 1 144 ? -9.513  -5.526  7.146   1.00 9.49  ? 144  ASN X O   1 
ATOM   1166 C CB  . ASN A 1 144 ? -12.530 -4.110  6.940   1.00 10.84 ? 144  ASN X CB  1 
ATOM   1167 C CG  . ASN A 1 144 ? -13.798 -4.204  7.798   1.00 13.54 ? 144  ASN X CG  1 
ATOM   1168 O OD1 . ASN A 1 144 ? -13.727 -4.495  9.000   1.00 17.14 ? 144  ASN X OD1 1 
ATOM   1169 N ND2 . ASN A 1 144 ? -14.958 -4.042  7.171   1.00 16.94 ? 144  ASN X ND2 1 
ATOM   1170 N N   . ARG A 1 145 ? -9.414  -3.435  6.329   1.00 9.50  ? 145  ARG X N   1 
ATOM   1171 C CA  . ARG A 1 145 ? -8.178  -3.674  5.605   1.00 9.41  ? 145  ARG X CA  1 
ATOM   1172 C C   . ARG A 1 145 ? -7.040  -3.906  6.597   1.00 9.50  ? 145  ARG X C   1 
ATOM   1173 O O   . ARG A 1 145 ? -6.210  -4.812  6.404   1.00 9.05  ? 145  ARG X O   1 
ATOM   1174 C CB  . ARG A 1 145 ? -7.844  -2.486  4.704   1.00 10.10 ? 145  ARG X CB  1 
ATOM   1175 C CG  . ARG A 1 145 ? -6.579  -2.768  3.880   1.00 11.66 ? 145  ARG X CG  1 
ATOM   1176 C CD  . ARG A 1 145 ? -6.110  -1.542  3.241   1.00 12.91 ? 145  ARG X CD  1 
ATOM   1177 N NE  . ARG A 1 145 ? -4.936  -1.765  2.390   1.00 11.07 ? 145  ARG X NE  1 
ATOM   1178 C CZ  . ARG A 1 145 ? -4.696  -1.007  1.324   1.00 11.64 ? 145  ARG X CZ  1 
ATOM   1179 N NH1 . ARG A 1 145 ? -5.561  -0.039  1.008   1.00 12.22 ? 145  ARG X NH1 1 
ATOM   1180 N NH2 . ARG A 1 145 ? -3.634  -1.222  0.572   1.00 9.14  ? 145  ARG X NH2 1 
ATOM   1181 N N   . ALA A 1 146 ? -6.991  -3.080  7.641   1.00 8.66  ? 146  ALA X N   1 
ATOM   1182 C CA  . ALA A 1 146 ? -5.928  -3.210  8.653   1.00 9.04  ? 146  ALA X CA  1 
ATOM   1183 C C   . ALA A 1 146 ? -5.984  -4.593  9.301   1.00 9.23  ? 146  ALA X C   1 
ATOM   1184 O O   . ALA A 1 146 ? -4.948  -5.239  9.489   1.00 10.02 ? 146  ALA X O   1 
ATOM   1185 C CB  . ALA A 1 146 ? -6.011  -2.097  9.701   1.00 9.10  ? 146  ALA X CB  1 
ATOM   1186 N N   . LYS A 1 147 ? -7.191  -5.071  9.598   1.00 8.54  ? 147  LYS X N   1 
ATOM   1187 C CA  . LYS A 1 147 ? -7.346  -6.405  10.194  1.00 9.63  ? 147  LYS X CA  1 
ATOM   1188 C C   . LYS A 1 147 ? -6.781  -7.498  9.280   1.00 9.14  ? 147  LYS X C   1 
ATOM   1189 O O   . LYS A 1 147 ? -6.108  -8.417  9.752   1.00 9.42  ? 147  LYS X O   1 
ATOM   1190 C CB  . LYS A 1 147 ? -8.801  -6.691  10.563  1.00 9.86  ? 147  LYS X CB  1 
ATOM   1191 C CG  . LYS A 1 147 ? -9.262  -5.894  11.785  1.00 11.28 ? 147  LYS X CG  1 
ATOM   1192 C CD  . LYS A 1 147 ? -10.767 -6.014  12.013  1.00 14.69 ? 147  LYS X CD  1 
ATOM   1193 C CE  . LYS A 1 147 ? -11.154 -5.199  13.228  1.00 19.88 ? 147  LYS X CE  1 
ATOM   1194 N NZ  . LYS A 1 147 ? -12.631 -5.057  13.391  1.00 24.25 ? 147  LYS X NZ  1 
ATOM   1195 N N   . ARG A 1 148 ? -7.028  -7.384  7.970   1.00 8.43  ? 148  ARG X N   1 
ATOM   1196 C CA  . ARG A 1 148 ? -6.477  -8.373  7.023   1.00 9.14  ? 148  ARG X CA  1 
ATOM   1197 C C   . ARG A 1 148 ? -4.953  -8.316  7.033   1.00 9.47  ? 148  ARG X C   1 
ATOM   1198 O O   . ARG A 1 148 ? -4.273  -9.357  7.079   1.00 8.91  ? 148  ARG X O   1 
ATOM   1199 C CB  . ARG A 1 148 ? -7.005  -8.177  5.596   1.00 9.25  ? 148  ARG X CB  1 
ATOM   1200 C CG  . ARG A 1 148 ? -8.472  -8.538  5.397   1.00 8.43  ? 148  ARG X CG  1 
ATOM   1201 C CD  . ARG A 1 148 ? -8.876  -8.523  3.912   1.00 9.46  ? 148  ARG X CD  1 
ATOM   1202 N NE  . ARG A 1 148 ? -8.830  -7.195  3.291   1.00 9.28  ? 148  ARG X NE  1 
ATOM   1203 C CZ  . ARG A 1 148 ? -9.835  -6.311  3.326   1.00 12.19 ? 148  ARG X CZ  1 
ATOM   1204 N NH1 . ARG A 1 148 ? -10.966 -6.595  3.984   1.00 12.87 ? 148  ARG X NH1 1 
ATOM   1205 N NH2 . ARG A 1 148 ? -9.717  -5.132  2.712   1.00 11.66 ? 148  ARG X NH2 1 
ATOM   1206 N N   . VAL A 1 149 ? -4.406  -7.099  6.976   1.00 8.54  ? 149  VAL X N   1 
ATOM   1207 C CA  . VAL A 1 149 ? -2.945  -6.959  6.909   1.00 8.59  ? 149  VAL X CA  1 
ATOM   1208 C C   . VAL A 1 149 ? -2.321  -7.446  8.213   1.00 9.00  ? 149  VAL X C   1 
ATOM   1209 O O   . VAL A 1 149 ? -1.305  -8.172  8.218   1.00 9.13  ? 149  VAL X O   1 
ATOM   1210 C CB  . VAL A 1 149 ? -2.526  -5.518  6.582   1.00 8.18  ? 149  VAL X CB  1 
ATOM   1211 C CG1 . VAL A 1 149 ? -1.002  -5.364  6.649   1.00 9.06  ? 149  VAL X CG1 1 
ATOM   1212 C CG2 . VAL A 1 149 ? -3.065  -5.136  5.204   1.00 9.08  ? 149  VAL X CG2 1 
ATOM   1213 N N   . ILE A 1 150 ? -2.941  -7.074  9.318   1.00 9.03  ? 150  ILE X N   1 
ATOM   1214 C CA  . ILE A 1 150 ? -2.441  -7.499  10.616  1.00 9.93  ? 150  ILE X CA  1 
ATOM   1215 C C   . ILE A 1 150 ? -2.468  -9.032  10.744  1.00 10.22 ? 150  ILE X C   1 
ATOM   1216 O O   . ILE A 1 150 ? -1.493  -9.629  11.235  1.00 10.91 ? 150  ILE X O   1 
ATOM   1217 C CB  . ILE A 1 150 ? -3.208  -6.813  11.767  1.00 9.84  ? 150  ILE X CB  1 
ATOM   1218 C CG1 . ILE A 1 150 ? -2.856  -5.323  11.775  1.00 10.22 ? 150  ILE X CG1 1 
ATOM   1219 C CG2 . ILE A 1 150 ? -2.845  -7.465  13.089  1.00 11.56 ? 150  ILE X CG2 1 
ATOM   1220 C CD1 . ILE A 1 150 ? -3.772  -4.490  12.646  1.00 10.80 ? 150  ILE X CD1 1 
ATOM   1221 N N   . THR A 1 151 ? -3.566  -9.665  10.303  1.00 9.99  ? 151  THR X N   1 
ATOM   1222 C CA  . THR A 1 151 ? -3.667  -11.133 10.331  1.00 9.69  ? 151  THR X CA  1 
ATOM   1223 C C   . THR A 1 151 ? -2.537  -11.773 9.537   1.00 9.60  ? 151  THR X C   1 
ATOM   1224 O O   . THR A 1 151 ? -1.975  -12.805 9.930   1.00 10.20 ? 151  THR X O   1 
ATOM   1225 C CB  . THR A 1 151 ? -5.032  -11.588 9.814   1.00 10.34 ? 151  THR X CB  1 
ATOM   1226 O OG1 . THR A 1 151 ? -5.999  -11.239 10.807  1.00 12.10 ? 151  THR X OG1 1 
ATOM   1227 C CG2 . THR A 1 151 ? -5.065  -13.099 9.580   1.00 10.85 ? 151  THR X CG2 1 
ATOM   1228 N N   . THR A 1 152 ? -2.192  -11.130 8.426   1.00 9.28  ? 152  THR X N   1 
ATOM   1229 C CA  . THR A 1 152 ? -1.115  -11.617 7.576   1.00 9.42  ? 152  THR X CA  1 
ATOM   1230 C C   . THR A 1 152 ? 0.228   -11.555 8.311   1.00 9.53  ? 152  THR X C   1 
ATOM   1231 O O   . THR A 1 152 ? 1.010   -12.514 8.276   1.00 9.96  ? 152  THR X O   1 
ATOM   1232 C CB  . THR A 1 152 ? -1.075  -10.866 6.233   1.00 9.69  ? 152  THR X CB  1 
ATOM   1233 O OG1 . THR A 1 152 ? -2.408  -10.863 5.667   1.00 9.91  ? 152  THR X OG1 1 
ATOM   1234 C CG2 . THR A 1 152 ? -0.119  -11.584 5.277   1.00 10.01 ? 152  THR X CG2 1 
ATOM   1235 N N   . PHE A 1 153 ? 0.506   -10.423 8.955   1.00 9.31  ? 153  PHE X N   1 
ATOM   1236 C CA  . PHE A 1 153 ? 1.690   -10.337 9.833   1.00 9.57  ? 153  PHE X CA  1 
ATOM   1237 C C   . PHE A 1 153 ? 1.649   -11.318 11.005  1.00 10.15 ? 153  PHE X C   1 
ATOM   1238 O O   . PHE A 1 153 ? 2.693   -11.849 11.393  1.00 11.78 ? 153  PHE X O   1 
ATOM   1239 C CB  . PHE A 1 153 ? 1.835   -8.940  10.411  1.00 9.67  ? 153  PHE X CB  1 
ATOM   1240 C CG  . PHE A 1 153 ? 2.502   -7.942  9.498   1.00 9.67  ? 153  PHE X CG  1 
ATOM   1241 C CD1 . PHE A 1 153 ? 3.777   -8.188  8.946   1.00 9.02  ? 153  PHE X CD1 1 
ATOM   1242 C CD2 . PHE A 1 153 ? 1.888   -6.714  9.236   1.00 10.22 ? 153  PHE X CD2 1 
ATOM   1243 C CE1 . PHE A 1 153 ? 4.414   -7.222  8.144   1.00 10.67 ? 153  PHE X CE1 1 
ATOM   1244 C CE2 . PHE A 1 153 ? 2.518   -5.749  8.430   1.00 11.03 ? 153  PHE X CE2 1 
ATOM   1245 C CZ  . PHE A 1 153 ? 3.775   -6.009  7.879   1.00 10.39 ? 153  PHE X CZ  1 
ATOM   1246 N N   . ARG A 1 154 ? 0.473   -11.539 11.594  1.00 10.74 ? 154  ARG X N   1 
ATOM   1247 C CA  . ARG A 1 154 ? 0.394   -12.369 12.796  1.00 10.92 ? 154  ARG X CA  1 
ATOM   1248 C C   . ARG A 1 154 ? 0.697   -13.822 12.453  1.00 10.51 ? 154  ARG X C   1 
ATOM   1249 O O   . ARG A 1 154 ? 1.430   -14.500 13.195  1.00 9.95  ? 154  ARG X O   1 
ATOM   1250 C CB  . ARG A 1 154 ? -0.974  -12.253 13.471  1.00 11.27 ? 154  ARG X CB  1 
ATOM   1251 C CG  . ARG A 1 154 ? -1.073  -13.047 14.801  1.00 11.99 ? 154  ARG X CG  1 
ATOM   1252 C CD  . ARG A 1 154 ? -2.459  -12.879 15.468  1.00 12.16 ? 154  ARG X CD  1 
ATOM   1253 N NE  . ARG A 1 154 ? -3.584  -13.199 14.566  1.00 15.29 ? 154  ARG X NE  1 
ATOM   1254 C CZ  . ARG A 1 154 ? -4.069  -14.428 14.353  1.00 18.50 ? 154  ARG X CZ  1 
ATOM   1255 N NH1 . ARG A 1 154 ? -3.529  -15.487 14.955  1.00 19.86 ? 154  ARG X NH1 1 
ATOM   1256 N NH2 . ARG A 1 154 ? -5.089  -14.610 13.511  1.00 20.96 ? 154  ARG X NH2 1 
ATOM   1257 N N   . THR A 1 155 ? 0.153   -14.270 11.315  1.00 10.19 ? 155  THR X N   1 
ATOM   1258 C CA  . THR A 1 155 ? 0.117   -15.712 10.980  1.00 10.70 ? 155  THR X CA  1 
ATOM   1259 C C   . THR A 1 155 ? 1.114   -16.150 9.921   1.00 10.62 ? 155  THR X C   1 
ATOM   1260 O O   . THR A 1 155 ? 1.441   -17.342 9.836   1.00 11.60 ? 155  THR X O   1 
ATOM   1261 C CB  . THR A 1 155 ? -1.290  -16.152 10.482  1.00 10.90 ? 155  THR X CB  1 
ATOM   1262 O OG1 . THR A 1 155 ? -1.573  -15.506 9.229   1.00 10.72 ? 155  THR X OG1 1 
ATOM   1263 C CG2 . THR A 1 155 ? -2.371  -15.816 11.511  1.00 12.20 ? 155  THR X CG2 1 
ATOM   1264 N N   . GLY A 1 156 ? 1.548   -15.220 9.069   1.00 9.93  ? 156  GLY X N   1 
ATOM   1265 C CA  . GLY A 1 156 ? 2.416   -15.577 7.949   1.00 10.31 ? 156  GLY X CA  1 
ATOM   1266 C C   . GLY A 1 156 ? 1.675   -16.461 6.942   1.00 10.02 ? 156  GLY X C   1 
ATOM   1267 O O   . GLY A 1 156 ? 2.302   -17.212 6.173   1.00 10.83 ? 156  GLY X O   1 
ATOM   1268 N N   . THR A 1 157 ? 0.344   -16.374 6.946   1.00 9.78  ? 157  THR X N   1 
ATOM   1269 C CA  . THR A 1 157 ? -0.496  -17.079 5.968   1.00 10.10 ? 157  THR X CA  1 
ATOM   1270 C C   . THR A 1 157 ? -1.367  -16.069 5.224   1.00 10.31 ? 157  THR X C   1 
ATOM   1271 O O   . THR A 1 157 ? -1.476  -14.909 5.619   1.00 10.37 ? 157  THR X O   1 
ATOM   1272 C CB  . THR A 1 157 ? -1.486  -18.080 6.630   1.00 10.31 ? 157  THR X CB  1 
ATOM   1273 O OG1 . THR A 1 157 ? -2.521  -17.350 7.310   1.00 10.58 ? 157  THR X OG1 1 
ATOM   1274 C CG2 . THR A 1 157 ? -0.766  -19.018 7.603   1.00 10.23 ? 157  THR X CG2 1 
ATOM   1275 N N   . TRP A 1 158 ? -2.033  -16.553 4.183   1.00 10.13 ? 158  TRP X N   1 
ATOM   1276 C CA  . TRP A 1 158 ? -2.959  -15.742 3.400   1.00 10.63 ? 158  TRP X CA  1 
ATOM   1277 C C   . TRP A 1 158 ? -4.422  -15.940 3.840   1.00 10.79 ? 158  TRP X C   1 
ATOM   1278 O O   . TRP A 1 158 ? -5.354  -15.657 3.076   1.00 11.23 ? 158  TRP X O   1 
ATOM   1279 C CB  . TRP A 1 158 ? -2.823  -16.121 1.930   1.00 11.19 ? 158  TRP X CB  1 
ATOM   1280 C CG  . TRP A 1 158 ? -1.539  -15.710 1.319   1.00 10.93 ? 158  TRP X CG  1 
ATOM   1281 C CD1 . TRP A 1 158 ? -0.536  -16.536 0.862   1.00 11.26 ? 158  TRP X CD1 1 
ATOM   1282 C CD2 . TRP A 1 158 ? -1.112  -14.368 1.057   1.00 11.56 ? 158  TRP X CD2 1 
ATOM   1283 N NE1 . TRP A 1 158 ? 0.483   -15.781 0.327   1.00 12.16 ? 158  TRP X NE1 1 
ATOM   1284 C CE2 . TRP A 1 158 ? 0.164   -14.448 0.449   1.00 11.41 ? 158  TRP X CE2 1 
ATOM   1285 C CE3 . TRP A 1 158 ? -1.680  -13.100 1.283   1.00 11.39 ? 158  TRP X CE3 1 
ATOM   1286 C CZ2 . TRP A 1 158 ? 0.882   -13.297 0.043   1.00 10.67 ? 158  TRP X CZ2 1 
ATOM   1287 C CZ3 . TRP A 1 158 ? -0.966  -11.957 0.875   1.00 12.54 ? 158  TRP X CZ3 1 
ATOM   1288 C CH2 . TRP A 1 158 ? 0.298   -12.076 0.267   1.00 11.46 ? 158  TRP X CH2 1 
ATOM   1289 N N   . ASP A 1 159 ? -4.615  -16.406 5.072   1.00 11.37 ? 159  ASP X N   1 
ATOM   1290 C CA  . ASP A 1 159 ? -5.961  -16.741 5.571   1.00 12.51 ? 159  ASP X CA  1 
ATOM   1291 C C   . ASP A 1 159 ? -6.952  -15.585 5.435   1.00 12.94 ? 159  ASP X C   1 
ATOM   1292 O O   . ASP A 1 159 ? -8.145  -15.797 5.133   1.00 12.50 ? 159  ASP X O   1 
ATOM   1293 C CB  . ASP A 1 159 ? -5.882  -17.194 7.027   1.00 12.63 ? 159  ASP X CB  1 
ATOM   1294 C CG  . ASP A 1 159 ? -5.338  -18.613 7.179   1.00 16.29 ? 159  ASP X CG  1 
ATOM   1295 O OD1 . ASP A 1 159 ? -4.984  -19.246 6.169   1.00 17.01 ? 159  ASP X OD1 1 
ATOM   1296 O OD2 . ASP A 1 159 ? -5.276  -19.096 8.329   1.00 21.90 ? 159  ASP X OD2 1 
ATOM   1297 N N   . ALA A 1 160 ? -6.463  -14.364 5.658   1.00 12.18 ? 160  ALA X N   1 
ATOM   1298 C CA  . ALA A 1 160 ? -7.336  -13.185 5.617   1.00 12.21 ? 160  ALA X CA  1 
ATOM   1299 C C   . ALA A 1 160 ? -7.826  -12.849 4.200   1.00 12.58 ? 160  ALA X C   1 
ATOM   1300 O O   . ALA A 1 160 ? -8.775  -12.071 4.062   1.00 13.51 ? 160  ALA X O   1 
ATOM   1301 C CB  . ALA A 1 160 ? -6.629  -11.969 6.248   1.00 12.53 ? 160  ALA X CB  1 
ATOM   1302 N N   . TYR A 1 161 ? -7.204  -13.443 3.175   1.00 12.85 ? 161  TYR X N   1 
ATOM   1303 C CA  . TYR A 1 161 ? -7.495  -13.091 1.766   1.00 13.62 ? 161  TYR X CA  1 
ATOM   1304 C C   . TYR A 1 161 ? -8.150  -14.241 0.984   1.00 15.92 ? 161  TYR X C   1 
ATOM   1305 O O   . TYR A 1 161 ? -8.524  -14.082 -0.176  1.00 15.67 ? 161  TYR X O   1 
ATOM   1306 C CB  . TYR A 1 161 ? -6.236  -12.557 1.056   1.00 13.12 ? 161  TYR X CB  1 
ATOM   1307 C CG  . TYR A 1 161 ? -5.837  -11.185 1.553   1.00 11.08 ? 161  TYR X CG  1 
ATOM   1308 C CD1 . TYR A 1 161 ? -5.012  -11.046 2.668   1.00 10.27 ? 161  TYR X CD1 1 
ATOM   1309 C CD2 . TYR A 1 161 ? -6.319  -10.026 0.937   1.00 8.59  ? 161  TYR X CD2 1 
ATOM   1310 C CE1 . TYR A 1 161 ? -4.665  -9.784  3.150   1.00 9.84  ? 161  TYR X CE1 1 
ATOM   1311 C CE2 . TYR A 1 161 ? -5.971  -8.750  1.401   1.00 8.75  ? 161  TYR X CE2 1 
ATOM   1312 C CZ  . TYR A 1 161 ? -5.134  -8.638  2.516   1.00 10.53 ? 161  TYR X CZ  1 
ATOM   1313 O OH  . TYR A 1 161 ? -4.787  -7.396  3.024   1.00 10.67 ? 161  TYR X OH  1 
ATOM   1314 N N   . LYS A 1 162 ? -8.296  -15.391 1.643   1.00 18.54 ? 162  LYS X N   1 
ATOM   1315 C CA  . LYS A 1 162 ? -8.991  -16.540 1.058   0.50 20.31 ? 162  LYS X CA  1 
ATOM   1316 C C   . LYS A 1 162 ? -10.497 -16.405 1.211   1.00 21.55 ? 162  LYS X C   1 
ATOM   1317 O O   . LYS A 1 162 ? -11.254 -16.723 0.284   1.00 24.19 ? 162  LYS X O   1 
ATOM   1318 C CB  . LYS A 1 162 ? -8.515  -17.835 1.706   0.50 20.53 ? 162  LYS X CB  1 
ATOM   1319 C CG  . LYS A 1 162 ? -7.178  -18.316 1.188   0.50 21.03 ? 162  LYS X CG  1 
ATOM   1320 C CD  . LYS A 1 162 ? -6.755  -19.600 1.892   0.50 22.25 ? 162  LYS X CD  1 
ATOM   1321 C CE  . LYS A 1 162 ? -6.157  -19.288 3.252   0.50 22.56 ? 162  LYS X CE  1 
ATOM   1322 N NZ  . LYS A 1 162 ? -5.729  -20.496 3.980   0.50 23.46 ? 162  LYS X NZ  1 
HETATM 1323 P P   . PO4 B 2 .   ? 4.468   -13.421 20.852  0.50 14.34 ? 2001 PO4 X P   1 
HETATM 1324 O O1  . PO4 B 2 .   ? 5.958   -13.770 20.762  0.50 10.60 ? 2001 PO4 X O1  1 
HETATM 1325 O O2  . PO4 B 2 .   ? 4.373   -11.909 20.859  0.50 13.95 ? 2001 PO4 X O2  1 
HETATM 1326 O O3  . PO4 B 2 .   ? 3.651   -13.901 19.672  0.50 9.55  ? 2001 PO4 X O3  1 
HETATM 1327 O O4  . PO4 B 2 .   ? 3.860   -13.993 22.129  0.50 11.41 ? 2001 PO4 X O4  1 
HETATM 1328 P P   . PO4 C 2 .   ? -14.341 -4.507  3.355   0.50 22.33 ? 2002 PO4 X P   1 
HETATM 1329 O O1  . PO4 C 2 .   ? -15.273 -4.838  2.218   0.50 21.89 ? 2002 PO4 X O1  1 
HETATM 1330 O O2  . PO4 C 2 .   ? -13.156 -3.728  2.806   0.50 19.07 ? 2002 PO4 X O2  1 
HETATM 1331 O O3  . PO4 C 2 .   ? -15.094 -3.676  4.372   0.50 19.46 ? 2002 PO4 X O3  1 
HETATM 1332 O O4  . PO4 C 2 .   ? -13.825 -5.763  4.016   0.50 20.62 ? 2002 PO4 X O4  1 
HETATM 1333 P P   . PO4 D 2 .   ? 1.476   15.659  -5.319  0.50 14.10 ? 2003 PO4 X P   1 
HETATM 1334 O O1  . PO4 D 2 .   ? 2.010   14.280  -5.643  0.50 13.90 ? 2003 PO4 X O1  1 
HETATM 1335 O O2  . PO4 D 2 .   ? 2.651   16.597  -5.097  0.50 15.10 ? 2003 PO4 X O2  1 
HETATM 1336 O O3  . PO4 D 2 .   ? 0.693   16.157  -6.507  0.50 14.62 ? 2003 PO4 X O3  1 
HETATM 1337 O O4  . PO4 D 2 .   ? 0.575   15.638  -4.097  0.50 13.87 ? 2003 PO4 X O4  1 
HETATM 1338 C CAA . 259 E 3 .   ? 4.466   -1.435  10.433  0.50 17.95 ? 1001 259 X CAA 1 
HETATM 1339 S SAH . 259 E 3 .   ? 4.721   -0.602  8.880   0.50 15.29 ? 1001 259 X SAH 1 
HETATM 1340 C CAI . 259 E 3 .   ? 5.926   -1.545  8.048   0.50 14.76 ? 1001 259 X CAI 1 
HETATM 1341 C CAD . 259 E 3 .   ? 6.654   -0.953  7.028   0.50 14.09 ? 1001 259 X CAD 1 
HETATM 1342 C CAF . 259 E 3 .   ? 7.637   -1.682  6.376   0.50 14.90 ? 1001 259 X CAF 1 
HETATM 1343 C CAJ . 259 E 3 .   ? 7.888   -2.998  6.739   0.50 15.52 ? 1001 259 X CAJ 1 
HETATM 1344 N NAK . 259 E 3 .   ? 8.852   -3.656  6.103   0.50 16.64 ? 1001 259 X NAK 1 
HETATM 1345 O OAC . 259 E 3 .   ? 9.273   -4.907  6.565   0.50 16.85 ? 1001 259 X OAC 1 
HETATM 1346 O OAB . 259 E 3 .   ? 9.485   -3.072  4.999   0.50 16.91 ? 1001 259 X OAB 1 
HETATM 1347 C CAG . 259 E 3 .   ? 7.164   -3.600  7.767   0.50 14.99 ? 1001 259 X CAG 1 
HETATM 1348 C CAE . 259 E 3 .   ? 6.173   -2.873  8.420   0.50 14.60 ? 1001 259 X CAE 1 
HETATM 1349 O O   . HOH F 4 .   ? -2.645  4.543   -2.926  1.00 7.29  ? 2004 HOH X O   1 
HETATM 1350 O O   . HOH F 4 .   ? -13.093 -0.739  7.095   1.00 12.61 ? 2005 HOH X O   1 
HETATM 1351 O O   . HOH F 4 .   ? -1.754  1.315   -8.893  1.00 10.50 ? 2006 HOH X O   1 
HETATM 1352 O O   . HOH F 4 .   ? -3.717  -13.387 5.791   1.00 11.22 ? 2007 HOH X O   1 
HETATM 1353 O O   . HOH F 4 .   ? -3.449  1.461   -11.086 1.00 10.57 ? 2008 HOH X O   1 
HETATM 1354 O O   . HOH F 4 .   ? -10.803 -1.022  5.535   1.00 13.67 ? 2009 HOH X O   1 
HETATM 1355 O O   . HOH F 4 .   ? 11.144  -10.821 11.305  1.00 12.81 ? 2010 HOH X O   1 
HETATM 1356 O O   . HOH F 4 .   ? -2.132  -1.614  4.579   1.00 10.95 ? 2011 HOH X O   1 
HETATM 1357 O O   . HOH F 4 .   ? 9.278   -14.931 9.398   1.00 12.93 ? 2012 HOH X O   1 
HETATM 1358 O O   . HOH F 4 .   ? -7.957  7.604   13.881  1.00 10.27 ? 2013 HOH X O   1 
HETATM 1359 O O   . HOH F 4 .   ? -6.422  14.806  -4.284  1.00 14.49 ? 2014 HOH X O   1 
HETATM 1360 O O   . HOH F 4 .   ? -5.669  6.132   16.553  1.00 10.17 ? 2015 HOH X O   1 
HETATM 1361 O O   . HOH F 4 .   ? -6.315  4.248   7.040   1.00 13.63 ? 2016 HOH X O   1 
HETATM 1362 O O   . HOH F 4 .   ? -7.084  -10.428 -6.276  1.00 13.65 ? 2017 HOH X O   1 
HETATM 1363 O O   . HOH F 4 .   ? -11.905 10.763  4.264   1.00 11.53 ? 2018 HOH X O   1 
HETATM 1364 O O   . HOH F 4 .   ? 5.238   2.145   16.857  1.00 15.89 ? 2019 HOH X O   1 
HETATM 1365 O O   . HOH F 4 .   ? -6.377  -8.868  12.635  1.00 12.02 ? 2020 HOH X O   1 
HETATM 1366 O O   . HOH F 4 .   ? -1.513  5.226   11.666  1.00 12.18 ? 2021 HOH X O   1 
HETATM 1367 O O   . HOH F 4 .   ? -1.350  -13.567 -9.610  1.00 12.33 ? 2022 HOH X O   1 
HETATM 1368 O O   . HOH F 4 .   ? -4.595  -10.653 13.940  1.00 17.08 ? 2023 HOH X O   1 
HETATM 1369 O O   . HOH F 4 .   ? -4.546  -6.626  16.415  1.00 12.18 ? 2024 HOH X O   1 
HETATM 1370 O O   . HOH F 4 .   ? 2.099   -5.617  21.915  1.00 16.11 ? 2025 HOH X O   1 
HETATM 1371 O O   . HOH F 4 .   ? 2.454   4.492   -18.191 1.00 14.27 ? 2026 HOH X O   1 
HETATM 1372 O O   . HOH F 4 .   ? -12.180 19.077  -5.660  1.00 12.18 ? 2027 HOH X O   1 
HETATM 1373 O O   . HOH F 4 .   ? -8.633  2.232   -3.705  1.00 14.32 ? 2028 HOH X O   1 
HETATM 1374 O O   . HOH F 4 .   ? -6.475  4.021   -2.913  1.00 13.72 ? 2029 HOH X O   1 
HETATM 1375 O O   . HOH F 4 .   ? -11.166 -7.703  7.966   1.00 13.40 ? 2030 HOH X O   1 
HETATM 1376 O O   . HOH F 4 .   ? 8.428   2.533   -0.740  1.00 20.16 ? 2031 HOH X O   1 
HETATM 1377 O O   . HOH F 4 .   ? -4.368  -3.204  20.039  1.00 20.11 ? 2032 HOH X O   1 
HETATM 1378 O O   . HOH F 4 .   ? 8.646   0.495   -11.369 1.00 23.51 ? 2033 HOH X O   1 
HETATM 1379 O O   . HOH F 4 .   ? -11.749 15.483  -0.996  1.00 16.08 ? 2034 HOH X O   1 
HETATM 1380 O O   . HOH F 4 .   ? -9.069  15.768  -3.271  1.00 19.74 ? 2035 HOH X O   1 
HETATM 1381 O O   . HOH F 4 .   ? -3.773  -9.335  -9.275  1.00 14.89 ? 2036 HOH X O   1 
HETATM 1382 O O   . HOH F 4 .   ? -11.898 -9.040  5.502   1.00 14.43 ? 2037 HOH X O   1 
HETATM 1383 O O   . HOH F 4 .   ? 3.165   4.315   -11.732 1.00 16.96 ? 2038 HOH X O   1 
HETATM 1384 O O   . HOH F 4 .   ? 4.831   -15.284 17.849  1.00 12.84 ? 2039 HOH X O   1 
HETATM 1385 O O   . HOH F 4 .   ? 1.468   11.415  -12.371 1.00 16.71 ? 2040 HOH X O   1 
HETATM 1386 O O   . HOH F 4 .   ? -0.574  -3.624  -18.509 1.00 15.20 ? 2041 HOH X O   1 
HETATM 1387 O O   . HOH F 4 .   ? -12.754 2.162   13.356  1.00 13.05 ? 2042 HOH X O   1 
HETATM 1388 O O   . HOH F 4 .   ? 0.290   -19.535 11.534  1.00 25.10 ? 2043 HOH X O   1 
HETATM 1389 O O   . HOH F 4 .   ? -7.978  6.023   5.420   1.00 14.47 ? 2044 HOH X O   1 
HETATM 1390 O O   . HOH F 4 .   ? 14.620  -11.627 12.543  1.00 15.75 ? 2045 HOH X O   1 
HETATM 1391 O O   . HOH F 4 .   ? -1.525  -19.351 3.354   1.00 13.16 ? 2046 HOH X O   1 
HETATM 1392 O O   . HOH F 4 .   ? 2.430   -19.431 4.512   1.00 17.02 ? 2047 HOH X O   1 
HETATM 1393 O O   . HOH F 4 .   ? -2.403  -10.533 18.510  1.00 18.84 ? 2048 HOH X O   1 
HETATM 1394 O O   . HOH F 4 .   ? -9.676  -2.219  1.512   1.00 16.16 ? 2049 HOH X O   1 
HETATM 1395 O O   . HOH F 4 .   ? -10.460 -1.631  -20.100 1.00 16.95 ? 2050 HOH X O   1 
HETATM 1396 O O   . HOH F 4 .   ? -1.911  -6.043  -18.122 1.00 15.56 ? 2051 HOH X O   1 
HETATM 1397 O O   . HOH F 4 .   ? 8.434   -15.244 18.936  1.00 15.11 ? 2052 HOH X O   1 
HETATM 1398 O O   . HOH F 4 .   ? -13.356 12.429  2.398   1.00 12.48 ? 2053 HOH X O   1 
HETATM 1399 O O   . HOH F 4 .   ? 3.873   -11.493 -3.050  1.00 14.81 ? 2054 HOH X O   1 
HETATM 1400 O O   . HOH F 4 .   ? -4.991  6.514   -3.154  1.00 13.19 ? 2055 HOH X O   1 
HETATM 1401 O O   . HOH F 4 .   ? 13.266  4.846   0.426   1.00 20.16 ? 2056 HOH X O   1 
HETATM 1402 O O   . HOH F 4 .   ? -7.891  1.076   2.011   1.00 15.86 ? 2057 HOH X O   1 
HETATM 1403 O O   . HOH F 4 .   ? -7.303  -2.715  -21.309 1.00 23.10 ? 2058 HOH X O   1 
HETATM 1404 O O   . HOH F 4 .   ? -9.186  8.067   -22.370 1.00 19.40 ? 2059 HOH X O   1 
HETATM 1405 O O   . HOH F 4 .   ? -5.035  0.336   -23.350 1.00 19.81 ? 2060 HOH X O   1 
HETATM 1406 O O   . HOH F 4 .   ? -11.179 8.447   6.904   1.00 13.74 ? 2061 HOH X O   1 
HETATM 1407 O O   . HOH F 4 .   ? -6.310  -6.639  14.296  1.00 14.80 ? 2062 HOH X O   1 
HETATM 1408 O O   . HOH F 4 .   ? -10.305 21.419  -11.027 1.00 29.49 ? 2063 HOH X O   1 
HETATM 1409 O O   . HOH F 4 .   ? -9.721  -9.544  -6.933  1.00 22.06 ? 2064 HOH X O   1 
HETATM 1410 O O   . HOH F 4 .   ? -4.021  3.200   -1.061  1.00 16.68 ? 2065 HOH X O   1 
HETATM 1411 O O   . HOH F 4 .   ? 16.069  -0.399  -3.982  1.00 21.45 ? 2066 HOH X O   1 
HETATM 1412 O O   . HOH F 4 .   ? -10.653 -11.467 5.811   1.00 15.79 ? 2067 HOH X O   1 
HETATM 1413 O O   . HOH F 4 .   ? -6.286  -10.520 -8.979  1.00 14.89 ? 2068 HOH X O   1 
HETATM 1414 O O   . HOH F 4 .   ? -10.791 5.916   5.806   1.00 17.06 ? 2069 HOH X O   1 
HETATM 1415 O O   . HOH F 4 .   ? 17.346  -8.032  8.785   1.00 20.00 ? 2070 HOH X O   1 
HETATM 1416 O O   . HOH F 4 .   ? -1.387  3.561   -23.112 1.00 18.14 ? 2071 HOH X O   1 
HETATM 1417 O O   . HOH F 4 .   ? -8.552  -6.394  15.631  1.00 18.59 ? 2072 HOH X O   1 
HETATM 1418 O O   . HOH F 4 .   ? 0.568   -7.432  23.604  1.00 19.45 ? 2073 HOH X O   1 
HETATM 1419 O O   . HOH F 4 .   ? -1.794  -16.794 -6.490  1.00 18.63 ? 2074 HOH X O   1 
HETATM 1420 O O   . HOH F 4 .   ? -12.052 2.764   -19.680 1.00 19.85 ? 2075 HOH X O   1 
HETATM 1421 O O   . HOH F 4 .   ? -7.134  -13.099 -5.916  1.00 19.64 ? 2076 HOH X O   1 
HETATM 1422 O O   . HOH F 4 .   ? -12.430 3.982   15.452  1.00 18.73 ? 2077 HOH X O   1 
HETATM 1423 O O   . HOH F 4 .   ? -3.831  -6.853  -10.424 1.00 19.40 ? 2078 HOH X O   1 
HETATM 1424 O O   . HOH F 4 .   ? -5.663  9.616   -25.561 1.00 21.13 ? 2079 HOH X O   1 
HETATM 1425 O O   . HOH F 4 .   ? -4.297  -9.414  16.696  1.00 15.72 ? 2080 HOH X O   1 
HETATM 1426 O O   . HOH F 4 .   ? 1.687   -2.915  22.204  1.00 16.72 ? 2081 HOH X O   1 
HETATM 1427 O O   . HOH F 4 .   ? 10.764  3.719   -5.190  1.00 26.96 ? 2082 HOH X O   1 
HETATM 1428 O O   . HOH F 4 .   ? 0.930   -19.897 2.238   1.00 14.97 ? 2083 HOH X O   1 
HETATM 1429 O O   . HOH F 4 .   ? 2.894   -19.503 8.817   1.00 19.95 ? 2084 HOH X O   1 
HETATM 1430 O O   . HOH F 4 .   ? 4.601   4.911   -7.890  1.00 20.17 ? 2085 HOH X O   1 
HETATM 1431 O O   . HOH F 4 .   ? -10.190 0.153   3.044   1.00 20.87 ? 2086 HOH X O   1 
HETATM 1432 O O   . HOH F 4 .   ? -4.052  7.986   0.391   1.00 19.39 ? 2087 HOH X O   1 
HETATM 1433 O O   . HOH F 4 .   ? -10.055 10.968  6.128   1.00 18.74 ? 2088 HOH X O   1 
HETATM 1434 O O   . HOH F 4 .   ? -11.089 17.630  -3.621  1.00 21.15 ? 2089 HOH X O   1 
HETATM 1435 O O   . HOH F 4 .   ? -5.719  -5.861  18.788  1.00 18.72 ? 2090 HOH X O   1 
HETATM 1436 O O   . HOH F 4 .   ? 4.616   3.063   -5.414  1.00 19.65 ? 2091 HOH X O   1 
HETATM 1437 O O   . HOH F 4 .   ? 9.265   5.133   7.563   1.00 34.18 ? 2092 HOH X O   1 
HETATM 1438 O O   . HOH F 4 .   ? -13.569 12.020  -8.683  1.00 21.81 ? 2093 HOH X O   1 
HETATM 1439 O O   . HOH F 4 .   ? 8.432   7.052   15.159  1.00 24.44 ? 2094 HOH X O   1 
HETATM 1440 O O   . HOH F 4 .   ? -5.950  19.046  -16.464 1.00 23.20 ? 2095 HOH X O   1 
HETATM 1441 O O   . HOH F 4 .   ? -13.096 -4.990  -7.125  1.00 35.24 ? 2096 HOH X O   1 
HETATM 1442 O O   . HOH F 4 .   ? -13.926 11.887  -0.361  1.00 12.81 ? 2097 HOH X O   1 
HETATM 1443 O O   . HOH F 4 .   ? 0.177   -9.973  22.534  1.00 20.80 ? 2098 HOH X O   1 
HETATM 1444 O O   . HOH F 4 .   ? 0.173   2.174   -21.136 1.00 19.02 ? 2099 HOH X O   1 
HETATM 1445 O O   . HOH F 4 .   ? -1.575  -6.970  -12.070 1.00 14.29 ? 2100 HOH X O   1 
HETATM 1446 O O   . HOH F 4 .   ? -12.484 10.028  11.064  1.00 14.29 ? 2101 HOH X O   1 
HETATM 1447 O O   . HOH F 4 .   ? 5.904   -10.875 -1.125  1.00 22.39 ? 2102 HOH X O   1 
HETATM 1448 O O   . HOH F 4 .   ? -8.738  15.308  1.511   1.00 32.99 ? 2103 HOH X O   1 
HETATM 1449 O O   . HOH F 4 .   ? -5.385  3.402   -24.225 1.00 21.24 ? 2104 HOH X O   1 
HETATM 1450 O O   . HOH F 4 .   ? -13.211 -2.055  -7.410  1.00 18.48 ? 2105 HOH X O   1 
HETATM 1451 O O   . HOH F 4 .   ? 12.597  -3.961  -9.165  1.00 22.49 ? 2106 HOH X O   1 
HETATM 1452 O O   . HOH F 4 .   ? -2.323  -7.424  -20.494 1.00 21.80 ? 2107 HOH X O   1 
HETATM 1453 O O   . HOH F 4 .   ? -9.507  5.233   -22.297 1.00 24.84 ? 2108 HOH X O   1 
HETATM 1454 O O   . HOH F 4 .   ? -14.287 1.556   -13.551 1.00 20.78 ? 2109 HOH X O   1 
HETATM 1455 O O   A HOH F 4 .   ? -1.861  6.251   -0.896  0.50 12.48 ? 2110 HOH X O   1 
HETATM 1456 O O   B HOH F 4 .   ? -0.512  5.500   -1.908  0.50 15.13 ? 2110 HOH X O   1 
HETATM 1457 O O   . HOH F 4 .   ? 3.973   -1.840  -15.713 1.00 18.06 ? 2111 HOH X O   1 
HETATM 1458 O O   . HOH F 4 .   ? -11.826 -5.228  -4.237  1.00 26.85 ? 2112 HOH X O   1 
HETATM 1459 O O   . HOH F 4 .   ? -14.457 17.789  -4.884  1.00 23.88 ? 2113 HOH X O   1 
HETATM 1460 O O   . HOH F 4 .   ? -12.010 4.140   -22.120 1.00 23.48 ? 2114 HOH X O   1 
HETATM 1461 O O   . HOH F 4 .   ? 9.184   3.581   9.708   1.00 24.95 ? 2115 HOH X O   1 
HETATM 1462 O O   . HOH F 4 .   ? 6.664   6.346   0.074   1.00 25.41 ? 2116 HOH X O   1 
HETATM 1463 O O   . HOH F 4 .   ? -8.385  -14.406 -3.283  1.00 27.73 ? 2117 HOH X O   1 
HETATM 1464 O O   . HOH F 4 .   ? -3.679  -21.434 7.083   1.00 24.88 ? 2118 HOH X O   1 
HETATM 1465 O O   . HOH F 4 .   ? -8.137  4.266   -24.488 1.00 30.62 ? 2119 HOH X O   1 
HETATM 1466 O O   . HOH F 4 .   ? 9.711   -5.159  21.427  1.00 29.07 ? 2120 HOH X O   1 
HETATM 1467 O O   . HOH F 4 .   ? 2.590   3.534   -20.788 1.00 25.03 ? 2121 HOH X O   1 
HETATM 1468 O O   . HOH F 4 .   ? -6.650  2.201   18.435  1.00 19.32 ? 2122 HOH X O   1 
HETATM 1469 O O   . HOH F 4 .   ? -11.436 20.725  -8.584  1.00 28.79 ? 2123 HOH X O   1 
HETATM 1470 O O   . HOH F 4 .   ? 0.083   8.358   5.209   1.00 28.87 ? 2124 HOH X O   1 
HETATM 1471 O O   . HOH F 4 .   ? -1.518  -15.988 16.659  1.00 17.88 ? 2125 HOH X O   1 
HETATM 1472 O O   . HOH F 4 .   ? 0.318   9.130   1.621   1.00 36.54 ? 2126 HOH X O   1 
HETATM 1473 O O   . HOH F 4 .   ? -6.912  13.396  -17.325 1.00 26.64 ? 2127 HOH X O   1 
HETATM 1474 O O   . HOH F 4 .   ? 0.073   5.898   -23.433 1.00 23.79 ? 2128 HOH X O   1 
HETATM 1475 O O   . HOH F 4 .   ? 19.506  -0.025  8.573   1.00 34.76 ? 2129 HOH X O   1 
HETATM 1476 O O   . HOH F 4 .   ? 12.247  -0.419  14.988  1.00 24.22 ? 2130 HOH X O   1 
HETATM 1477 O O   . HOH F 4 .   ? -6.131  -6.481  -11.989 1.00 26.09 ? 2131 HOH X O   1 
HETATM 1478 O O   . HOH F 4 .   ? -3.103  6.954   9.047   1.00 25.81 ? 2132 HOH X O   1 
HETATM 1479 O O   . HOH F 4 .   ? -14.301 5.573   -10.831 1.00 26.30 ? 2133 HOH X O   1 
HETATM 1480 O O   . HOH F 4 .   ? -11.495 -8.094  -5.451  1.00 30.28 ? 2134 HOH X O   1 
HETATM 1481 O O   . HOH F 4 .   ? -10.461 2.253   18.546  1.00 24.07 ? 2135 HOH X O   1 
HETATM 1482 O O   . HOH F 4 .   ? 6.833   4.250   -1.609  1.00 24.15 ? 2136 HOH X O   1 
HETATM 1483 O O   . HOH F 4 .   ? 11.765  -12.189 19.960  1.00 21.94 ? 2137 HOH X O   1 
HETATM 1484 O O   . HOH F 4 .   ? -1.782  -21.448 5.280   1.00 23.78 ? 2138 HOH X O   1 
HETATM 1485 O O   . HOH F 4 .   ? -2.545  16.682  -20.619 1.00 23.78 ? 2139 HOH X O   1 
HETATM 1486 O O   . HOH F 4 .   ? -8.421  -11.570 10.087  1.00 26.19 ? 2140 HOH X O   1 
HETATM 1487 O O   . HOH F 4 .   ? -5.750  -6.833  -18.416 1.00 26.61 ? 2141 HOH X O   1 
HETATM 1488 O O   . HOH F 4 .   ? -15.298 7.976   -10.227 1.00 23.90 ? 2142 HOH X O   1 
HETATM 1489 O O   . HOH F 4 .   ? 4.512   -6.064  23.524  1.00 28.90 ? 2143 HOH X O   1 
HETATM 1490 O O   . HOH F 4 .   ? -4.894  17.286  -18.264 1.00 28.79 ? 2144 HOH X O   1 
HETATM 1491 O O   . HOH F 4 .   ? -13.943 -3.543  11.500  1.00 23.27 ? 2145 HOH X O   1 
HETATM 1492 O O   . HOH F 4 .   ? -1.015  -14.008 22.314  1.00 27.72 ? 2146 HOH X O   1 
HETATM 1493 O O   . HOH F 4 .   ? -9.921  -10.133 8.396   1.00 27.54 ? 2147 HOH X O   1 
HETATM 1494 O O   . HOH F 4 .   ? 1.232   -14.202 23.382  1.00 26.99 ? 2148 HOH X O   1 
HETATM 1495 O O   . HOH F 4 .   ? -5.653  -17.139 10.516  1.00 43.86 ? 2149 HOH X O   1 
HETATM 1496 O O   . HOH F 4 .   ? 17.220  5.523   4.827   1.00 31.81 ? 2150 HOH X O   1 
HETATM 1497 O O   . HOH F 4 .   ? 14.410  -0.907  11.733  1.00 24.30 ? 2151 HOH X O   1 
HETATM 1498 O O   . HOH F 4 .   ? 0.456   -4.611  -16.384 1.00 27.63 ? 2152 HOH X O   1 
HETATM 1499 O O   . HOH F 4 .   ? 0.773   12.985  -21.529 1.00 28.74 ? 2153 HOH X O   1 
HETATM 1500 O O   . HOH F 4 .   ? 2.555   4.871   -1.307  1.00 27.06 ? 2154 HOH X O   1 
HETATM 1501 O O   . HOH F 4 .   ? -14.253 16.251  -8.295  1.00 32.40 ? 2155 HOH X O   1 
HETATM 1502 O O   . HOH F 4 .   ? -9.722  2.275   -25.489 1.00 25.02 ? 2156 HOH X O   1 
HETATM 1503 O O   . HOH F 4 .   ? 3.157   -4.414  -16.164 1.00 24.05 ? 2157 HOH X O   1 
HETATM 1504 O O   . HOH F 4 .   ? -2.972  12.040  -26.392 1.00 27.99 ? 2158 HOH X O   1 
HETATM 1505 O O   . HOH F 4 .   ? 5.496   4.079   -9.760  1.00 23.16 ? 2159 HOH X O   1 
HETATM 1506 O O   . HOH F 4 .   ? 1.215   -11.670 24.323  1.00 26.66 ? 2160 HOH X O   1 
HETATM 1507 O O   . HOH F 4 .   ? -7.827  12.572  4.759   1.00 25.32 ? 2161 HOH X O   1 
HETATM 1508 O O   . HOH F 4 .   ? -9.264  11.699  10.084  1.00 29.86 ? 2162 HOH X O   1 
HETATM 1509 O O   . HOH F 4 .   ? 13.460  -12.719 22.984  1.00 30.64 ? 2163 HOH X O   1 
HETATM 1510 O O   . HOH F 4 .   ? 3.898   -12.254 24.770  1.00 30.40 ? 2164 HOH X O   1 
HETATM 1511 O O   . HOH F 4 .   ? -7.229  17.104  -1.277  1.00 32.62 ? 2165 HOH X O   1 
HETATM 1512 O O   . HOH F 4 .   ? -14.155 10.627  -12.663 1.00 27.07 ? 2166 HOH X O   1 
HETATM 1513 O O   . HOH F 4 .   ? -5.734  -16.678 -6.304  1.00 29.22 ? 2167 HOH X O   1 
HETATM 1514 O O   . HOH F 4 .   ? 3.167   8.286   -24.615 1.00 31.10 ? 2168 HOH X O   1 
HETATM 1515 O O   . HOH F 4 .   ? 0.257   -11.445 27.035  1.00 35.55 ? 2169 HOH X O   1 
HETATM 1516 O O   . HOH F 4 .   ? -0.049  6.294   9.703   1.00 23.99 ? 2170 HOH X O   1 
HETATM 1517 O O   . HOH F 4 .   ? -4.544  5.068   0.789   1.00 27.66 ? 2171 HOH X O   1 
HETATM 1518 O O   . HOH F 4 .   ? -8.646  -14.069 8.751   1.00 33.10 ? 2172 HOH X O   1 
HETATM 1519 O O   . HOH F 4 .   ? 9.084   -17.166 3.043   1.00 32.05 ? 2173 HOH X O   1 
HETATM 1520 O O   . HOH F 4 .   ? -10.728 3.242   -1.833  1.00 34.91 ? 2174 HOH X O   1 
HETATM 1521 O O   . HOH F 4 .   ? -7.728  2.013   -0.306  1.00 30.92 ? 2175 HOH X O   1 
HETATM 1522 O O   . HOH F 4 .   ? -13.901 -7.477  -7.198  1.00 41.17 ? 2176 HOH X O   1 
HETATM 1523 O O   . HOH F 4 .   ? 16.693  -10.557 1.482   1.00 32.73 ? 2177 HOH X O   1 
HETATM 1524 O O   . HOH F 4 .   ? -4.295  -18.087 14.258  1.00 49.93 ? 2178 HOH X O   1 
HETATM 1525 O O   . HOH F 4 .   ? -11.902 -5.979  -14.859 1.00 33.76 ? 2179 HOH X O   1 
HETATM 1526 O O   . HOH F 4 .   ? 4.747   9.070   0.778   1.00 39.52 ? 2180 HOH X O   1 
HETATM 1527 O O   . HOH F 4 .   ? 10.170  -13.868 21.387  1.00 29.72 ? 2181 HOH X O   1 
HETATM 1528 O O   . HOH F 4 .   ? -6.533  4.012   2.212   1.00 27.33 ? 2182 HOH X O   1 
HETATM 1529 O O   . HOH F 4 .   ? 11.390  7.856   2.946   1.00 35.82 ? 2183 HOH X O   1 
HETATM 1530 O O   . HOH F 4 .   ? -6.074  -9.021  -15.341 1.00 25.38 ? 2184 HOH X O   1 
HETATM 1531 O O   . HOH F 4 .   ? -9.617  -18.114 5.734   1.00 35.21 ? 2185 HOH X O   1 
HETATM 1532 O O   . HOH F 4 .   ? 15.343  6.309   2.013   1.00 30.33 ? 2186 HOH X O   1 
HETATM 1533 O O   . HOH F 4 .   ? 12.773  -5.982  23.504  1.00 47.98 ? 2187 HOH X O   1 
HETATM 1534 O O   . HOH F 4 .   ? 13.563  -10.512 26.114  1.00 37.08 ? 2188 HOH X O   1 
HETATM 1535 O O   . HOH F 4 .   ? 7.598   -7.119  22.836  1.00 36.04 ? 2189 HOH X O   1 
HETATM 1536 O O   . HOH F 4 .   ? -2.046  12.829  3.888   1.00 32.45 ? 2190 HOH X O   1 
HETATM 1537 O O   . HOH F 4 .   ? -4.210  6.471   4.638   1.00 32.19 ? 2191 HOH X O   1 
HETATM 1538 O O   . HOH F 4 .   ? -4.130  -16.813 -9.053  1.00 33.43 ? 2192 HOH X O   1 
HETATM 1539 O O   . HOH F 4 .   ? -3.707  5.099   6.942   1.00 21.12 ? 2193 HOH X O   1 
HETATM 1540 O O   . HOH F 4 .   ? -5.239  4.636   18.951  1.00 17.41 ? 2194 HOH X O   1 
HETATM 1541 O O   . HOH F 4 .   ? -3.026  -23.015 3.366   1.00 25.58 ? 2195 HOH X O   1 
HETATM 1542 O O   . HOH F 4 .   ? -2.272  -10.946 21.946  1.00 28.74 ? 2196 HOH X O   1 
HETATM 1543 O O   . HOH F 4 .   ? -10.123 9.595   -24.302 1.00 28.29 ? 2197 HOH X O   1 
HETATM 1544 O O   . HOH F 4 .   ? -11.874 -3.166  -15.772 1.00 29.84 ? 2198 HOH X O   1 
HETATM 1545 O O   . HOH F 4 .   ? 1.130   17.572  -8.642  1.00 19.77 ? 2199 HOH X O   1 
HETATM 1546 O O   . HOH F 4 .   ? -16.716 10.390  -12.722 1.00 37.12 ? 2200 HOH X O   1 
HETATM 1547 O O   . HOH F 4 .   ? -14.576 14.010  -9.868  1.00 33.71 ? 2201 HOH X O   1 
HETATM 1548 O O   . HOH F 4 .   ? -13.674 -1.802  -14.422 1.00 36.39 ? 2202 HOH X O   1 
HETATM 1549 O O   . HOH F 4 .   ? -11.932 -3.463  -18.682 1.00 25.21 ? 2203 HOH X O   1 
HETATM 1550 O O   . HOH F 4 .   ? -0.839  -0.389  -20.919 1.00 18.11 ? 2204 HOH X O   1 
HETATM 1551 O O   . HOH F 4 .   ? -8.686  4.259   -1.116  1.00 21.23 ? 2205 HOH X O   1 
HETATM 1552 O O   . HOH F 4 .   ? -12.800 15.006  1.594   1.00 19.07 ? 2206 HOH X O   1 
HETATM 1553 O O   . HOH F 4 .   ? -0.470  -2.528  23.929  1.00 24.24 ? 2207 HOH X O   1 
HETATM 1554 O O   . HOH F 4 .   ? -10.779 -10.648 1.423   1.00 26.85 ? 2208 HOH X O   1 
HETATM 1555 O O   . HOH F 4 .   ? 0.412   10.061  -10.234 1.00 20.48 ? 2209 HOH X O   1 
HETATM 1556 O O   . HOH F 4 .   ? -10.088 1.113   -7.195  1.00 23.60 ? 2210 HOH X O   1 
HETATM 1557 O O   . HOH F 4 .   ? -12.911 10.628  -15.010 1.00 25.16 ? 2211 HOH X O   1 
HETATM 1558 O O   . HOH F 4 .   ? -8.938  -9.910  13.087  1.00 26.38 ? 2212 HOH X O   1 
HETATM 1559 O O   . HOH F 4 .   ? 1.812   11.588  -2.022  1.00 31.69 ? 2213 HOH X O   1 
HETATM 1560 O O   . HOH F 4 .   ? 3.060   6.422   11.304  1.00 24.01 ? 2214 HOH X O   1 
HETATM 1561 O O   . HOH F 4 .   ? 0.144   -5.331  -12.882 1.00 26.76 ? 2215 HOH X O   1 
HETATM 1562 O O   . HOH F 4 .   ? 21.023  -6.603  0.566   1.00 37.35 ? 2216 HOH X O   1 
HETATM 1563 O O   . HOH F 4 .   ? 0.021   3.008   -18.129 1.00 27.79 ? 2217 HOH X O   1 
HETATM 1564 O O   . HOH F 4 .   ? 14.331  2.906   -8.390  1.00 35.30 ? 2218 HOH X O   1 
HETATM 1565 O O   . HOH F 4 .   ? -1.298  14.553  -22.386 1.00 30.49 ? 2219 HOH X O   1 
HETATM 1566 O O   . HOH F 4 .   ? 19.121  0.884   2.646   1.00 37.64 ? 2220 HOH X O   1 
HETATM 1567 O O   . HOH F 4 .   ? 11.107  2.996   20.092  1.00 26.90 ? 2221 HOH X O   1 
HETATM 1568 O O   . HOH F 4 .   ? -3.022  -19.184 10.474  1.00 46.39 ? 2222 HOH X O   1 
HETATM 1569 O O   . HOH F 4 .   ? 8.245   -9.971  -1.299  1.00 33.80 ? 2223 HOH X O   1 
HETATM 1570 O O   . HOH F 4 .   ? -13.935 -0.767  1.794   1.00 26.55 ? 2224 HOH X O   1 
HETATM 1571 O O   . HOH F 4 .   ? -5.105  -17.436 -3.835  1.00 33.08 ? 2225 HOH X O   1 
HETATM 1572 O O   . HOH F 4 .   ? -11.823 18.807  -14.778 1.00 43.10 ? 2226 HOH X O   1 
HETATM 1573 O O   . HOH F 4 .   ? 4.381   3.358   -2.116  1.00 35.92 ? 2227 HOH X O   1 
HETATM 1574 O O   . HOH F 4 .   ? -14.669 18.119  -1.499  1.00 33.99 ? 2228 HOH X O   1 
HETATM 1575 O O   . HOH F 4 .   ? 3.585   9.164   3.087   1.00 48.12 ? 2229 HOH X O   1 
HETATM 1576 O O   . HOH F 4 .   ? 0.505   9.584   -26.667 1.00 39.59 ? 2230 HOH X O   1 
HETATM 1577 O O   . HOH F 4 .   ? 0.594   12.370  -4.332  1.00 29.95 ? 2231 HOH X O   1 
HETATM 1578 O O   . HOH F 4 .   ? -1.593  17.968  -8.519  1.00 30.49 ? 2232 HOH X O   1 
HETATM 1579 O O   . HOH F 4 .   ? 1.263   10.085  -6.748  1.00 28.54 ? 2233 HOH X O   1 
HETATM 1580 O O   . HOH F 4 .   ? -13.496 -3.720  -10.884 1.00 35.29 ? 2234 HOH X O   1 
HETATM 1581 O O   . HOH F 4 .   ? 10.848  3.649   12.122  1.00 33.79 ? 2235 HOH X O   1 
HETATM 1582 O O   . HOH F 4 .   ? 14.643  6.333   7.038   1.00 41.86 ? 2236 HOH X O   1 
HETATM 1583 O O   . HOH F 4 .   ? 17.350  0.944   11.280  1.00 32.48 ? 2237 HOH X O   1 
HETATM 1584 O O   . HOH F 4 .   ? -11.411 18.583  -0.859  1.00 40.07 ? 2238 HOH X O   1 
HETATM 1585 O O   . HOH F 4 .   ? 7.376   -1.412  22.109  1.00 27.01 ? 2239 HOH X O   1 
HETATM 1586 O O   . HOH F 4 .   ? 12.723  1.386   12.623  1.00 32.89 ? 2240 HOH X O   1 
HETATM 1587 O O   . HOH F 4 .   ? 19.056  -6.320  5.559   1.00 37.07 ? 2241 HOH X O   1 
HETATM 1588 O O   . HOH F 4 .   ? 12.544  0.463   18.946  1.00 40.32 ? 2242 HOH X O   1 
HETATM 1589 O O   . HOH F 4 .   ? 11.659  -7.132  25.722  1.00 47.59 ? 2243 HOH X O   1 
HETATM 1590 O O   . HOH F 4 .   ? 18.942  5.417   0.585   1.00 39.34 ? 2244 HOH X O   1 
HETATM 1591 O O   . HOH F 4 .   ? -9.666  0.509   -0.875  1.00 35.73 ? 2245 HOH X O   1 
HETATM 1592 O O   . HOH F 4 .   ? -3.882  18.406  0.219   1.00 39.38 ? 2246 HOH X O   1 
HETATM 1593 O O   . HOH F 4 .   ? 11.196  6.657   6.701   1.00 42.20 ? 2247 HOH X O   1 
HETATM 1594 O O   . HOH F 4 .   ? -12.562 -5.044  0.477   1.00 47.76 ? 2248 HOH X O   1 
HETATM 1595 O O   . HOH F 4 .   ? -6.660  12.958  10.272  1.00 35.34 ? 2249 HOH X O   1 
HETATM 1596 O O   . HOH F 4 .   ? 10.587  5.829   -1.998  1.00 33.99 ? 2250 HOH X O   1 
HETATM 1597 O O   . HOH F 4 .   ? -9.083  23.311  -10.110 1.00 52.10 ? 2251 HOH X O   1 
HETATM 1598 O O   . HOH F 4 .   ? -13.449 -7.372  9.421   1.00 31.87 ? 2252 HOH X O   1 
HETATM 1599 O O   . HOH F 4 .   ? -4.741  23.233  -10.512 1.00 31.19 ? 2253 HOH X O   1 
HETATM 1600 O O   . HOH F 4 .   ? 2.720   12.948  1.827   1.00 43.18 ? 2254 HOH X O   1 
HETATM 1601 O O   . HOH F 4 .   ? -3.790  -14.048 18.614  1.00 52.14 ? 2255 HOH X O   1 
HETATM 1602 O O   . HOH F 4 .   ? -11.013 -6.940  -12.608 1.00 43.14 ? 2256 HOH X O   1 
HETATM 1603 O O   . HOH F 4 .   ? -8.440  -7.307  -11.870 1.00 37.20 ? 2257 HOH X O   1 
HETATM 1604 O O   . HOH F 4 .   ? 3.089   8.117   -8.756  1.00 28.73 ? 2258 HOH X O   1 
HETATM 1605 O O   . HOH F 4 .   ? -12.068 1.131   1.141   1.00 26.79 ? 2259 HOH X O   1 
HETATM 1606 O O   . HOH F 4 .   ? -7.643  24.588  -11.908 1.00 36.62 ? 2260 HOH X O   1 
HETATM 1607 O O   . HOH F 4 .   ? 10.817  -9.255  27.287  1.00 40.95 ? 2261 HOH X O   1 
HETATM 1608 O O   . HOH F 4 .   ? -12.694 -7.600  0.512   1.00 43.38 ? 2262 HOH X O   1 
HETATM 1609 O O   . HOH F 4 .   ? -7.314  19.079  0.485   1.00 42.69 ? 2263 HOH X O   1 
HETATM 1610 O O   . HOH F 4 .   ? -15.568 -8.476  7.681   1.00 38.30 ? 2264 HOH X O   1 
HETATM 1611 O O   . HOH F 4 .   ? -14.544 -9.015  4.768   1.00 34.04 ? 2265 HOH X O   1 
HETATM 1612 O O   . HOH F 4 .   ? -17.914 -6.705  6.659   1.00 34.91 ? 2266 HOH X O   1 
HETATM 1613 O O   . HOH F 4 .   ? 2.377   8.795   -11.052 1.00 32.97 ? 2267 HOH X O   1 
HETATM 1614 O O   . HOH F 4 .   ? 5.077   7.560   -7.791  1.00 27.17 ? 2268 HOH X O   1 
HETATM 1615 O O   . HOH F 4 .   ? -6.885  14.906  -20.356 1.00 29.03 ? 2269 HOH X O   1 
HETATM 1616 O O   A HOH F 4 .   ? 0.537   4.641   -5.573  0.50 6.59  ? 2270 HOH X O   1 
HETATM 1617 O O   B HOH F 4 .   ? 0.940   3.586   -4.648  0.50 29.93 ? 2270 HOH X O   1 
HETATM 1618 O O   . HOH F 4 .   ? -1.820  -5.852  -22.624 1.00 24.21 ? 2271 HOH X O   1 
HETATM 1619 O O   . HOH F 4 .   ? -2.521  -0.436  -23.165 1.00 27.29 ? 2272 HOH X O   1 
HETATM 1620 O O   . HOH F 4 .   ? 7.512   8.556   -8.800  1.00 28.89 ? 2273 HOH X O   1 
# 
loop_
_pdbx_poly_seq_scheme.asym_id 
_pdbx_poly_seq_scheme.entity_id 
_pdbx_poly_seq_scheme.seq_id 
_pdbx_poly_seq_scheme.mon_id 
_pdbx_poly_seq_scheme.ndb_seq_num 
_pdbx_poly_seq_scheme.pdb_seq_num 
_pdbx_poly_seq_scheme.auth_seq_num 
_pdbx_poly_seq_scheme.pdb_mon_id 
_pdbx_poly_seq_scheme.auth_mon_id 
_pdbx_poly_seq_scheme.pdb_strand_id 
_pdbx_poly_seq_scheme.pdb_ins_code 
_pdbx_poly_seq_scheme.hetero 
A 1 1   MET 1   1   1   MET MET X . n 
A 1 2   ASN 2   2   2   ASN ASN X . n 
A 1 3   ILE 3   3   3   ILE ILE X . n 
A 1 4   PHE 4   4   4   PHE PHE X . n 
A 1 5   GLU 5   5   5   GLU GLU X . n 
A 1 6   MET 6   6   6   MET MET X . n 
A 1 7   LEU 7   7   7   LEU LEU X . n 
A 1 8   ARG 8   8   8   ARG ARG X . n 
A 1 9   ILE 9   9   9   ILE ILE X . n 
A 1 10  ASP 10  10  10  ASP ASP X . n 
A 1 11  GLU 11  11  11  GLU GLU X . n 
A 1 12  GLY 12  12  12  GLY GLY X . n 
A 1 13  LEU 13  13  13  LEU LEU X . n 
A 1 14  ARG 14  14  14  ARG ARG X . n 
A 1 15  LEU 15  15  15  LEU LEU X . n 
A 1 16  LYS 16  16  16  LYS LYS X . n 
A 1 17  ILE 17  17  17  ILE ILE X . n 
A 1 18  TYR 18  18  18  TYR TYR X . n 
A 1 19  LYS 19  19  19  LYS LYS X . n 
A 1 20  ASP 20  20  20  ASP ASP X . n 
A 1 21  THR 21  21  21  THR THR X . n 
A 1 22  GLU 22  22  22  GLU GLU X . n 
A 1 23  GLY 23  23  23  GLY GLY X . n 
A 1 24  TYR 24  24  24  TYR TYR X . n 
A 1 25  TYR 25  25  25  TYR TYR X . n 
A 1 26  THR 26  26  26  THR THR X . n 
A 1 27  ILE 27  27  27  ILE ILE X . n 
A 1 28  GLY 28  28  28  GLY GLY X . n 
A 1 29  ILE 29  29  29  ILE ILE X . n 
A 1 30  GLY 30  30  30  GLY GLY X . n 
A 1 31  HIS 31  31  31  HIS HIS X . n 
A 1 32  LEU 32  32  32  LEU LEU X . n 
A 1 33  LEU 33  33  33  LEU LEU X . n 
A 1 34  THR 34  34  34  THR THR X . n 
A 1 35  LYS 35  35  35  LYS LYS X . n 
A 1 36  SER 36  36  36  SER SER X . n 
A 1 37  PRO 37  37  37  PRO PRO X . n 
A 1 38  SER 38  38  38  SER SER X . n 
A 1 39  LEU 39  39  39  LEU LEU X . n 
A 1 40  ASN 40  40  40  ASN ASN X . n 
A 1 41  ALA 41  41  41  ALA ALA X . n 
A 1 42  ALA 42  42  42  ALA ALA X . n 
A 1 43  LYS 43  43  43  LYS LYS X . n 
A 1 44  SER 44  44  44  SER SER X . n 
A 1 45  GLU 45  45  45  GLU GLU X . n 
A 1 46  LEU 46  46  46  LEU LEU X . n 
A 1 47  ASP 47  47  47  ASP ASP X . n 
A 1 48  LYS 48  48  48  LYS LYS X . n 
A 1 49  ALA 49  49  49  ALA ALA X . n 
A 1 50  ILE 50  50  50  ILE ILE X . n 
A 1 51  GLY 51  51  51  GLY GLY X . n 
A 1 52  ARG 52  52  52  ARG ARG X . n 
A 1 53  ASN 53  53  53  ASN ASN X . n 
A 1 54  THR 54  54  54  THR THR X . n 
A 1 55  ASN 55  55  55  ASN ASN X . n 
A 1 56  GLY 56  56  56  GLY GLY X . n 
A 1 57  VAL 57  57  57  VAL VAL X . n 
A 1 58  ILE 58  58  58  ILE ILE X . n 
A 1 59  THR 59  59  59  THR THR X . n 
A 1 60  LYS 60  60  60  LYS LYS X . n 
A 1 61  ASP 61  61  61  ASP ASP X . n 
A 1 62  GLU 62  62  62  GLU GLU X . n 
A 1 63  ALA 63  63  63  ALA ALA X . n 
A 1 64  GLU 64  64  64  GLU GLU X . n 
A 1 65  LYS 65  65  65  LYS LYS X . n 
A 1 66  LEU 66  66  66  LEU LEU X . n 
A 1 67  PHE 67  67  67  PHE PHE X . n 
A 1 68  ASN 68  68  68  ASN ASN X . n 
A 1 69  GLN 69  69  69  GLN GLN X . n 
A 1 70  ASP 70  70  70  ASP ASP X . n 
A 1 71  VAL 71  71  71  VAL VAL X . n 
A 1 72  ASP 72  72  72  ASP ASP X . n 
A 1 73  ALA 73  73  73  ALA ALA X . n 
A 1 74  ALA 74  74  74  ALA ALA X . n 
A 1 75  VAL 75  75  75  VAL VAL X . n 
A 1 76  ARG 76  76  76  ARG ARG X . n 
A 1 77  GLY 77  77  77  GLY GLY X . n 
A 1 78  ILE 78  78  78  ILE ILE X . n 
A 1 79  LEU 79  79  79  LEU LEU X . n 
A 1 80  ARG 80  80  80  ARG ARG X . n 
A 1 81  ASN 81  81  81  ASN ASN X . n 
A 1 82  ALA 82  82  82  ALA ALA X . n 
A 1 83  LYS 83  83  83  LYS LYS X . n 
A 1 84  LEU 84  84  84  LEU LEU X . n 
A 1 85  LYS 85  85  85  LYS LYS X . n 
A 1 86  PRO 86  86  86  PRO PRO X . n 
A 1 87  VAL 87  87  87  VAL VAL X . n 
A 1 88  TYR 88  88  88  TYR TYR X . n 
A 1 89  ASP 89  89  89  ASP ASP X . n 
A 1 90  SER 90  90  90  SER SER X . n 
A 1 91  LEU 91  91  91  LEU LEU X . n 
A 1 92  ASP 92  92  92  ASP ASP X . n 
A 1 93  ALA 93  93  93  ALA ALA X . n 
A 1 94  VAL 94  94  94  VAL VAL X . n 
A 1 95  ARG 95  95  95  ARG ARG X . n 
A 1 96  ARG 96  96  96  ARG ARG X . n 
A 1 97  ALA 97  97  97  ALA ALA X . n 
A 1 98  ALA 98  98  98  ALA ALA X . n 
A 1 99  ALA 99  99  99  ALA ALA X . n 
A 1 100 ILE 100 100 100 ILE ILE X . n 
A 1 101 ASN 101 101 101 ASN ASN X . n 
A 1 102 MET 102 102 102 MET MET X . n 
A 1 103 VAL 103 103 103 VAL VAL X . n 
A 1 104 PHE 104 104 104 PHE PHE X . n 
A 1 105 GLN 105 105 105 GLN GLN X . n 
A 1 106 MET 106 106 106 MET MET X . n 
A 1 107 GLY 107 107 107 GLY GLY X . n 
A 1 108 GLU 108 108 108 GLU GLU X . n 
A 1 109 THR 109 109 109 THR THR X . n 
A 1 110 GLY 110 110 110 GLY GLY X . n 
A 1 111 VAL 111 111 111 VAL VAL X . n 
A 1 112 ALA 112 112 112 ALA ALA X . n 
A 1 113 GLY 113 113 113 GLY GLY X . n 
A 1 114 PHE 114 114 114 PHE PHE X . n 
A 1 115 THR 115 115 115 THR THR X . n 
A 1 116 ASN 116 116 116 ASN ASN X . n 
A 1 117 SER 117 117 117 SER SER X . n 
A 1 118 LEU 118 118 118 LEU LEU X . n 
A 1 119 ARG 119 119 119 ARG ARG X . n 
A 1 120 MET 120 120 120 MET MET X . n 
A 1 121 LEU 121 121 121 LEU LEU X . n 
A 1 122 GLN 122 122 122 GLN GLN X . n 
A 1 123 GLN 123 123 123 GLN GLN X . n 
A 1 124 LYS 124 124 124 LYS LYS X . n 
A 1 125 ARG 125 125 125 ARG ARG X . n 
A 1 126 TRP 126 126 126 TRP TRP X . n 
A 1 127 ASP 127 127 127 ASP ASP X . n 
A 1 128 GLU 128 128 128 GLU GLU X . n 
A 1 129 ALA 129 129 129 ALA ALA X . n 
A 1 130 ALA 130 130 130 ALA ALA X . n 
A 1 131 VAL 131 131 131 VAL VAL X . n 
A 1 132 ASN 132 132 132 ASN ASN X . n 
A 1 133 LEU 133 133 133 LEU LEU X . n 
A 1 134 ALA 134 134 134 ALA ALA X . n 
A 1 135 LYS 135 135 135 LYS LYS X . n 
A 1 136 SER 136 136 136 SER SER X . n 
A 1 137 ARG 137 137 137 ARG ARG X . n 
A 1 138 TRP 138 138 138 TRP TRP X . n 
A 1 139 TYR 139 139 139 TYR TYR X . n 
A 1 140 ASN 140 140 140 ASN ASN X . n 
A 1 141 GLN 141 141 141 GLN GLN X . n 
A 1 142 THR 142 142 142 THR THR X . n 
A 1 143 PRO 143 143 143 PRO PRO X . n 
A 1 144 ASN 144 144 144 ASN ASN X . n 
A 1 145 ARG 145 145 145 ARG ARG X . n 
A 1 146 ALA 146 146 146 ALA ALA X . n 
A 1 147 LYS 147 147 147 LYS LYS X . n 
A 1 148 ARG 148 148 148 ARG ARG X . n 
A 1 149 VAL 149 149 149 VAL VAL X . n 
A 1 150 ILE 150 150 150 ILE ILE X . n 
A 1 151 THR 151 151 151 THR THR X . n 
A 1 152 THR 152 152 152 THR THR X . n 
A 1 153 PHE 153 153 153 PHE PHE X . n 
A 1 154 ARG 154 154 154 ARG ARG X . n 
A 1 155 THR 155 155 155 THR THR X . n 
A 1 156 GLY 156 156 156 GLY GLY X . n 
A 1 157 THR 157 157 157 THR THR X . n 
A 1 158 TRP 158 158 158 TRP TRP X . n 
A 1 159 ASP 159 159 159 ASP ASP X . n 
A 1 160 ALA 160 160 160 ALA ALA X . n 
A 1 161 TYR 161 161 161 TYR TYR X . n 
A 1 162 LYS 162 162 162 LYS LYS X . n 
# 
loop_
_pdbx_nonpoly_scheme.asym_id 
_pdbx_nonpoly_scheme.entity_id 
_pdbx_nonpoly_scheme.mon_id 
_pdbx_nonpoly_scheme.ndb_seq_num 
_pdbx_nonpoly_scheme.pdb_seq_num 
_pdbx_nonpoly_scheme.auth_seq_num 
_pdbx_nonpoly_scheme.pdb_mon_id 
_pdbx_nonpoly_scheme.auth_mon_id 
_pdbx_nonpoly_scheme.pdb_strand_id 
_pdbx_nonpoly_scheme.pdb_ins_code 
B 2 PO4 1   2001 2001 PO4 PO4 X . 
C 2 PO4 1   2002 2002 PO4 PO4 X . 
D 2 PO4 1   2003 2003 PO4 PO4 X . 
E 3 259 1   1001 1001 259 259 X . 
F 4 HOH 1   2004 1    HOH HOH X . 
F 4 HOH 2   2005 2    HOH HOH X . 
F 4 HOH 3   2006 3    HOH HOH X . 
F 4 HOH 4   2007 4    HOH HOH X . 
F 4 HOH 5   2008 5    HOH HOH X . 
F 4 HOH 6   2009 6    HOH HOH X . 
F 4 HOH 7   2010 7    HOH HOH X . 
F 4 HOH 8   2011 8    HOH HOH X . 
F 4 HOH 9   2012 9    HOH HOH X . 
F 4 HOH 10  2013 10   HOH HOH X . 
F 4 HOH 11  2014 11   HOH HOH X . 
F 4 HOH 12  2015 12   HOH HOH X . 
F 4 HOH 13  2016 13   HOH HOH X . 
F 4 HOH 14  2017 14   HOH HOH X . 
F 4 HOH 15  2018 15   HOH HOH X . 
F 4 HOH 16  2019 16   HOH HOH X . 
F 4 HOH 17  2020 17   HOH HOH X . 
F 4 HOH 18  2021 18   HOH HOH X . 
F 4 HOH 19  2022 19   HOH HOH X . 
F 4 HOH 20  2023 20   HOH HOH X . 
F 4 HOH 21  2024 21   HOH HOH X . 
F 4 HOH 22  2025 22   HOH HOH X . 
F 4 HOH 23  2026 23   HOH HOH X . 
F 4 HOH 24  2027 24   HOH HOH X . 
F 4 HOH 25  2028 25   HOH HOH X . 
F 4 HOH 26  2029 26   HOH HOH X . 
F 4 HOH 27  2030 27   HOH HOH X . 
F 4 HOH 28  2031 28   HOH HOH X . 
F 4 HOH 29  2032 29   HOH HOH X . 
F 4 HOH 30  2033 30   HOH HOH X . 
F 4 HOH 31  2034 31   HOH HOH X . 
F 4 HOH 32  2035 32   HOH HOH X . 
F 4 HOH 33  2036 33   HOH HOH X . 
F 4 HOH 34  2037 34   HOH HOH X . 
F 4 HOH 35  2038 35   HOH HOH X . 
F 4 HOH 36  2039 36   HOH HOH X . 
F 4 HOH 37  2040 37   HOH HOH X . 
F 4 HOH 38  2041 38   HOH HOH X . 
F 4 HOH 39  2042 39   HOH HOH X . 
F 4 HOH 40  2043 40   HOH HOH X . 
F 4 HOH 41  2044 41   HOH HOH X . 
F 4 HOH 42  2045 42   HOH HOH X . 
F 4 HOH 43  2046 43   HOH HOH X . 
F 4 HOH 44  2047 44   HOH HOH X . 
F 4 HOH 45  2048 45   HOH HOH X . 
F 4 HOH 46  2049 46   HOH HOH X . 
F 4 HOH 47  2050 47   HOH HOH X . 
F 4 HOH 48  2051 48   HOH HOH X . 
F 4 HOH 49  2052 49   HOH HOH X . 
F 4 HOH 50  2053 50   HOH HOH X . 
F 4 HOH 51  2054 51   HOH HOH X . 
F 4 HOH 52  2055 52   HOH HOH X . 
F 4 HOH 53  2056 53   HOH HOH X . 
F 4 HOH 54  2057 54   HOH HOH X . 
F 4 HOH 55  2058 55   HOH HOH X . 
F 4 HOH 56  2059 56   HOH HOH X . 
F 4 HOH 57  2060 57   HOH HOH X . 
F 4 HOH 58  2061 58   HOH HOH X . 
F 4 HOH 59  2062 59   HOH HOH X . 
F 4 HOH 60  2063 60   HOH HOH X . 
F 4 HOH 61  2064 61   HOH HOH X . 
F 4 HOH 62  2065 62   HOH HOH X . 
F 4 HOH 63  2066 63   HOH HOH X . 
F 4 HOH 64  2067 64   HOH HOH X . 
F 4 HOH 65  2068 65   HOH HOH X . 
F 4 HOH 66  2069 66   HOH HOH X . 
F 4 HOH 67  2070 67   HOH HOH X . 
F 4 HOH 68  2071 68   HOH HOH X . 
F 4 HOH 69  2072 69   HOH HOH X . 
F 4 HOH 70  2073 70   HOH HOH X . 
F 4 HOH 71  2074 71   HOH HOH X . 
F 4 HOH 72  2075 72   HOH HOH X . 
F 4 HOH 73  2076 73   HOH HOH X . 
F 4 HOH 74  2077 74   HOH HOH X . 
F 4 HOH 75  2078 75   HOH HOH X . 
F 4 HOH 76  2079 76   HOH HOH X . 
F 4 HOH 77  2080 77   HOH HOH X . 
F 4 HOH 78  2081 78   HOH HOH X . 
F 4 HOH 79  2082 79   HOH HOH X . 
F 4 HOH 80  2083 80   HOH HOH X . 
F 4 HOH 81  2084 81   HOH HOH X . 
F 4 HOH 82  2085 82   HOH HOH X . 
F 4 HOH 83  2086 83   HOH HOH X . 
F 4 HOH 84  2087 84   HOH HOH X . 
F 4 HOH 85  2088 85   HOH HOH X . 
F 4 HOH 86  2089 86   HOH HOH X . 
F 4 HOH 87  2090 87   HOH HOH X . 
F 4 HOH 88  2091 88   HOH HOH X . 
F 4 HOH 89  2092 89   HOH HOH X . 
F 4 HOH 90  2093 90   HOH HOH X . 
F 4 HOH 91  2094 91   HOH HOH X . 
F 4 HOH 92  2095 92   HOH HOH X . 
F 4 HOH 93  2096 93   HOH HOH X . 
F 4 HOH 94  2097 94   HOH HOH X . 
F 4 HOH 95  2098 95   HOH HOH X . 
F 4 HOH 96  2099 96   HOH HOH X . 
F 4 HOH 97  2100 97   HOH HOH X . 
F 4 HOH 98  2101 98   HOH HOH X . 
F 4 HOH 99  2102 99   HOH HOH X . 
F 4 HOH 100 2103 100  HOH HOH X . 
F 4 HOH 101 2104 101  HOH HOH X . 
F 4 HOH 102 2105 102  HOH HOH X . 
F 4 HOH 103 2106 103  HOH HOH X . 
F 4 HOH 104 2107 104  HOH HOH X . 
F 4 HOH 105 2108 105  HOH HOH X . 
F 4 HOH 106 2109 106  HOH HOH X . 
F 4 HOH 107 2110 107  HOH HOH X . 
F 4 HOH 108 2111 108  HOH HOH X . 
F 4 HOH 109 2112 109  HOH HOH X . 
F 4 HOH 110 2113 110  HOH HOH X . 
F 4 HOH 111 2114 111  HOH HOH X . 
F 4 HOH 112 2115 112  HOH HOH X . 
F 4 HOH 113 2116 113  HOH HOH X . 
F 4 HOH 114 2117 114  HOH HOH X . 
F 4 HOH 115 2118 115  HOH HOH X . 
F 4 HOH 116 2119 116  HOH HOH X . 
F 4 HOH 117 2120 117  HOH HOH X . 
F 4 HOH 118 2121 118  HOH HOH X . 
F 4 HOH 119 2122 119  HOH HOH X . 
F 4 HOH 120 2123 120  HOH HOH X . 
F 4 HOH 121 2124 121  HOH HOH X . 
F 4 HOH 122 2125 122  HOH HOH X . 
F 4 HOH 123 2126 123  HOH HOH X . 
F 4 HOH 124 2127 124  HOH HOH X . 
F 4 HOH 125 2128 125  HOH HOH X . 
F 4 HOH 126 2129 126  HOH HOH X . 
F 4 HOH 127 2130 127  HOH HOH X . 
F 4 HOH 128 2131 128  HOH HOH X . 
F 4 HOH 129 2132 129  HOH HOH X . 
F 4 HOH 130 2133 130  HOH HOH X . 
F 4 HOH 131 2134 131  HOH HOH X . 
F 4 HOH 132 2135 132  HOH HOH X . 
F 4 HOH 133 2136 133  HOH HOH X . 
F 4 HOH 134 2137 134  HOH HOH X . 
F 4 HOH 135 2138 135  HOH HOH X . 
F 4 HOH 136 2139 136  HOH HOH X . 
F 4 HOH 137 2140 137  HOH HOH X . 
F 4 HOH 138 2141 138  HOH HOH X . 
F 4 HOH 139 2142 139  HOH HOH X . 
F 4 HOH 140 2143 140  HOH HOH X . 
F 4 HOH 141 2144 141  HOH HOH X . 
F 4 HOH 142 2145 142  HOH HOH X . 
F 4 HOH 143 2146 143  HOH HOH X . 
F 4 HOH 144 2147 144  HOH HOH X . 
F 4 HOH 145 2148 145  HOH HOH X . 
F 4 HOH 146 2149 146  HOH HOH X . 
F 4 HOH 147 2150 147  HOH HOH X . 
F 4 HOH 148 2151 148  HOH HOH X . 
F 4 HOH 149 2152 149  HOH HOH X . 
F 4 HOH 150 2153 150  HOH HOH X . 
F 4 HOH 151 2154 151  HOH HOH X . 
F 4 HOH 152 2155 152  HOH HOH X . 
F 4 HOH 153 2156 153  HOH HOH X . 
F 4 HOH 154 2157 154  HOH HOH X . 
F 4 HOH 155 2158 155  HOH HOH X . 
F 4 HOH 156 2159 156  HOH HOH X . 
F 4 HOH 157 2160 157  HOH HOH X . 
F 4 HOH 158 2161 158  HOH HOH X . 
F 4 HOH 159 2162 159  HOH HOH X . 
F 4 HOH 160 2163 160  HOH HOH X . 
F 4 HOH 161 2164 161  HOH HOH X . 
F 4 HOH 162 2165 162  HOH HOH X . 
F 4 HOH 163 2166 163  HOH HOH X . 
F 4 HOH 164 2167 164  HOH HOH X . 
F 4 HOH 165 2168 165  HOH HOH X . 
F 4 HOH 166 2169 166  HOH HOH X . 
F 4 HOH 167 2170 167  HOH HOH X . 
F 4 HOH 168 2171 168  HOH HOH X . 
F 4 HOH 169 2172 169  HOH HOH X . 
F 4 HOH 170 2173 170  HOH HOH X . 
F 4 HOH 171 2174 171  HOH HOH X . 
F 4 HOH 172 2175 172  HOH HOH X . 
F 4 HOH 173 2176 173  HOH HOH X . 
F 4 HOH 174 2177 174  HOH HOH X . 
F 4 HOH 175 2178 175  HOH HOH X . 
F 4 HOH 176 2179 176  HOH HOH X . 
F 4 HOH 177 2180 177  HOH HOH X . 
F 4 HOH 178 2181 178  HOH HOH X . 
F 4 HOH 179 2182 179  HOH HOH X . 
F 4 HOH 180 2183 180  HOH HOH X . 
F 4 HOH 181 2184 181  HOH HOH X . 
F 4 HOH 182 2185 182  HOH HOH X . 
F 4 HOH 183 2186 183  HOH HOH X . 
F 4 HOH 184 2187 184  HOH HOH X . 
F 4 HOH 185 2188 185  HOH HOH X . 
F 4 HOH 186 2189 186  HOH HOH X . 
F 4 HOH 187 2190 187  HOH HOH X . 
F 4 HOH 188 2191 188  HOH HOH X . 
F 4 HOH 189 2192 189  HOH HOH X . 
F 4 HOH 190 2193 190  HOH HOH X . 
F 4 HOH 191 2194 191  HOH HOH X . 
F 4 HOH 192 2195 192  HOH HOH X . 
F 4 HOH 193 2196 193  HOH HOH X . 
F 4 HOH 194 2197 194  HOH HOH X . 
F 4 HOH 195 2198 195  HOH HOH X . 
F 4 HOH 196 2199 196  HOH HOH X . 
F 4 HOH 197 2200 197  HOH HOH X . 
F 4 HOH 198 2201 198  HOH HOH X . 
F 4 HOH 199 2202 199  HOH HOH X . 
F 4 HOH 200 2203 200  HOH HOH X . 
F 4 HOH 201 2204 201  HOH HOH X . 
F 4 HOH 202 2205 202  HOH HOH X . 
F 4 HOH 203 2206 203  HOH HOH X . 
F 4 HOH 204 2207 204  HOH HOH X . 
F 4 HOH 205 2208 205  HOH HOH X . 
F 4 HOH 206 2209 206  HOH HOH X . 
F 4 HOH 207 2210 207  HOH HOH X . 
F 4 HOH 208 2211 208  HOH HOH X . 
F 4 HOH 209 2212 209  HOH HOH X . 
F 4 HOH 210 2213 210  HOH HOH X . 
F 4 HOH 211 2214 211  HOH HOH X . 
F 4 HOH 212 2215 212  HOH HOH X . 
F 4 HOH 213 2216 213  HOH HOH X . 
F 4 HOH 214 2217 214  HOH HOH X . 
F 4 HOH 215 2218 215  HOH HOH X . 
F 4 HOH 216 2219 216  HOH HOH X . 
F 4 HOH 217 2220 217  HOH HOH X . 
F 4 HOH 218 2221 218  HOH HOH X . 
F 4 HOH 219 2222 219  HOH HOH X . 
F 4 HOH 220 2223 220  HOH HOH X . 
F 4 HOH 221 2224 221  HOH HOH X . 
F 4 HOH 222 2225 222  HOH HOH X . 
F 4 HOH 223 2226 223  HOH HOH X . 
F 4 HOH 224 2227 224  HOH HOH X . 
F 4 HOH 225 2228 225  HOH HOH X . 
F 4 HOH 226 2229 226  HOH HOH X . 
F 4 HOH 227 2230 227  HOH HOH X . 
F 4 HOH 228 2231 228  HOH HOH X . 
F 4 HOH 229 2232 229  HOH HOH X . 
F 4 HOH 230 2233 230  HOH HOH X . 
F 4 HOH 231 2234 231  HOH HOH X . 
F 4 HOH 232 2235 232  HOH HOH X . 
F 4 HOH 233 2236 233  HOH HOH X . 
F 4 HOH 234 2237 234  HOH HOH X . 
F 4 HOH 235 2238 235  HOH HOH X . 
F 4 HOH 236 2239 236  HOH HOH X . 
F 4 HOH 237 2240 237  HOH HOH X . 
F 4 HOH 238 2241 238  HOH HOH X . 
F 4 HOH 239 2242 239  HOH HOH X . 
F 4 HOH 240 2243 240  HOH HOH X . 
F 4 HOH 241 2244 241  HOH HOH X . 
F 4 HOH 242 2245 242  HOH HOH X . 
F 4 HOH 243 2246 243  HOH HOH X . 
F 4 HOH 244 2247 244  HOH HOH X . 
F 4 HOH 245 2248 245  HOH HOH X . 
F 4 HOH 246 2249 246  HOH HOH X . 
F 4 HOH 247 2250 247  HOH HOH X . 
F 4 HOH 248 2251 248  HOH HOH X . 
F 4 HOH 249 2252 249  HOH HOH X . 
F 4 HOH 250 2253 250  HOH HOH X . 
F 4 HOH 251 2254 251  HOH HOH X . 
F 4 HOH 252 2255 252  HOH HOH X . 
F 4 HOH 253 2256 253  HOH HOH X . 
F 4 HOH 254 2257 254  HOH HOH X . 
F 4 HOH 255 2258 255  HOH HOH X . 
F 4 HOH 256 2259 256  HOH HOH X . 
F 4 HOH 257 2260 257  HOH HOH X . 
F 4 HOH 258 2261 258  HOH HOH X . 
F 4 HOH 259 2262 259  HOH HOH X . 
F 4 HOH 260 2263 260  HOH HOH X . 
F 4 HOH 261 2264 261  HOH HOH X . 
F 4 HOH 262 2265 262  HOH HOH X . 
F 4 HOH 263 2266 263  HOH HOH X . 
F 4 HOH 264 2267 264  HOH HOH X . 
F 4 HOH 265 2268 265  HOH HOH X . 
F 4 HOH 266 2269 266  HOH HOH X . 
F 4 HOH 267 2270 267  HOH HOH X . 
F 4 HOH 268 2271 268  HOH HOH X . 
F 4 HOH 269 2272 269  HOH HOH X . 
F 4 HOH 270 2273 270  HOH HOH X . 
# 
_pdbx_struct_assembly.id                   1 
_pdbx_struct_assembly.details              author_and_software_defined_assembly 
_pdbx_struct_assembly.method_details       PISA 
_pdbx_struct_assembly.oligomeric_details   monomeric 
_pdbx_struct_assembly.oligomeric_count     1 
# 
_pdbx_struct_assembly_gen.assembly_id       1 
_pdbx_struct_assembly_gen.oper_expression   1 
_pdbx_struct_assembly_gen.asym_id_list      A,B,C,D,E,F 
# 
_pdbx_struct_oper_list.id                   1 
_pdbx_struct_oper_list.type                 'identity operation' 
_pdbx_struct_oper_list.name                 1_555 
_pdbx_struct_oper_list.symmetry_operation   x,y,z 
_pdbx_struct_oper_list.matrix[1][1]         1.0000000000 
_pdbx_struct_oper_list.matrix[1][2]         0.0000000000 
_pdbx_struct_oper_list.matrix[1][3]         0.0000000000 
_pdbx_struct_oper_list.vector[1]            0.0000000000 
_pdbx_struct_oper_list.matrix[2][1]         0.0000000000 
_pdbx_struct_oper_list.matrix[2][2]         1.0000000000 
_pdbx_struct_oper_list.matrix[2][3]         0.0000000000 
_pdbx_struct_oper_list.vector[2]            0.0000000000 
_pdbx_struct_oper_list.matrix[3][1]         0.0000000000 
_pdbx_struct_oper_list.matrix[3][2]         0.0000000000 
_pdbx_struct_oper_list.matrix[3][3]         1.0000000000 
_pdbx_struct_oper_list.vector[3]            0.0000000000 
# 
loop_
_pdbx_audit_revision_history.ordinal 
_pdbx_audit_revision_history.data_content_type 
_pdbx_audit_revision_history.major_revision 
_pdbx_audit_revision_history.minor_revision 
_pdbx_audit_revision_history.revision_date 
1 'Structure model' 1 0 2008-03-18 
2 'Structure model' 1 1 2011-07-13 
3 'Structure model' 1 2 2017-10-25 
4 'Structure model' 1 3 2021-10-20 
5 'Structure model' 1 4 2023-08-30 
# 
_pdbx_audit_revision_details.ordinal             1 
_pdbx_audit_revision_details.revision_ordinal    1 
_pdbx_audit_revision_details.data_content_type   'Structure model' 
_pdbx_audit_revision_details.provider            repository 
_pdbx_audit_revision_details.type                'Initial release' 
_pdbx_audit_revision_details.description         ? 
_pdbx_audit_revision_details.details             ? 
# 
loop_
_pdbx_audit_revision_group.ordinal 
_pdbx_audit_revision_group.revision_ordinal 
_pdbx_audit_revision_group.data_content_type 
_pdbx_audit_revision_group.group 
1 2 'Structure model' 'Version format compliance' 
2 3 'Structure model' Advisory                    
3 3 'Structure model' 'Refinement description'    
4 4 'Structure model' Advisory                    
5 4 'Structure model' 'Database references'       
6 4 'Structure model' 'Derived calculations'      
7 5 'Structure model' 'Data collection'           
8 5 'Structure model' 'Refinement description'    
# 
loop_
_pdbx_audit_revision_category.ordinal 
_pdbx_audit_revision_category.revision_ordinal 
_pdbx_audit_revision_category.data_content_type 
_pdbx_audit_revision_category.category 
1 3 'Structure model' pdbx_unobs_or_zero_occ_atoms  
2 3 'Structure model' software                      
3 4 'Structure model' database_2                    
4 4 'Structure model' pdbx_unobs_or_zero_occ_atoms  
5 4 'Structure model' struct_ref_seq_dif            
6 4 'Structure model' struct_site                   
7 5 'Structure model' chem_comp_atom                
8 5 'Structure model' chem_comp_bond                
9 5 'Structure model' pdbx_initial_refinement_model 
# 
loop_
_pdbx_audit_revision_item.ordinal 
_pdbx_audit_revision_item.revision_ordinal 
_pdbx_audit_revision_item.data_content_type 
_pdbx_audit_revision_item.item 
1 4 'Structure model' '_database_2.pdbx_DOI'                
2 4 'Structure model' '_database_2.pdbx_database_accession' 
3 4 'Structure model' '_struct_ref_seq_dif.details'         
4 4 'Structure model' '_struct_site.pdbx_auth_asym_id'      
5 4 'Structure model' '_struct_site.pdbx_auth_comp_id'      
6 4 'Structure model' '_struct_site.pdbx_auth_seq_id'       
# 
loop_
_software.name 
_software.version 
_software.date 
_software.type 
_software.contact_author 
_software.contact_author_email 
_software.classification 
_software.location 
_software.language 
_software.citation_id 
_software.pdbx_ordinal 
DENZO       .     ?              package 'Zbyszek Otwinowski' zbyszek@mix.swmed.edu    'data reduction'  
http://www.lnls.br/infra/linhasluz/denzo-hkl.htm ?          ? 1 
SCALEPACK   .     ?              package 'Zbyszek Otwinowski' zbyszek@mix.swmed.edu    'data scaling'    
http://www.lnls.br/infra/linhasluz/denzo-hkl.htm ?          ? 2 
REFMAC      .     ?              program 'Murshudov, G.N.'    ccp4@dl.ac.uk            refinement        
http://www.ccp4.ac.uk/main.html                  Fortran_77 ? 3 
PDB_EXTRACT 3.000 'July 2, 2007' package PDB                  sw-help@rcsb.rutgers.edu 'data extraction' 
http://pdb.rutgers.edu/software/                 C++        ? 4 
REFMAC      .     ?              ?       ?                    ?                        phasing           ? ?          ? 5 
# 
loop_
_pdbx_unobs_or_zero_occ_atoms.id 
_pdbx_unobs_or_zero_occ_atoms.PDB_model_num 
_pdbx_unobs_or_zero_occ_atoms.polymer_flag 
_pdbx_unobs_or_zero_occ_atoms.occupancy_flag 
_pdbx_unobs_or_zero_occ_atoms.auth_asym_id 
_pdbx_unobs_or_zero_occ_atoms.auth_comp_id 
_pdbx_unobs_or_zero_occ_atoms.auth_seq_id 
_pdbx_unobs_or_zero_occ_atoms.PDB_ins_code 
_pdbx_unobs_or_zero_occ_atoms.auth_atom_id 
_pdbx_unobs_or_zero_occ_atoms.label_alt_id 
_pdbx_unobs_or_zero_occ_atoms.label_asym_id 
_pdbx_unobs_or_zero_occ_atoms.label_comp_id 
_pdbx_unobs_or_zero_occ_atoms.label_seq_id 
_pdbx_unobs_or_zero_occ_atoms.label_atom_id 
1 1 Y 1 X LYS 16  ? CE ? A LYS 16  CE 
2 1 Y 1 X LYS 16  ? NZ ? A LYS 16  NZ 
3 1 Y 1 X LYS 60  ? NZ ? A LYS 60  NZ 
4 1 Y 1 X LYS 83  ? CD ? A LYS 83  CD 
5 1 Y 1 X LYS 83  ? CE ? A LYS 83  CE 
6 1 Y 1 X LYS 83  ? NZ ? A LYS 83  NZ 
7 1 Y 0 X LYS 135 ? NZ ? A LYS 135 NZ 
# 
loop_
_chem_comp_atom.comp_id 
_chem_comp_atom.atom_id 
_chem_comp_atom.type_symbol 
_chem_comp_atom.pdbx_aromatic_flag 
_chem_comp_atom.pdbx_stereo_config 
_chem_comp_atom.pdbx_ordinal 
259 CAA  C N N 1   
259 SAH  S N N 2   
259 CAI  C Y N 3   
259 CAD  C Y N 4   
259 CAF  C Y N 5   
259 CAJ  C Y N 6   
259 NAK  N N N 7   
259 OAC  O N N 8   
259 OAB  O N N 9   
259 CAG  C Y N 10  
259 CAE  C Y N 11  
259 HAA1 H N N 12  
259 HAA2 H N N 13  
259 HAA3 H N N 14  
259 HAD  H N N 15  
259 HAF  H N N 16  
259 HAG  H N N 17  
259 HAE  H N N 18  
ALA N    N N N 19  
ALA CA   C N S 20  
ALA C    C N N 21  
ALA O    O N N 22  
ALA CB   C N N 23  
ALA OXT  O N N 24  
ALA H    H N N 25  
ALA H2   H N N 26  
ALA HA   H N N 27  
ALA HB1  H N N 28  
ALA HB2  H N N 29  
ALA HB3  H N N 30  
ALA HXT  H N N 31  
ARG N    N N N 32  
ARG CA   C N S 33  
ARG C    C N N 34  
ARG O    O N N 35  
ARG CB   C N N 36  
ARG CG   C N N 37  
ARG CD   C N N 38  
ARG NE   N N N 39  
ARG CZ   C N N 40  
ARG NH1  N N N 41  
ARG NH2  N N N 42  
ARG OXT  O N N 43  
ARG H    H N N 44  
ARG H2   H N N 45  
ARG HA   H N N 46  
ARG HB2  H N N 47  
ARG HB3  H N N 48  
ARG HG2  H N N 49  
ARG HG3  H N N 50  
ARG HD2  H N N 51  
ARG HD3  H N N 52  
ARG HE   H N N 53  
ARG HH11 H N N 54  
ARG HH12 H N N 55  
ARG HH21 H N N 56  
ARG HH22 H N N 57  
ARG HXT  H N N 58  
ASN N    N N N 59  
ASN CA   C N S 60  
ASN C    C N N 61  
ASN O    O N N 62  
ASN CB   C N N 63  
ASN CG   C N N 64  
ASN OD1  O N N 65  
ASN ND2  N N N 66  
ASN OXT  O N N 67  
ASN H    H N N 68  
ASN H2   H N N 69  
ASN HA   H N N 70  
ASN HB2  H N N 71  
ASN HB3  H N N 72  
ASN HD21 H N N 73  
ASN HD22 H N N 74  
ASN HXT  H N N 75  
ASP N    N N N 76  
ASP CA   C N S 77  
ASP C    C N N 78  
ASP O    O N N 79  
ASP CB   C N N 80  
ASP CG   C N N 81  
ASP OD1  O N N 82  
ASP OD2  O N N 83  
ASP OXT  O N N 84  
ASP H    H N N 85  
ASP H2   H N N 86  
ASP HA   H N N 87  
ASP HB2  H N N 88  
ASP HB3  H N N 89  
ASP HD2  H N N 90  
ASP HXT  H N N 91  
CYS N    N N N 92  
CYS CA   C N R 93  
CYS C    C N N 94  
CYS O    O N N 95  
CYS CB   C N N 96  
CYS SG   S N N 97  
CYS OXT  O N N 98  
CYS H    H N N 99  
CYS H2   H N N 100 
CYS HA   H N N 101 
CYS HB2  H N N 102 
CYS HB3  H N N 103 
CYS HG   H N N 104 
CYS HXT  H N N 105 
GLN N    N N N 106 
GLN CA   C N S 107 
GLN C    C N N 108 
GLN O    O N N 109 
GLN CB   C N N 110 
GLN CG   C N N 111 
GLN CD   C N N 112 
GLN OE1  O N N 113 
GLN NE2  N N N 114 
GLN OXT  O N N 115 
GLN H    H N N 116 
GLN H2   H N N 117 
GLN HA   H N N 118 
GLN HB2  H N N 119 
GLN HB3  H N N 120 
GLN HG2  H N N 121 
GLN HG3  H N N 122 
GLN HE21 H N N 123 
GLN HE22 H N N 124 
GLN HXT  H N N 125 
GLU N    N N N 126 
GLU CA   C N S 127 
GLU C    C N N 128 
GLU O    O N N 129 
GLU CB   C N N 130 
GLU CG   C N N 131 
GLU CD   C N N 132 
GLU OE1  O N N 133 
GLU OE2  O N N 134 
GLU OXT  O N N 135 
GLU H    H N N 136 
GLU H2   H N N 137 
GLU HA   H N N 138 
GLU HB2  H N N 139 
GLU HB3  H N N 140 
GLU HG2  H N N 141 
GLU HG3  H N N 142 
GLU HE2  H N N 143 
GLU HXT  H N N 144 
GLY N    N N N 145 
GLY CA   C N N 146 
GLY C    C N N 147 
GLY O    O N N 148 
GLY OXT  O N N 149 
GLY H    H N N 150 
GLY H2   H N N 151 
GLY HA2  H N N 152 
GLY HA3  H N N 153 
GLY HXT  H N N 154 
HIS N    N N N 155 
HIS CA   C N S 156 
HIS C    C N N 157 
HIS O    O N N 158 
HIS CB   C N N 159 
HIS CG   C Y N 160 
HIS ND1  N Y N 161 
HIS CD2  C Y N 162 
HIS CE1  C Y N 163 
HIS NE2  N Y N 164 
HIS OXT  O N N 165 
HIS H    H N N 166 
HIS H2   H N N 167 
HIS HA   H N N 168 
HIS HB2  H N N 169 
HIS HB3  H N N 170 
HIS HD1  H N N 171 
HIS HD2  H N N 172 
HIS HE1  H N N 173 
HIS HE2  H N N 174 
HIS HXT  H N N 175 
HOH O    O N N 176 
HOH H1   H N N 177 
HOH H2   H N N 178 
ILE N    N N N 179 
ILE CA   C N S 180 
ILE C    C N N 181 
ILE O    O N N 182 
ILE CB   C N S 183 
ILE CG1  C N N 184 
ILE CG2  C N N 185 
ILE CD1  C N N 186 
ILE OXT  O N N 187 
ILE H    H N N 188 
ILE H2   H N N 189 
ILE HA   H N N 190 
ILE HB   H N N 191 
ILE HG12 H N N 192 
ILE HG13 H N N 193 
ILE HG21 H N N 194 
ILE HG22 H N N 195 
ILE HG23 H N N 196 
ILE HD11 H N N 197 
ILE HD12 H N N 198 
ILE HD13 H N N 199 
ILE HXT  H N N 200 
LEU N    N N N 201 
LEU CA   C N S 202 
LEU C    C N N 203 
LEU O    O N N 204 
LEU CB   C N N 205 
LEU CG   C N N 206 
LEU CD1  C N N 207 
LEU CD2  C N N 208 
LEU OXT  O N N 209 
LEU H    H N N 210 
LEU H2   H N N 211 
LEU HA   H N N 212 
LEU HB2  H N N 213 
LEU HB3  H N N 214 
LEU HG   H N N 215 
LEU HD11 H N N 216 
LEU HD12 H N N 217 
LEU HD13 H N N 218 
LEU HD21 H N N 219 
LEU HD22 H N N 220 
LEU HD23 H N N 221 
LEU HXT  H N N 222 
LYS N    N N N 223 
LYS CA   C N S 224 
LYS C    C N N 225 
LYS O    O N N 226 
LYS CB   C N N 227 
LYS CG   C N N 228 
LYS CD   C N N 229 
LYS CE   C N N 230 
LYS NZ   N N N 231 
LYS OXT  O N N 232 
LYS H    H N N 233 
LYS H2   H N N 234 
LYS HA   H N N 235 
LYS HB2  H N N 236 
LYS HB3  H N N 237 
LYS HG2  H N N 238 
LYS HG3  H N N 239 
LYS HD2  H N N 240 
LYS HD3  H N N 241 
LYS HE2  H N N 242 
LYS HE3  H N N 243 
LYS HZ1  H N N 244 
LYS HZ2  H N N 245 
LYS HZ3  H N N 246 
LYS HXT  H N N 247 
MET N    N N N 248 
MET CA   C N S 249 
MET C    C N N 250 
MET O    O N N 251 
MET CB   C N N 252 
MET CG   C N N 253 
MET SD   S N N 254 
MET CE   C N N 255 
MET OXT  O N N 256 
MET H    H N N 257 
MET H2   H N N 258 
MET HA   H N N 259 
MET HB2  H N N 260 
MET HB3  H N N 261 
MET HG2  H N N 262 
MET HG3  H N N 263 
MET HE1  H N N 264 
MET HE2  H N N 265 
MET HE3  H N N 266 
MET HXT  H N N 267 
PHE N    N N N 268 
PHE CA   C N S 269 
PHE C    C N N 270 
PHE O    O N N 271 
PHE CB   C N N 272 
PHE CG   C Y N 273 
PHE CD1  C Y N 274 
PHE CD2  C Y N 275 
PHE CE1  C Y N 276 
PHE CE2  C Y N 277 
PHE CZ   C Y N 278 
PHE OXT  O N N 279 
PHE H    H N N 280 
PHE H2   H N N 281 
PHE HA   H N N 282 
PHE HB2  H N N 283 
PHE HB3  H N N 284 
PHE HD1  H N N 285 
PHE HD2  H N N 286 
PHE HE1  H N N 287 
PHE HE2  H N N 288 
PHE HZ   H N N 289 
PHE HXT  H N N 290 
PO4 P    P N N 291 
PO4 O1   O N N 292 
PO4 O2   O N N 293 
PO4 O3   O N N 294 
PO4 O4   O N N 295 
PRO N    N N N 296 
PRO CA   C N S 297 
PRO C    C N N 298 
PRO O    O N N 299 
PRO CB   C N N 300 
PRO CG   C N N 301 
PRO CD   C N N 302 
PRO OXT  O N N 303 
PRO H    H N N 304 
PRO HA   H N N 305 
PRO HB2  H N N 306 
PRO HB3  H N N 307 
PRO HG2  H N N 308 
PRO HG3  H N N 309 
PRO HD2  H N N 310 
PRO HD3  H N N 311 
PRO HXT  H N N 312 
SER N    N N N 313 
SER CA   C N S 314 
SER C    C N N 315 
SER O    O N N 316 
SER CB   C N N 317 
SER OG   O N N 318 
SER OXT  O N N 319 
SER H    H N N 320 
SER H2   H N N 321 
SER HA   H N N 322 
SER HB2  H N N 323 
SER HB3  H N N 324 
SER HG   H N N 325 
SER HXT  H N N 326 
THR N    N N N 327 
THR CA   C N S 328 
THR C    C N N 329 
THR O    O N N 330 
THR CB   C N R 331 
THR OG1  O N N 332 
THR CG2  C N N 333 
THR OXT  O N N 334 
THR H    H N N 335 
THR H2   H N N 336 
THR HA   H N N 337 
THR HB   H N N 338 
THR HG1  H N N 339 
THR HG21 H N N 340 
THR HG22 H N N 341 
THR HG23 H N N 342 
THR HXT  H N N 343 
TRP N    N N N 344 
TRP CA   C N S 345 
TRP C    C N N 346 
TRP O    O N N 347 
TRP CB   C N N 348 
TRP CG   C Y N 349 
TRP CD1  C Y N 350 
TRP CD2  C Y N 351 
TRP NE1  N Y N 352 
TRP CE2  C Y N 353 
TRP CE3  C Y N 354 
TRP CZ2  C Y N 355 
TRP CZ3  C Y N 356 
TRP CH2  C Y N 357 
TRP OXT  O N N 358 
TRP H    H N N 359 
TRP H2   H N N 360 
TRP HA   H N N 361 
TRP HB2  H N N 362 
TRP HB3  H N N 363 
TRP HD1  H N N 364 
TRP HE1  H N N 365 
TRP HE3  H N N 366 
TRP HZ2  H N N 367 
TRP HZ3  H N N 368 
TRP HH2  H N N 369 
TRP HXT  H N N 370 
TYR N    N N N 371 
TYR CA   C N S 372 
TYR C    C N N 373 
TYR O    O N N 374 
TYR CB   C N N 375 
TYR CG   C Y N 376 
TYR CD1  C Y N 377 
TYR CD2  C Y N 378 
TYR CE1  C Y N 379 
TYR CE2  C Y N 380 
TYR CZ   C Y N 381 
TYR OH   O N N 382 
TYR OXT  O N N 383 
TYR H    H N N 384 
TYR H2   H N N 385 
TYR HA   H N N 386 
TYR HB2  H N N 387 
TYR HB3  H N N 388 
TYR HD1  H N N 389 
TYR HD2  H N N 390 
TYR HE1  H N N 391 
TYR HE2  H N N 392 
TYR HH   H N N 393 
TYR HXT  H N N 394 
VAL N    N N N 395 
VAL CA   C N S 396 
VAL C    C N N 397 
VAL O    O N N 398 
VAL CB   C N N 399 
VAL CG1  C N N 400 
VAL CG2  C N N 401 
VAL OXT  O N N 402 
VAL H    H N N 403 
VAL H2   H N N 404 
VAL HA   H N N 405 
VAL HB   H N N 406 
VAL HG11 H N N 407 
VAL HG12 H N N 408 
VAL HG13 H N N 409 
VAL HG21 H N N 410 
VAL HG22 H N N 411 
VAL HG23 H N N 412 
VAL HXT  H N N 413 
# 
loop_
_chem_comp_bond.comp_id 
_chem_comp_bond.atom_id_1 
_chem_comp_bond.atom_id_2 
_chem_comp_bond.value_order 
_chem_comp_bond.pdbx_aromatic_flag 
_chem_comp_bond.pdbx_stereo_config 
_chem_comp_bond.pdbx_ordinal 
259 CAA SAH  sing N N 1   
259 SAH CAI  sing N N 2   
259 CAI CAD  doub Y N 3   
259 CAI CAE  sing Y N 4   
259 CAD CAF  sing Y N 5   
259 CAF CAJ  doub Y N 6   
259 CAJ NAK  sing N N 7   
259 CAJ CAG  sing Y N 8   
259 NAK OAC  sing N N 9   
259 NAK OAB  doub N N 10  
259 CAG CAE  doub Y N 11  
259 CAA HAA1 sing N N 12  
259 CAA HAA2 sing N N 13  
259 CAA HAA3 sing N N 14  
259 CAD HAD  sing N N 15  
259 CAF HAF  sing N N 16  
259 CAG HAG  sing N N 17  
259 CAE HAE  sing N N 18  
ALA N   CA   sing N N 19  
ALA N   H    sing N N 20  
ALA N   H2   sing N N 21  
ALA CA  C    sing N N 22  
ALA CA  CB   sing N N 23  
ALA CA  HA   sing N N 24  
ALA C   O    doub N N 25  
ALA C   OXT  sing N N 26  
ALA CB  HB1  sing N N 27  
ALA CB  HB2  sing N N 28  
ALA CB  HB3  sing N N 29  
ALA OXT HXT  sing N N 30  
ARG N   CA   sing N N 31  
ARG N   H    sing N N 32  
ARG N   H2   sing N N 33  
ARG CA  C    sing N N 34  
ARG CA  CB   sing N N 35  
ARG CA  HA   sing N N 36  
ARG C   O    doub N N 37  
ARG C   OXT  sing N N 38  
ARG CB  CG   sing N N 39  
ARG CB  HB2  sing N N 40  
ARG CB  HB3  sing N N 41  
ARG CG  CD   sing N N 42  
ARG CG  HG2  sing N N 43  
ARG CG  HG3  sing N N 44  
ARG CD  NE   sing N N 45  
ARG CD  HD2  sing N N 46  
ARG CD  HD3  sing N N 47  
ARG NE  CZ   sing N N 48  
ARG NE  HE   sing N N 49  
ARG CZ  NH1  sing N N 50  
ARG CZ  NH2  doub N N 51  
ARG NH1 HH11 sing N N 52  
ARG NH1 HH12 sing N N 53  
ARG NH2 HH21 sing N N 54  
ARG NH2 HH22 sing N N 55  
ARG OXT HXT  sing N N 56  
ASN N   CA   sing N N 57  
ASN N   H    sing N N 58  
ASN N   H2   sing N N 59  
ASN CA  C    sing N N 60  
ASN CA  CB   sing N N 61  
ASN CA  HA   sing N N 62  
ASN C   O    doub N N 63  
ASN C   OXT  sing N N 64  
ASN CB  CG   sing N N 65  
ASN CB  HB2  sing N N 66  
ASN CB  HB3  sing N N 67  
ASN CG  OD1  doub N N 68  
ASN CG  ND2  sing N N 69  
ASN ND2 HD21 sing N N 70  
ASN ND2 HD22 sing N N 71  
ASN OXT HXT  sing N N 72  
ASP N   CA   sing N N 73  
ASP N   H    sing N N 74  
ASP N   H2   sing N N 75  
ASP CA  C    sing N N 76  
ASP CA  CB   sing N N 77  
ASP CA  HA   sing N N 78  
ASP C   O    doub N N 79  
ASP C   OXT  sing N N 80  
ASP CB  CG   sing N N 81  
ASP CB  HB2  sing N N 82  
ASP CB  HB3  sing N N 83  
ASP CG  OD1  doub N N 84  
ASP CG  OD2  sing N N 85  
ASP OD2 HD2  sing N N 86  
ASP OXT HXT  sing N N 87  
CYS N   CA   sing N N 88  
CYS N   H    sing N N 89  
CYS N   H2   sing N N 90  
CYS CA  C    sing N N 91  
CYS CA  CB   sing N N 92  
CYS CA  HA   sing N N 93  
CYS C   O    doub N N 94  
CYS C   OXT  sing N N 95  
CYS CB  SG   sing N N 96  
CYS CB  HB2  sing N N 97  
CYS CB  HB3  sing N N 98  
CYS SG  HG   sing N N 99  
CYS OXT HXT  sing N N 100 
GLN N   CA   sing N N 101 
GLN N   H    sing N N 102 
GLN N   H2   sing N N 103 
GLN CA  C    sing N N 104 
GLN CA  CB   sing N N 105 
GLN CA  HA   sing N N 106 
GLN C   O    doub N N 107 
GLN C   OXT  sing N N 108 
GLN CB  CG   sing N N 109 
GLN CB  HB2  sing N N 110 
GLN CB  HB3  sing N N 111 
GLN CG  CD   sing N N 112 
GLN CG  HG2  sing N N 113 
GLN CG  HG3  sing N N 114 
GLN CD  OE1  doub N N 115 
GLN CD  NE2  sing N N 116 
GLN NE2 HE21 sing N N 117 
GLN NE2 HE22 sing N N 118 
GLN OXT HXT  sing N N 119 
GLU N   CA   sing N N 120 
GLU N   H    sing N N 121 
GLU N   H2   sing N N 122 
GLU CA  C    sing N N 123 
GLU CA  CB   sing N N 124 
GLU CA  HA   sing N N 125 
GLU C   O    doub N N 126 
GLU C   OXT  sing N N 127 
GLU CB  CG   sing N N 128 
GLU CB  HB2  sing N N 129 
GLU CB  HB3  sing N N 130 
GLU CG  CD   sing N N 131 
GLU CG  HG2  sing N N 132 
GLU CG  HG3  sing N N 133 
GLU CD  OE1  doub N N 134 
GLU CD  OE2  sing N N 135 
GLU OE2 HE2  sing N N 136 
GLU OXT HXT  sing N N 137 
GLY N   CA   sing N N 138 
GLY N   H    sing N N 139 
GLY N   H2   sing N N 140 
GLY CA  C    sing N N 141 
GLY CA  HA2  sing N N 142 
GLY CA  HA3  sing N N 143 
GLY C   O    doub N N 144 
GLY C   OXT  sing N N 145 
GLY OXT HXT  sing N N 146 
HIS N   CA   sing N N 147 
HIS N   H    sing N N 148 
HIS N   H2   sing N N 149 
HIS CA  C    sing N N 150 
HIS CA  CB   sing N N 151 
HIS CA  HA   sing N N 152 
HIS C   O    doub N N 153 
HIS C   OXT  sing N N 154 
HIS CB  CG   sing N N 155 
HIS CB  HB2  sing N N 156 
HIS CB  HB3  sing N N 157 
HIS CG  ND1  sing Y N 158 
HIS CG  CD2  doub Y N 159 
HIS ND1 CE1  doub Y N 160 
HIS ND1 HD1  sing N N 161 
HIS CD2 NE2  sing Y N 162 
HIS CD2 HD2  sing N N 163 
HIS CE1 NE2  sing Y N 164 
HIS CE1 HE1  sing N N 165 
HIS NE2 HE2  sing N N 166 
HIS OXT HXT  sing N N 167 
HOH O   H1   sing N N 168 
HOH O   H2   sing N N 169 
ILE N   CA   sing N N 170 
ILE N   H    sing N N 171 
ILE N   H2   sing N N 172 
ILE CA  C    sing N N 173 
ILE CA  CB   sing N N 174 
ILE CA  HA   sing N N 175 
ILE C   O    doub N N 176 
ILE C   OXT  sing N N 177 
ILE CB  CG1  sing N N 178 
ILE CB  CG2  sing N N 179 
ILE CB  HB   sing N N 180 
ILE CG1 CD1  sing N N 181 
ILE CG1 HG12 sing N N 182 
ILE CG1 HG13 sing N N 183 
ILE CG2 HG21 sing N N 184 
ILE CG2 HG22 sing N N 185 
ILE CG2 HG23 sing N N 186 
ILE CD1 HD11 sing N N 187 
ILE CD1 HD12 sing N N 188 
ILE CD1 HD13 sing N N 189 
ILE OXT HXT  sing N N 190 
LEU N   CA   sing N N 191 
LEU N   H    sing N N 192 
LEU N   H2   sing N N 193 
LEU CA  C    sing N N 194 
LEU CA  CB   sing N N 195 
LEU CA  HA   sing N N 196 
LEU C   O    doub N N 197 
LEU C   OXT  sing N N 198 
LEU CB  CG   sing N N 199 
LEU CB  HB2  sing N N 200 
LEU CB  HB3  sing N N 201 
LEU CG  CD1  sing N N 202 
LEU CG  CD2  sing N N 203 
LEU CG  HG   sing N N 204 
LEU CD1 HD11 sing N N 205 
LEU CD1 HD12 sing N N 206 
LEU CD1 HD13 sing N N 207 
LEU CD2 HD21 sing N N 208 
LEU CD2 HD22 sing N N 209 
LEU CD2 HD23 sing N N 210 
LEU OXT HXT  sing N N 211 
LYS N   CA   sing N N 212 
LYS N   H    sing N N 213 
LYS N   H2   sing N N 214 
LYS CA  C    sing N N 215 
LYS CA  CB   sing N N 216 
LYS CA  HA   sing N N 217 
LYS C   O    doub N N 218 
LYS C   OXT  sing N N 219 
LYS CB  CG   sing N N 220 
LYS CB  HB2  sing N N 221 
LYS CB  HB3  sing N N 222 
LYS CG  CD   sing N N 223 
LYS CG  HG2  sing N N 224 
LYS CG  HG3  sing N N 225 
LYS CD  CE   sing N N 226 
LYS CD  HD2  sing N N 227 
LYS CD  HD3  sing N N 228 
LYS CE  NZ   sing N N 229 
LYS CE  HE2  sing N N 230 
LYS CE  HE3  sing N N 231 
LYS NZ  HZ1  sing N N 232 
LYS NZ  HZ2  sing N N 233 
LYS NZ  HZ3  sing N N 234 
LYS OXT HXT  sing N N 235 
MET N   CA   sing N N 236 
MET N   H    sing N N 237 
MET N   H2   sing N N 238 
MET CA  C    sing N N 239 
MET CA  CB   sing N N 240 
MET CA  HA   sing N N 241 
MET C   O    doub N N 242 
MET C   OXT  sing N N 243 
MET CB  CG   sing N N 244 
MET CB  HB2  sing N N 245 
MET CB  HB3  sing N N 246 
MET CG  SD   sing N N 247 
MET CG  HG2  sing N N 248 
MET CG  HG3  sing N N 249 
MET SD  CE   sing N N 250 
MET CE  HE1  sing N N 251 
MET CE  HE2  sing N N 252 
MET CE  HE3  sing N N 253 
MET OXT HXT  sing N N 254 
PHE N   CA   sing N N 255 
PHE N   H    sing N N 256 
PHE N   H2   sing N N 257 
PHE CA  C    sing N N 258 
PHE CA  CB   sing N N 259 
PHE CA  HA   sing N N 260 
PHE C   O    doub N N 261 
PHE C   OXT  sing N N 262 
PHE CB  CG   sing N N 263 
PHE CB  HB2  sing N N 264 
PHE CB  HB3  sing N N 265 
PHE CG  CD1  doub Y N 266 
PHE CG  CD2  sing Y N 267 
PHE CD1 CE1  sing Y N 268 
PHE CD1 HD1  sing N N 269 
PHE CD2 CE2  doub Y N 270 
PHE CD2 HD2  sing N N 271 
PHE CE1 CZ   doub Y N 272 
PHE CE1 HE1  sing N N 273 
PHE CE2 CZ   sing Y N 274 
PHE CE2 HE2  sing N N 275 
PHE CZ  HZ   sing N N 276 
PHE OXT HXT  sing N N 277 
PO4 P   O1   doub N N 278 
PO4 P   O2   sing N N 279 
PO4 P   O3   sing N N 280 
PO4 P   O4   sing N N 281 
PRO N   CA   sing N N 282 
PRO N   CD   sing N N 283 
PRO N   H    sing N N 284 
PRO CA  C    sing N N 285 
PRO CA  CB   sing N N 286 
PRO CA  HA   sing N N 287 
PRO C   O    doub N N 288 
PRO C   OXT  sing N N 289 
PRO CB  CG   sing N N 290 
PRO CB  HB2  sing N N 291 
PRO CB  HB3  sing N N 292 
PRO CG  CD   sing N N 293 
PRO CG  HG2  sing N N 294 
PRO CG  HG3  sing N N 295 
PRO CD  HD2  sing N N 296 
PRO CD  HD3  sing N N 297 
PRO OXT HXT  sing N N 298 
SER N   CA   sing N N 299 
SER N   H    sing N N 300 
SER N   H2   sing N N 301 
SER CA  C    sing N N 302 
SER CA  CB   sing N N 303 
SER CA  HA   sing N N 304 
SER C   O    doub N N 305 
SER C   OXT  sing N N 306 
SER CB  OG   sing N N 307 
SER CB  HB2  sing N N 308 
SER CB  HB3  sing N N 309 
SER OG  HG   sing N N 310 
SER OXT HXT  sing N N 311 
THR N   CA   sing N N 312 
THR N   H    sing N N 313 
THR N   H2   sing N N 314 
THR CA  C    sing N N 315 
THR CA  CB   sing N N 316 
THR CA  HA   sing N N 317 
THR C   O    doub N N 318 
THR C   OXT  sing N N 319 
THR CB  OG1  sing N N 320 
THR CB  CG2  sing N N 321 
THR CB  HB   sing N N 322 
THR OG1 HG1  sing N N 323 
THR CG2 HG21 sing N N 324 
THR CG2 HG22 sing N N 325 
THR CG2 HG23 sing N N 326 
THR OXT HXT  sing N N 327 
TRP N   CA   sing N N 328 
TRP N   H    sing N N 329 
TRP N   H2   sing N N 330 
TRP CA  C    sing N N 331 
TRP CA  CB   sing N N 332 
TRP CA  HA   sing N N 333 
TRP C   O    doub N N 334 
TRP C   OXT  sing N N 335 
TRP CB  CG   sing N N 336 
TRP CB  HB2  sing N N 337 
TRP CB  HB3  sing N N 338 
TRP CG  CD1  doub Y N 339 
TRP CG  CD2  sing Y N 340 
TRP CD1 NE1  sing Y N 341 
TRP CD1 HD1  sing N N 342 
TRP CD2 CE2  doub Y N 343 
TRP CD2 CE3  sing Y N 344 
TRP NE1 CE2  sing Y N 345 
TRP NE1 HE1  sing N N 346 
TRP CE2 CZ2  sing Y N 347 
TRP CE3 CZ3  doub Y N 348 
TRP CE3 HE3  sing N N 349 
TRP CZ2 CH2  doub Y N 350 
TRP CZ2 HZ2  sing N N 351 
TRP CZ3 CH2  sing Y N 352 
TRP CZ3 HZ3  sing N N 353 
TRP CH2 HH2  sing N N 354 
TRP OXT HXT  sing N N 355 
TYR N   CA   sing N N 356 
TYR N   H    sing N N 357 
TYR N   H2   sing N N 358 
TYR CA  C    sing N N 359 
TYR CA  CB   sing N N 360 
TYR CA  HA   sing N N 361 
TYR C   O    doub N N 362 
TYR C   OXT  sing N N 363 
TYR CB  CG   sing N N 364 
TYR CB  HB2  sing N N 365 
TYR CB  HB3  sing N N 366 
TYR CG  CD1  doub Y N 367 
TYR CG  CD2  sing Y N 368 
TYR CD1 CE1  sing Y N 369 
TYR CD1 HD1  sing N N 370 
TYR CD2 CE2  doub Y N 371 
TYR CD2 HD2  sing N N 372 
TYR CE1 CZ   doub Y N 373 
TYR CE1 HE1  sing N N 374 
TYR CE2 CZ   sing Y N 375 
TYR CE2 HE2  sing N N 376 
TYR CZ  OH   sing N N 377 
TYR OH  HH   sing N N 378 
TYR OXT HXT  sing N N 379 
VAL N   CA   sing N N 380 
VAL N   H    sing N N 381 
VAL N   H2   sing N N 382 
VAL CA  C    sing N N 383 
VAL CA  CB   sing N N 384 
VAL CA  HA   sing N N 385 
VAL C   O    doub N N 386 
VAL C   OXT  sing N N 387 
VAL CB  CG1  sing N N 388 
VAL CB  CG2  sing N N 389 
VAL CB  HB   sing N N 390 
VAL CG1 HG11 sing N N 391 
VAL CG1 HG12 sing N N 392 
VAL CG1 HG13 sing N N 393 
VAL CG2 HG21 sing N N 394 
VAL CG2 HG22 sing N N 395 
VAL CG2 HG23 sing N N 396 
VAL OXT HXT  sing N N 397 
# 
loop_
_pdbx_entity_nonpoly.entity_id 
_pdbx_entity_nonpoly.name 
_pdbx_entity_nonpoly.comp_id 
2 'PHOSPHATE ION'                     PO4 
3 '1-(methylsulfanyl)-4-nitrobenzene' 259 
4 water                               HOH 
# 
_pdbx_initial_refinement_model.id               1 
_pdbx_initial_refinement_model.entity_id_list   ? 
_pdbx_initial_refinement_model.type             'experimental model' 
_pdbx_initial_refinement_model.source_name      PDB 
_pdbx_initial_refinement_model.accession_code   184L 
_pdbx_initial_refinement_model.details          ? 
# 
